data_3KAD
# 
_entry.id   3KAD 
# 
_audit_conform.dict_name       mmcif_pdbx.dic 
_audit_conform.dict_version    5.380 
_audit_conform.dict_location   http://mmcif.pdb.org/dictionaries/ascii/mmcif_pdbx.dic 
# 
loop_
_database_2.database_id 
_database_2.database_code 
_database_2.pdbx_database_accession 
_database_2.pdbx_DOI 
PDB   3KAD         pdb_00003kad 10.2210/pdb3kad/pdb 
RCSB  RCSB055746   ?            ?                   
WWPDB D_1000055746 ?            ?                   
# 
loop_
_pdbx_database_related.db_name 
_pdbx_database_related.db_id 
_pdbx_database_related.details 
_pdbx_database_related.content_type 
PDB 3KAB . unspecified 
PDB 3KAC . unspecified 
PDB 3KAF . unspecified 
PDB 3KAG . unspecified 
PDB 3KAH . unspecified 
PDB 3KAI . unspecified 
# 
_pdbx_database_status.status_code                     REL 
_pdbx_database_status.entry_id                        3KAD 
_pdbx_database_status.recvd_initial_deposition_date   2009-10-19 
_pdbx_database_status.deposit_site                    RCSB 
_pdbx_database_status.process_site                    PDBJ 
_pdbx_database_status.status_code_sf                  REL 
_pdbx_database_status.status_code_mr                  ? 
_pdbx_database_status.SG_entry                        ? 
_pdbx_database_status.pdb_format_compatible           Y 
_pdbx_database_status.status_code_cs                  ? 
_pdbx_database_status.status_code_nmr_data            ? 
_pdbx_database_status.methods_development_category    ? 
# 
loop_
_audit_author.name 
_audit_author.pdbx_ordinal 
'Baker, L.M.'    1 
'Dokurno, P.'    2 
'Robinson, D.A.' 3 
'Surgenor, A.E.' 4 
'Murray, J.B.'   5 
'Potter, A.J.'   6 
'Moore, J.D.'    7 
# 
_citation.id                        primary 
_citation.title                     'Structure-guided design of alpha-amino acid-derived Pin1 inhibitors' 
_citation.journal_abbrev            Bioorg.Med.Chem.Lett. 
_citation.journal_volume            20 
_citation.page_first                586 
_citation.page_last                 590 
_citation.year                      2010 
_citation.journal_id_ASTM           BMCLE8 
_citation.country                   UK 
_citation.journal_id_ISSN           0960-894X 
_citation.journal_id_CSD            1127 
_citation.book_publisher            ? 
_citation.pdbx_database_id_PubMed   19969456 
_citation.pdbx_database_id_DOI      10.1016/j.bmcl.2009.11.090 
# 
loop_
_citation_author.citation_id 
_citation_author.name 
_citation_author.ordinal 
_citation_author.identifier_ORCID 
primary 'Potter, A.J.'     1  ? 
primary 'Ray, S.'          2  ? 
primary 'Gueritz, L.'      3  ? 
primary 'Nunns, C.L.'      4  ? 
primary 'Bryant, C.J.'     5  ? 
primary 'Scrace, S.F.'     6  ? 
primary 'Matassova, N.'    7  ? 
primary 'Baker, L.M.'      8  ? 
primary 'Dokurno, P.'      9  ? 
primary 'Robinson, D.A.'   10 ? 
primary 'Surgenor, A.E.'   11 ? 
primary 'Davis, B.'        12 ? 
primary 'Murray, J.B.'     13 ? 
primary 'Richardson, C.M.' 14 ? 
primary 'Moore, J.D.'      15 ? 
# 
_cell.entry_id           3KAD 
_cell.length_a           68.211 
_cell.length_b           68.211 
_cell.length_c           79.550 
_cell.angle_alpha        90.00 
_cell.angle_beta         90.00 
_cell.angle_gamma        120.00 
_cell.Z_PDB              6 
_cell.pdbx_unique_axis   ? 
_cell.length_a_esd       ? 
_cell.length_b_esd       ? 
_cell.length_c_esd       ? 
_cell.angle_alpha_esd    ? 
_cell.angle_beta_esd     ? 
_cell.angle_gamma_esd    ? 
# 
_symmetry.entry_id                         3KAD 
_symmetry.space_group_name_H-M             'P 31 2 1' 
_symmetry.pdbx_full_space_group_name_H-M   ? 
_symmetry.cell_setting                     ? 
_symmetry.Int_Tables_number                152 
_symmetry.space_group_name_Hall            ? 
# 
loop_
_entity.id 
_entity.type 
_entity.src_method 
_entity.pdbx_description 
_entity.formula_weight 
_entity.pdbx_number_of_molecules 
_entity.pdbx_ec 
_entity.pdbx_mutation 
_entity.pdbx_fragment 
_entity.details 
1 polymer     man 'Peptidyl-prolyl cis-trans isomerase NIMA-interacting 1'   18467.475 1   5.2.1.8 'R14A, Q131A' ? ? 
2 non-polymer syn '3-(1H-benzimidazol-2-yl)-N-(3-phenylpropanoyl)-D-alanine' 337.372   1   ?       ?             ? ? 
3 non-polymer syn 'DODECAETHYLENE GLYCOL'                                    546.646   1   ?       ?             ? ? 
4 water       nat water                                                      18.015    165 ?       ?             ? ? 
# 
_entity_name_com.entity_id   1 
_entity_name_com.name        'Rotamase Pin1, PPIase Pin1' 
# 
_entity_poly.entity_id                      1 
_entity_poly.type                           'polypeptide(L)' 
_entity_poly.nstd_linkage                   no 
_entity_poly.nstd_monomer                   no 
_entity_poly.pdbx_seq_one_letter_code       
;GSHGMADEEKLPPGWEKAMSRSSGRVYYFNHITNASQWERPSGNSSSGGKNGQGEPARVRCSHLLVKHSQSRRPSSWRQE
KITRTKEEALELINGYIQKIKSGEEDFESLASQFSDCSSAKARGDLGAFSRGQMAKPFEDASFALRTGEMSGPVFTDSGI
HIILRTE
;
_entity_poly.pdbx_seq_one_letter_code_can   
;GSHGMADEEKLPPGWEKAMSRSSGRVYYFNHITNASQWERPSGNSSSGGKNGQGEPARVRCSHLLVKHSQSRRPSSWRQE
KITRTKEEALELINGYIQKIKSGEEDFESLASQFSDCSSAKARGDLGAFSRGQMAKPFEDASFALRTGEMSGPVFTDSGI
HIILRTE
;
_entity_poly.pdbx_strand_id                 A 
_entity_poly.pdbx_target_identifier         ? 
# 
loop_
_entity_poly_seq.entity_id 
_entity_poly_seq.num 
_entity_poly_seq.mon_id 
_entity_poly_seq.hetero 
1 1   GLY n 
1 2   SER n 
1 3   HIS n 
1 4   GLY n 
1 5   MET n 
1 6   ALA n 
1 7   ASP n 
1 8   GLU n 
1 9   GLU n 
1 10  LYS n 
1 11  LEU n 
1 12  PRO n 
1 13  PRO n 
1 14  GLY n 
1 15  TRP n 
1 16  GLU n 
1 17  LYS n 
1 18  ALA n 
1 19  MET n 
1 20  SER n 
1 21  ARG n 
1 22  SER n 
1 23  SER n 
1 24  GLY n 
1 25  ARG n 
1 26  VAL n 
1 27  TYR n 
1 28  TYR n 
1 29  PHE n 
1 30  ASN n 
1 31  HIS n 
1 32  ILE n 
1 33  THR n 
1 34  ASN n 
1 35  ALA n 
1 36  SER n 
1 37  GLN n 
1 38  TRP n 
1 39  GLU n 
1 40  ARG n 
1 41  PRO n 
1 42  SER n 
1 43  GLY n 
1 44  ASN n 
1 45  SER n 
1 46  SER n 
1 47  SER n 
1 48  GLY n 
1 49  GLY n 
1 50  LYS n 
1 51  ASN n 
1 52  GLY n 
1 53  GLN n 
1 54  GLY n 
1 55  GLU n 
1 56  PRO n 
1 57  ALA n 
1 58  ARG n 
1 59  VAL n 
1 60  ARG n 
1 61  CYS n 
1 62  SER n 
1 63  HIS n 
1 64  LEU n 
1 65  LEU n 
1 66  VAL n 
1 67  LYS n 
1 68  HIS n 
1 69  SER n 
1 70  GLN n 
1 71  SER n 
1 72  ARG n 
1 73  ARG n 
1 74  PRO n 
1 75  SER n 
1 76  SER n 
1 77  TRP n 
1 78  ARG n 
1 79  GLN n 
1 80  GLU n 
1 81  LYS n 
1 82  ILE n 
1 83  THR n 
1 84  ARG n 
1 85  THR n 
1 86  LYS n 
1 87  GLU n 
1 88  GLU n 
1 89  ALA n 
1 90  LEU n 
1 91  GLU n 
1 92  LEU n 
1 93  ILE n 
1 94  ASN n 
1 95  GLY n 
1 96  TYR n 
1 97  ILE n 
1 98  GLN n 
1 99  LYS n 
1 100 ILE n 
1 101 LYS n 
1 102 SER n 
1 103 GLY n 
1 104 GLU n 
1 105 GLU n 
1 106 ASP n 
1 107 PHE n 
1 108 GLU n 
1 109 SER n 
1 110 LEU n 
1 111 ALA n 
1 112 SER n 
1 113 GLN n 
1 114 PHE n 
1 115 SER n 
1 116 ASP n 
1 117 CYS n 
1 118 SER n 
1 119 SER n 
1 120 ALA n 
1 121 LYS n 
1 122 ALA n 
1 123 ARG n 
1 124 GLY n 
1 125 ASP n 
1 126 LEU n 
1 127 GLY n 
1 128 ALA n 
1 129 PHE n 
1 130 SER n 
1 131 ARG n 
1 132 GLY n 
1 133 GLN n 
1 134 MET n 
1 135 ALA n 
1 136 LYS n 
1 137 PRO n 
1 138 PHE n 
1 139 GLU n 
1 140 ASP n 
1 141 ALA n 
1 142 SER n 
1 143 PHE n 
1 144 ALA n 
1 145 LEU n 
1 146 ARG n 
1 147 THR n 
1 148 GLY n 
1 149 GLU n 
1 150 MET n 
1 151 SER n 
1 152 GLY n 
1 153 PRO n 
1 154 VAL n 
1 155 PHE n 
1 156 THR n 
1 157 ASP n 
1 158 SER n 
1 159 GLY n 
1 160 ILE n 
1 161 HIS n 
1 162 ILE n 
1 163 ILE n 
1 164 LEU n 
1 165 ARG n 
1 166 THR n 
1 167 GLU n 
# 
_entity_src_gen.entity_id                          1 
_entity_src_gen.pdbx_src_id                        1 
_entity_src_gen.pdbx_alt_source_flag               sample 
_entity_src_gen.pdbx_seq_type                      ? 
_entity_src_gen.pdbx_beg_seq_num                   ? 
_entity_src_gen.pdbx_end_seq_num                   ? 
_entity_src_gen.gene_src_common_name               human 
_entity_src_gen.gene_src_genus                     ? 
_entity_src_gen.pdbx_gene_src_gene                 PIN1 
_entity_src_gen.gene_src_species                   ? 
_entity_src_gen.gene_src_strain                    ? 
_entity_src_gen.gene_src_tissue                    ? 
_entity_src_gen.gene_src_tissue_fraction           ? 
_entity_src_gen.gene_src_details                   ? 
_entity_src_gen.pdbx_gene_src_fragment             ? 
_entity_src_gen.pdbx_gene_src_scientific_name      'Homo sapiens' 
_entity_src_gen.pdbx_gene_src_ncbi_taxonomy_id     9606 
_entity_src_gen.pdbx_gene_src_variant              ? 
_entity_src_gen.pdbx_gene_src_cell_line            ? 
_entity_src_gen.pdbx_gene_src_atcc                 ? 
_entity_src_gen.pdbx_gene_src_organ                ? 
_entity_src_gen.pdbx_gene_src_organelle            ? 
_entity_src_gen.pdbx_gene_src_cell                 ? 
_entity_src_gen.pdbx_gene_src_cellular_location    ? 
_entity_src_gen.host_org_common_name               ? 
_entity_src_gen.pdbx_host_org_scientific_name      'Escherichia coli' 
_entity_src_gen.pdbx_host_org_ncbi_taxonomy_id     469008 
_entity_src_gen.host_org_genus                     ? 
_entity_src_gen.pdbx_host_org_gene                 ? 
_entity_src_gen.pdbx_host_org_organ                ? 
_entity_src_gen.host_org_species                   ? 
_entity_src_gen.pdbx_host_org_tissue               ? 
_entity_src_gen.pdbx_host_org_tissue_fraction      ? 
_entity_src_gen.pdbx_host_org_strain               'BL21 (DE3)' 
_entity_src_gen.pdbx_host_org_variant              ? 
_entity_src_gen.pdbx_host_org_cell_line            ? 
_entity_src_gen.pdbx_host_org_atcc                 ? 
_entity_src_gen.pdbx_host_org_culture_collection   ? 
_entity_src_gen.pdbx_host_org_cell                 ? 
_entity_src_gen.pdbx_host_org_organelle            ? 
_entity_src_gen.pdbx_host_org_cellular_location    ? 
_entity_src_gen.pdbx_host_org_vector_type          plasmid 
_entity_src_gen.pdbx_host_org_vector               ? 
_entity_src_gen.host_org_details                   ? 
_entity_src_gen.expression_system_id               ? 
_entity_src_gen.plasmid_name                       PET28A 
_entity_src_gen.plasmid_details                    ? 
_entity_src_gen.pdbx_description                   ? 
# 
_struct_ref.id                         1 
_struct_ref.db_name                    UNP 
_struct_ref.db_code                    PIN1_HUMAN 
_struct_ref.pdbx_db_accession          Q13526 
_struct_ref.entity_id                  1 
_struct_ref.pdbx_seq_one_letter_code   
;MADEEKLPPGWEKRMSRSSGRVYYFNHITNASQWERPSGNSSSGGKNGQGEPARVRCSHLLVKHSQSRRPSSWRQEKITR
TKEEALELINGYIQKIKSGEEDFESLASQFSDCSSAKARGDLGAFSRGQMQKPFEDASFALRTGEMSGPVFTDSGIHIIL
RTE
;
_struct_ref.pdbx_align_begin           1 
_struct_ref.pdbx_db_isoform            ? 
# 
_struct_ref_seq.align_id                      1 
_struct_ref_seq.ref_id                        1 
_struct_ref_seq.pdbx_PDB_id_code              3KAD 
_struct_ref_seq.pdbx_strand_id                A 
_struct_ref_seq.seq_align_beg                 5 
_struct_ref_seq.pdbx_seq_align_beg_ins_code   ? 
_struct_ref_seq.seq_align_end                 167 
_struct_ref_seq.pdbx_seq_align_end_ins_code   ? 
_struct_ref_seq.pdbx_db_accession             Q13526 
_struct_ref_seq.db_align_beg                  1 
_struct_ref_seq.pdbx_db_align_beg_ins_code    ? 
_struct_ref_seq.db_align_end                  163 
_struct_ref_seq.pdbx_db_align_end_ins_code    ? 
_struct_ref_seq.pdbx_auth_seq_align_beg       1 
_struct_ref_seq.pdbx_auth_seq_align_end       163 
# 
loop_
_struct_ref_seq_dif.align_id 
_struct_ref_seq_dif.pdbx_pdb_id_code 
_struct_ref_seq_dif.mon_id 
_struct_ref_seq_dif.pdbx_pdb_strand_id 
_struct_ref_seq_dif.seq_num 
_struct_ref_seq_dif.pdbx_pdb_ins_code 
_struct_ref_seq_dif.pdbx_seq_db_name 
_struct_ref_seq_dif.pdbx_seq_db_accession_code 
_struct_ref_seq_dif.db_mon_id 
_struct_ref_seq_dif.pdbx_seq_db_seq_num 
_struct_ref_seq_dif.details 
_struct_ref_seq_dif.pdbx_auth_seq_num 
_struct_ref_seq_dif.pdbx_ordinal 
1 3KAD GLY A 1   ? UNP Q13526 ?   ?   'expression tag'      -3  1 
1 3KAD SER A 2   ? UNP Q13526 ?   ?   'expression tag'      -2  2 
1 3KAD HIS A 3   ? UNP Q13526 ?   ?   'expression tag'      -1  3 
1 3KAD GLY A 4   ? UNP Q13526 ?   ?   'expression tag'      0   4 
1 3KAD ALA A 18  ? UNP Q13526 ARG 14  'engineered mutation' 14  5 
1 3KAD ALA A 135 ? UNP Q13526 GLN 131 'engineered mutation' 131 6 
# 
loop_
_chem_comp.id 
_chem_comp.type 
_chem_comp.mon_nstd_flag 
_chem_comp.name 
_chem_comp.pdbx_synonyms 
_chem_comp.formula 
_chem_comp.formula_weight 
12P non-polymer         . 'DODECAETHYLENE GLYCOL'                                    'POLYETHYLENE GLYCOL PEG400' 'C24 H50 O13'    
546.646 
4C0 non-polymer         . '3-(1H-benzimidazol-2-yl)-N-(3-phenylpropanoyl)-D-alanine' 
'(R)-3-(1H-Benzoimidazol-2-yl)-2-(3-phenyl-propionylamino)-propionic acid' 'C19 H19 N3 O3'  337.372 
ALA 'L-peptide linking' y ALANINE                                                    ? 'C3 H7 N O2'     89.093  
ARG 'L-peptide linking' y ARGININE                                                   ? 'C6 H15 N4 O2 1' 175.209 
ASN 'L-peptide linking' y ASPARAGINE                                                 ? 'C4 H8 N2 O3'    132.118 
ASP 'L-peptide linking' y 'ASPARTIC ACID'                                            ? 'C4 H7 N O4'     133.103 
CYS 'L-peptide linking' y CYSTEINE                                                   ? 'C3 H7 N O2 S'   121.158 
GLN 'L-peptide linking' y GLUTAMINE                                                  ? 'C5 H10 N2 O3'   146.144 
GLU 'L-peptide linking' y 'GLUTAMIC ACID'                                            ? 'C5 H9 N O4'     147.129 
GLY 'peptide linking'   y GLYCINE                                                    ? 'C2 H5 N O2'     75.067  
HIS 'L-peptide linking' y HISTIDINE                                                  ? 'C6 H10 N3 O2 1' 156.162 
HOH non-polymer         . WATER                                                      ? 'H2 O'           18.015  
ILE 'L-peptide linking' y ISOLEUCINE                                                 ? 'C6 H13 N O2'    131.173 
LEU 'L-peptide linking' y LEUCINE                                                    ? 'C6 H13 N O2'    131.173 
LYS 'L-peptide linking' y LYSINE                                                     ? 'C6 H15 N2 O2 1' 147.195 
MET 'L-peptide linking' y METHIONINE                                                 ? 'C5 H11 N O2 S'  149.211 
PHE 'L-peptide linking' y PHENYLALANINE                                              ? 'C9 H11 N O2'    165.189 
PRO 'L-peptide linking' y PROLINE                                                    ? 'C5 H9 N O2'     115.130 
SER 'L-peptide linking' y SERINE                                                     ? 'C3 H7 N O3'     105.093 
THR 'L-peptide linking' y THREONINE                                                  ? 'C4 H9 N O3'     119.119 
TRP 'L-peptide linking' y TRYPTOPHAN                                                 ? 'C11 H12 N2 O2'  204.225 
TYR 'L-peptide linking' y TYROSINE                                                   ? 'C9 H11 N O3'    181.189 
VAL 'L-peptide linking' y VALINE                                                     ? 'C5 H11 N O2'    117.146 
# 
_exptl.entry_id          3KAD 
_exptl.method            'X-RAY DIFFRACTION' 
_exptl.crystals_number   1 
# 
_exptl_crystal.id                    1 
_exptl_crystal.density_meas          ? 
_exptl_crystal.density_Matthews      2.89 
_exptl_crystal.density_percent_sol   57.48 
_exptl_crystal.description           ? 
_exptl_crystal.F_000                 ? 
_exptl_crystal.preparation           ? 
# 
_exptl_crystal_grow.crystal_id      1 
_exptl_crystal_grow.method          'VAPOR DIFFUSION, HANGING DROP' 
_exptl_crystal_grow.temp            277 
_exptl_crystal_grow.temp_details    ? 
_exptl_crystal_grow.pH              7.5 
_exptl_crystal_grow.pdbx_details    
'2.2M Ammonium sulphate, 0.1M HEPES buffer, 1% PEG 400, 5mM DTT, pH 7.5, VAPOR DIFFUSION, HANGING DROP, temperature 277K' 
_exptl_crystal_grow.pdbx_pH_range   . 
# 
_diffrn.id                     1 
_diffrn.ambient_temp           100 
_diffrn.ambient_temp_details   ? 
_diffrn.crystal_id             1 
# 
_diffrn_detector.diffrn_id              1 
_diffrn_detector.detector               'IMAGE PLATE' 
_diffrn_detector.type                   'RIGAKU RAXIS IV++' 
_diffrn_detector.pdbx_collection_date   2006-07-07 
_diffrn_detector.details                mirrors 
# 
_diffrn_radiation.diffrn_id                        1 
_diffrn_radiation.wavelength_id                    1 
_diffrn_radiation.pdbx_monochromatic_or_laue_m_l   M 
_diffrn_radiation.monochromator                    mirrors 
_diffrn_radiation.pdbx_diffrn_protocol             'SINGLE WAVELENGTH' 
_diffrn_radiation.pdbx_scattering_type             x-ray 
# 
_diffrn_radiation_wavelength.id           1 
_diffrn_radiation_wavelength.wavelength   1.5418 
_diffrn_radiation_wavelength.wt           1.0 
# 
_diffrn_source.diffrn_id                   1 
_diffrn_source.source                      'ROTATING ANODE' 
_diffrn_source.type                        'RIGAKU RUH3R' 
_diffrn_source.pdbx_synchrotron_site       ? 
_diffrn_source.pdbx_synchrotron_beamline   ? 
_diffrn_source.pdbx_wavelength             ? 
_diffrn_source.pdbx_wavelength_list        1.5418 
# 
_reflns.entry_id                     3KAD 
_reflns.observed_criterion_sigma_I   1.0 
_reflns.observed_criterion_sigma_F   1.0 
_reflns.d_resolution_low             59.07 
_reflns.d_resolution_high            1.90 
_reflns.number_obs                   16740 
_reflns.number_all                   16740 
_reflns.percent_possible_obs         96.7 
_reflns.pdbx_Rmerge_I_obs            0.057 
_reflns.pdbx_Rsym_value              ? 
_reflns.pdbx_netI_over_sigmaI        5.8 
_reflns.B_iso_Wilson_estimate        ? 
_reflns.pdbx_redundancy              2.1 
_reflns.R_free_details               ? 
_reflns.limit_h_max                  ? 
_reflns.limit_h_min                  ? 
_reflns.limit_k_max                  ? 
_reflns.limit_k_min                  ? 
_reflns.limit_l_max                  ? 
_reflns.limit_l_min                  ? 
_reflns.observed_criterion_F_max     ? 
_reflns.observed_criterion_F_min     ? 
_reflns.pdbx_chi_squared             ? 
_reflns.pdbx_scaling_rejects         ? 
_reflns.pdbx_diffrn_id               1 
_reflns.pdbx_ordinal                 1 
# 
_reflns_shell.d_res_high             1.90 
_reflns_shell.d_res_low              1.97 
_reflns_shell.percent_possible_all   92.0 
_reflns_shell.Rmerge_I_obs           0.323 
_reflns_shell.pdbx_Rsym_value        ? 
_reflns_shell.meanI_over_sigI_obs    1.9 
_reflns_shell.pdbx_redundancy        1.9 
_reflns_shell.percent_possible_obs   ? 
_reflns_shell.number_unique_all      939 
_reflns_shell.number_measured_all    ? 
_reflns_shell.number_measured_obs    ? 
_reflns_shell.number_unique_obs      ? 
_reflns_shell.pdbx_chi_squared       ? 
_reflns_shell.pdbx_diffrn_id         ? 
_reflns_shell.pdbx_ordinal           1 
# 
_refine.entry_id                                 3KAD 
_refine.ls_number_reflns_obs                     14798 
_refine.ls_number_reflns_all                     14798 
_refine.pdbx_ls_sigma_I                          ? 
_refine.pdbx_ls_sigma_F                          ? 
_refine.pdbx_data_cutoff_high_absF               ? 
_refine.pdbx_data_cutoff_low_absF                ? 
_refine.pdbx_data_cutoff_high_rms_absF           ? 
_refine.ls_d_res_low                             29.54 
_refine.ls_d_res_high                            1.95 
_refine.ls_percent_reflns_obs                    97.13 
_refine.ls_R_factor_obs                          0.19064 
_refine.ls_R_factor_all                          0.19064 
_refine.ls_R_factor_R_work                       0.18775 
_refine.ls_R_factor_R_free                       0.24829 
_refine.ls_R_factor_R_free_error                 ? 
_refine.ls_R_factor_R_free_error_details         ? 
_refine.ls_percent_reflns_R_free                 5.0 
_refine.ls_number_reflns_R_free                  785 
_refine.ls_number_parameters                     ? 
_refine.ls_number_restraints                     ? 
_refine.occupancy_min                            ? 
_refine.occupancy_max                            ? 
_refine.correlation_coeff_Fo_to_Fc               0.961 
_refine.correlation_coeff_Fo_to_Fc_free          0.927 
_refine.B_iso_mean                               29.024 
_refine.aniso_B[1][1]                            0.93 
_refine.aniso_B[2][2]                            0.93 
_refine.aniso_B[3][3]                            -1.40 
_refine.aniso_B[1][2]                            0.47 
_refine.aniso_B[1][3]                            0.00 
_refine.aniso_B[2][3]                            0.00 
_refine.solvent_model_details                    MASK 
_refine.solvent_model_param_ksol                 ? 
_refine.solvent_model_param_bsol                 ? 
_refine.pdbx_solvent_vdw_probe_radii             1.40 
_refine.pdbx_solvent_ion_probe_radii             0.80 
_refine.pdbx_solvent_shrinkage_radii             0.80 
_refine.pdbx_ls_cross_valid_method               THROUGHOUT 
_refine.details                                  'HYDROGENS HAVE BEEN ADDED IN THE RIDING POSITIONS' 
_refine.pdbx_starting_model                      'PDB ENTRY 1PIN' 
_refine.pdbx_method_to_determine_struct          'MOLECULAR REPLACEMENT' 
_refine.pdbx_isotropic_thermal_model             ? 
_refine.pdbx_stereochemistry_target_values       'MAXIMUM LIKELIHOOD' 
_refine.pdbx_stereochem_target_val_spec_case     ? 
_refine.pdbx_R_Free_selection_details            RANDOM 
_refine.pdbx_overall_ESU_R                       0.144 
_refine.pdbx_overall_ESU_R_Free                  0.151 
_refine.overall_SU_ML                            0.096 
_refine.overall_SU_B                             3.327 
_refine.ls_redundancy_reflns_obs                 ? 
_refine.B_iso_min                                ? 
_refine.B_iso_max                                ? 
_refine.overall_SU_R_Cruickshank_DPI             ? 
_refine.overall_SU_R_free                        ? 
_refine.ls_wR_factor_R_free                      ? 
_refine.ls_wR_factor_R_work                      ? 
_refine.overall_FOM_free_R_set                   ? 
_refine.overall_FOM_work_R_set                   ? 
_refine.pdbx_refine_id                           'X-RAY DIFFRACTION' 
_refine.pdbx_overall_phase_error                 ? 
_refine.pdbx_diffrn_id                           1 
_refine.pdbx_TLS_residual_ADP_flag               ? 
_refine.pdbx_overall_SU_R_free_Cruickshank_DPI   ? 
_refine.pdbx_overall_SU_R_Blow_DPI               ? 
_refine.pdbx_overall_SU_R_free_Blow_DPI          ? 
# 
_refine_hist.pdbx_refine_id                   'X-RAY DIFFRACTION' 
_refine_hist.cycle_id                         LAST 
_refine_hist.pdbx_number_atoms_protein        1153 
_refine_hist.pdbx_number_atoms_nucleic_acid   0 
_refine_hist.pdbx_number_atoms_ligand         49 
_refine_hist.number_atoms_solvent             165 
_refine_hist.number_atoms_total               1367 
_refine_hist.d_res_high                       1.95 
_refine_hist.d_res_low                        29.54 
# 
loop_
_refine_ls_restr.type 
_refine_ls_restr.dev_ideal 
_refine_ls_restr.dev_ideal_target 
_refine_ls_restr.weight 
_refine_ls_restr.number 
_refine_ls_restr.pdbx_refine_id 
_refine_ls_restr.pdbx_restraint_function 
r_bond_refined_d       0.025  0.021  ? 1229 'X-RAY DIFFRACTION' ? 
r_angle_refined_deg    2.028  1.982  ? 1644 'X-RAY DIFFRACTION' ? 
r_dihedral_angle_1_deg 7.447  5.000  ? 145  'X-RAY DIFFRACTION' ? 
r_dihedral_angle_2_deg 30.042 22.105 ? 57   'X-RAY DIFFRACTION' ? 
r_dihedral_angle_3_deg 13.391 15.000 ? 207  'X-RAY DIFFRACTION' ? 
r_dihedral_angle_4_deg 21.309 15.000 ? 14   'X-RAY DIFFRACTION' ? 
r_chiral_restr         0.145  0.200  ? 164  'X-RAY DIFFRACTION' ? 
r_gen_planes_refined   0.011  0.021  ? 934  'X-RAY DIFFRACTION' ? 
r_mcbond_it            1.316  1.500  ? 724  'X-RAY DIFFRACTION' ? 
r_mcangle_it           2.214  2.000  ? 1159 'X-RAY DIFFRACTION' ? 
r_scbond_it            3.694  3.000  ? 505  'X-RAY DIFFRACTION' ? 
r_scangle_it           5.664  4.500  ? 484  'X-RAY DIFFRACTION' ? 
# 
_refine_ls_shell.pdbx_total_number_of_bins_used   20 
_refine_ls_shell.d_res_high                       1.950 
_refine_ls_shell.d_res_low                        2.001 
_refine_ls_shell.number_reflns_R_work             1053 
_refine_ls_shell.R_factor_R_work                  0.307 
_refine_ls_shell.percent_reflns_obs               96.62 
_refine_ls_shell.R_factor_R_free                  0.370 
_refine_ls_shell.R_factor_R_free_error            ? 
_refine_ls_shell.percent_reflns_R_free            ? 
_refine_ls_shell.number_reflns_R_free             63 
_refine_ls_shell.number_reflns_all                ? 
_refine_ls_shell.R_factor_all                     ? 
_refine_ls_shell.number_reflns_obs                1116 
_refine_ls_shell.redundancy_reflns_obs            ? 
_refine_ls_shell.pdbx_refine_id                   'X-RAY DIFFRACTION' 
# 
_struct.entry_id                  3KAD 
_struct.title                     'Structure-guided design of alpha-amino acid-derived Pin1 inhibitors' 
_struct.pdbx_model_details        ? 
_struct.pdbx_CASP_flag            ? 
_struct.pdbx_model_type_details   ? 
# 
_struct_keywords.entry_id        3KAD 
_struct_keywords.pdbx_keywords   ISOMERASE 
_struct_keywords.text            
;SBDD, PPIASE, ISOMERASE, ROTAMASE, SMALL MOLECULE, Proline directed kinase, cell cycle, Oncogenic transformation, Nucleus, Phosphoprotein
;
# 
loop_
_struct_asym.id 
_struct_asym.pdbx_blank_PDB_chainid_flag 
_struct_asym.pdbx_modified 
_struct_asym.entity_id 
_struct_asym.details 
A N N 1 ? 
B N N 2 ? 
C N N 3 ? 
D N N 4 ? 
# 
_struct_biol.id        1 
_struct_biol.details   ? 
# 
loop_
_struct_conf.conf_type_id 
_struct_conf.id 
_struct_conf.pdbx_PDB_helix_id 
_struct_conf.beg_label_comp_id 
_struct_conf.beg_label_asym_id 
_struct_conf.beg_label_seq_id 
_struct_conf.pdbx_beg_PDB_ins_code 
_struct_conf.end_label_comp_id 
_struct_conf.end_label_asym_id 
_struct_conf.end_label_seq_id 
_struct_conf.pdbx_end_PDB_ins_code 
_struct_conf.beg_auth_comp_id 
_struct_conf.beg_auth_asym_id 
_struct_conf.beg_auth_seq_id 
_struct_conf.end_auth_comp_id 
_struct_conf.end_auth_asym_id 
_struct_conf.end_auth_seq_id 
_struct_conf.pdbx_PDB_helix_class 
_struct_conf.details 
_struct_conf.pdbx_PDB_helix_length 
HELX_P HELX_P1 1 THR A 85  ? SER A 102 ? THR A 81  SER A 98  1 ? 18 
HELX_P HELX_P2 2 ASP A 106 ? SER A 115 ? ASP A 102 SER A 111 1 ? 10 
HELX_P HELX_P3 3 CYS A 117 ? ARG A 123 ? CYS A 113 ARG A 119 5 ? 7  
HELX_P HELX_P4 4 ALA A 135 ? LEU A 145 ? ALA A 131 LEU A 141 1 ? 11 
# 
_struct_conf_type.id          HELX_P 
_struct_conf_type.criteria    ? 
_struct_conf_type.reference   ? 
# 
loop_
_struct_sheet.id 
_struct_sheet.type 
_struct_sheet.number_strands 
_struct_sheet.details 
A ? 3 ? 
B ? 4 ? 
# 
loop_
_struct_sheet_order.sheet_id 
_struct_sheet_order.range_id_1 
_struct_sheet_order.range_id_2 
_struct_sheet_order.offset 
_struct_sheet_order.sense 
A 1 2 ? anti-parallel 
A 2 3 ? anti-parallel 
B 1 2 ? anti-parallel 
B 2 3 ? anti-parallel 
B 3 4 ? anti-parallel 
# 
loop_
_struct_sheet_range.sheet_id 
_struct_sheet_range.id 
_struct_sheet_range.beg_label_comp_id 
_struct_sheet_range.beg_label_asym_id 
_struct_sheet_range.beg_label_seq_id 
_struct_sheet_range.pdbx_beg_PDB_ins_code 
_struct_sheet_range.end_label_comp_id 
_struct_sheet_range.end_label_asym_id 
_struct_sheet_range.end_label_seq_id 
_struct_sheet_range.pdbx_end_PDB_ins_code 
_struct_sheet_range.beg_auth_comp_id 
_struct_sheet_range.beg_auth_asym_id 
_struct_sheet_range.beg_auth_seq_id 
_struct_sheet_range.end_auth_comp_id 
_struct_sheet_range.end_auth_asym_id 
_struct_sheet_range.end_auth_seq_id 
A 1 TRP A 15  ? MET A 19  ? TRP A 11  MET A 15  
A 2 VAL A 26  ? ASN A 30  ? VAL A 22  ASN A 26  
A 3 SER A 36  ? GLN A 37  ? SER A 32  GLN A 33  
B 1 ASP A 125 ? SER A 130 ? ASP A 121 SER A 126 
B 2 ARG A 58  ? VAL A 66  ? ARG A 54  VAL A 62  
B 3 GLY A 159 ? GLU A 167 ? GLY A 155 GLU A 163 
B 4 VAL A 154 ? THR A 156 ? VAL A 150 THR A 152 
# 
loop_
_pdbx_struct_sheet_hbond.sheet_id 
_pdbx_struct_sheet_hbond.range_id_1 
_pdbx_struct_sheet_hbond.range_id_2 
_pdbx_struct_sheet_hbond.range_1_label_atom_id 
_pdbx_struct_sheet_hbond.range_1_label_comp_id 
_pdbx_struct_sheet_hbond.range_1_label_asym_id 
_pdbx_struct_sheet_hbond.range_1_label_seq_id 
_pdbx_struct_sheet_hbond.range_1_PDB_ins_code 
_pdbx_struct_sheet_hbond.range_1_auth_atom_id 
_pdbx_struct_sheet_hbond.range_1_auth_comp_id 
_pdbx_struct_sheet_hbond.range_1_auth_asym_id 
_pdbx_struct_sheet_hbond.range_1_auth_seq_id 
_pdbx_struct_sheet_hbond.range_2_label_atom_id 
_pdbx_struct_sheet_hbond.range_2_label_comp_id 
_pdbx_struct_sheet_hbond.range_2_label_asym_id 
_pdbx_struct_sheet_hbond.range_2_label_seq_id 
_pdbx_struct_sheet_hbond.range_2_PDB_ins_code 
_pdbx_struct_sheet_hbond.range_2_auth_atom_id 
_pdbx_struct_sheet_hbond.range_2_auth_comp_id 
_pdbx_struct_sheet_hbond.range_2_auth_asym_id 
_pdbx_struct_sheet_hbond.range_2_auth_seq_id 
A 1 2 N GLU A 16  ? N GLU A 12  O PHE A 29  ? O PHE A 25  
A 2 3 N TYR A 28  ? N TYR A 24  O GLN A 37  ? O GLN A 33  
B 1 2 O PHE A 129 ? O PHE A 125 N VAL A 59  ? N VAL A 55  
B 2 3 N SER A 62  ? N SER A 58  O LEU A 164 ? O LEU A 160 
B 3 4 O HIS A 161 ? O HIS A 157 N VAL A 154 ? N VAL A 150 
# 
loop_
_struct_site.id 
_struct_site.pdbx_evidence_code 
_struct_site.pdbx_auth_asym_id 
_struct_site.pdbx_auth_comp_id 
_struct_site.pdbx_auth_seq_id 
_struct_site.pdbx_auth_ins_code 
_struct_site.pdbx_num_residues 
_struct_site.details 
AC1 Software A 4C0 164 ? 13 'BINDING SITE FOR RESIDUE 4C0 A 164' 
AC2 Software A 12P 165 ? 16 'BINDING SITE FOR RESIDUE 12P A 165' 
# 
loop_
_struct_site_gen.id 
_struct_site_gen.site_id 
_struct_site_gen.pdbx_num_res 
_struct_site_gen.label_comp_id 
_struct_site_gen.label_asym_id 
_struct_site_gen.label_seq_id 
_struct_site_gen.pdbx_auth_ins_code 
_struct_site_gen.auth_comp_id 
_struct_site_gen.auth_asym_id 
_struct_site_gen.auth_seq_id 
_struct_site_gen.label_atom_id 
_struct_site_gen.label_alt_id 
_struct_site_gen.symmetry 
_struct_site_gen.details 
1  AC1 13 HIS A 63  ? HIS A 59  . ? 1_555 ? 
2  AC1 13 LEU A 65  ? LEU A 61  . ? 1_555 ? 
3  AC1 13 LYS A 67  ? LYS A 63  . ? 1_555 ? 
4  AC1 13 ARG A 73  ? ARG A 69  . ? 1_555 ? 
5  AC1 13 CYS A 117 ? CYS A 113 . ? 1_555 ? 
6  AC1 13 SER A 118 ? SER A 114 . ? 1_555 ? 
7  AC1 13 SER A 119 ? SER A 115 . ? 1_555 ? 
8  AC1 13 LEU A 126 ? LEU A 122 . ? 1_555 ? 
9  AC1 13 SER A 158 ? SER A 154 . ? 1_555 ? 
10 AC1 13 HOH D .   ? HOH A 259 . ? 1_555 ? 
11 AC1 13 HOH D .   ? HOH A 271 . ? 1_555 ? 
12 AC1 13 HOH D .   ? HOH A 282 . ? 1_555 ? 
13 AC1 13 HOH D .   ? HOH A 320 . ? 1_555 ? 
14 AC2 16 TYR A 27  ? TYR A 23  . ? 1_555 ? 
15 AC2 16 ASN A 34  ? ASN A 30  . ? 1_555 ? 
16 AC2 16 ALA A 35  ? ALA A 31  . ? 1_555 ? 
17 AC2 16 SER A 36  ? SER A 32  . ? 1_555 ? 
18 AC2 16 GLN A 37  ? GLN A 33  . ? 1_555 ? 
19 AC2 16 TRP A 38  ? TRP A 34  . ? 1_555 ? 
20 AC2 16 ILE A 97  ? ILE A 93  . ? 1_555 ? 
21 AC2 16 LYS A 101 ? LYS A 97  . ? 1_555 ? 
22 AC2 16 LYS A 101 ? LYS A 97  . ? 4_645 ? 
23 AC2 16 SER A 102 ? SER A 98  . ? 4_645 ? 
24 AC2 16 MET A 150 ? MET A 146 . ? 1_555 ? 
25 AC2 16 SER A 151 ? SER A 147 . ? 1_555 ? 
26 AC2 16 HOH D .   ? HOH A 169 . ? 1_555 ? 
27 AC2 16 HOH D .   ? HOH A 185 . ? 1_555 ? 
28 AC2 16 HOH D .   ? HOH A 242 . ? 1_555 ? 
29 AC2 16 HOH D .   ? HOH A 325 . ? 1_555 ? 
# 
_atom_sites.entry_id                    3KAD 
_atom_sites.fract_transf_matrix[1][1]   0.01647835 
_atom_sites.fract_transf_matrix[1][2]   -0.00233829 
_atom_sites.fract_transf_matrix[1][3]   0.00309053 
_atom_sites.fract_transf_matrix[2][1]   0.00932569 
_atom_sites.fract_transf_matrix[2][2]   0.01267956 
_atom_sites.fract_transf_matrix[2][3]   0.00623037 
_atom_sites.fract_transf_matrix[3][1]   -0.00272301 
_atom_sites.fract_transf_matrix[3][2]   -0.00374068 
_atom_sites.fract_transf_matrix[3][3]   0.01168857 
_atom_sites.fract_transf_vector[1]      0.392591 
_atom_sites.fract_transf_vector[2]      -0.365295 
_atom_sites.fract_transf_vector[3]      0.015797 
# 
loop_
_atom_type.symbol 
C 
N 
O 
S 
# 
loop_
_atom_site.group_PDB 
_atom_site.id 
_atom_site.type_symbol 
_atom_site.label_atom_id 
_atom_site.label_alt_id 
_atom_site.label_comp_id 
_atom_site.label_asym_id 
_atom_site.label_entity_id 
_atom_site.label_seq_id 
_atom_site.pdbx_PDB_ins_code 
_atom_site.Cartn_x 
_atom_site.Cartn_y 
_atom_site.Cartn_z 
_atom_site.occupancy 
_atom_site.B_iso_or_equiv 
_atom_site.pdbx_formal_charge 
_atom_site.auth_seq_id 
_atom_site.auth_comp_id 
_atom_site.auth_asym_id 
_atom_site.auth_atom_id 
_atom_site.pdbx_PDB_model_num 
ATOM   1    N N   . LEU A 1 11  ? 18.481  -5.440  11.117  1.00 31.19 ? 7   LEU A N   1 
ATOM   2    C CA  . LEU A 1 11  ? 17.362  -5.296  10.091  1.00 31.63 ? 7   LEU A CA  1 
ATOM   3    C C   . LEU A 1 11  ? 17.008  -3.852  9.913   1.00 31.44 ? 7   LEU A C   1 
ATOM   4    O O   . LEU A 1 11  ? 17.119  -3.091  10.859  1.00 32.33 ? 7   LEU A O   1 
ATOM   5    C CB  . LEU A 1 11  ? 16.096  -6.094  10.509  1.00 31.75 ? 7   LEU A CB  1 
ATOM   6    C CG  . LEU A 1 11  ? 16.308  -7.600  10.640  1.00 32.62 ? 7   LEU A CG  1 
ATOM   7    C CD1 . LEU A 1 11  ? 15.114  -8.277  11.349  1.00 35.08 ? 7   LEU A CD1 1 
ATOM   8    C CD2 . LEU A 1 11  ? 16.540  -8.196  9.255   1.00 34.87 ? 7   LEU A CD2 1 
ATOM   9    N N   . PRO A 1 12  ? 16.549  -3.448  8.711   1.00 31.75 ? 8   PRO A N   1 
ATOM   10   C CA  . PRO A 1 12  ? 16.272  -1.985  8.494   1.00 30.40 ? 8   PRO A CA  1 
ATOM   11   C C   . PRO A 1 12  ? 15.028  -1.498  9.317   1.00 30.36 ? 8   PRO A C   1 
ATOM   12   O O   . PRO A 1 12  ? 14.275  -2.362  9.861   1.00 29.10 ? 8   PRO A O   1 
ATOM   13   C CB  . PRO A 1 12  ? 16.020  -1.924  6.978   1.00 30.92 ? 8   PRO A CB  1 
ATOM   14   C CG  . PRO A 1 12  ? 16.809  -3.150  6.435   1.00 31.79 ? 8   PRO A CG  1 
ATOM   15   C CD  . PRO A 1 12  ? 16.411  -4.230  7.469   1.00 30.08 ? 8   PRO A CD  1 
ATOM   16   N N   . PRO A 1 13  ? 14.774  -0.150  9.418   1.00 29.33 ? 9   PRO A N   1 
ATOM   17   C CA  . PRO A 1 13  ? 13.599  0.366   10.237  1.00 29.05 ? 9   PRO A CA  1 
ATOM   18   C C   . PRO A 1 13  ? 12.210  -0.350  10.025  1.00 28.50 ? 9   PRO A C   1 
ATOM   19   O O   . PRO A 1 13  ? 11.738  -0.529  8.874   1.00 27.71 ? 9   PRO A O   1 
ATOM   20   C CB  . PRO A 1 13  ? 13.465  1.853   9.769   1.00 28.35 ? 9   PRO A CB  1 
ATOM   21   C CG  . PRO A 1 13  ? 14.954  2.206   9.400   1.00 31.35 ? 9   PRO A CG  1 
ATOM   22   C CD  . PRO A 1 13  ? 15.519  0.951   8.772   1.00 29.48 ? 9   PRO A CD  1 
ATOM   23   N N   . GLY A 1 14  ? 11.547  -0.757  11.113  1.00 27.16 ? 10  GLY A N   1 
ATOM   24   C CA  . GLY A 1 14  ? 10.222  -1.320  10.983  1.00 25.53 ? 10  GLY A CA  1 
ATOM   25   C C   . GLY A 1 14  ? 10.197  -2.824  10.912  1.00 26.21 ? 10  GLY A C   1 
ATOM   26   O O   . GLY A 1 14  ? 9.174   -3.455  11.212  1.00 23.82 ? 10  GLY A O   1 
ATOM   27   N N   . TRP A 1 15  ? 11.336  -3.410  10.529  1.00 27.16 ? 11  TRP A N   1 
ATOM   28   C CA  . TRP A 1 15  ? 11.383  -4.857  10.193  1.00 27.80 ? 11  TRP A CA  1 
ATOM   29   C C   . TRP A 1 15  ? 11.669  -5.684  11.445  1.00 28.56 ? 11  TRP A C   1 
ATOM   30   O O   . TRP A 1 15  ? 12.581  -5.321  12.247  1.00 27.74 ? 11  TRP A O   1 
ATOM   31   C CB  . TRP A 1 15  ? 12.509  -5.139  9.178   1.00 25.76 ? 11  TRP A CB  1 
ATOM   32   C CG  . TRP A 1 15  ? 12.155  -4.764  7.785   1.00 24.81 ? 11  TRP A CG  1 
ATOM   33   C CD1 . TRP A 1 15  ? 12.581  -3.659  7.100   1.00 27.19 ? 11  TRP A CD1 1 
ATOM   34   C CD2 . TRP A 1 15  ? 11.326  -5.513  6.872   1.00 24.22 ? 11  TRP A CD2 1 
ATOM   35   N NE1 . TRP A 1 15  ? 12.072  -3.669  5.809   1.00 21.84 ? 11  TRP A NE1 1 
ATOM   36   C CE2 . TRP A 1 15  ? 11.296  -4.790  5.652   1.00 21.61 ? 11  TRP A CE2 1 
ATOM   37   C CE3 . TRP A 1 15  ? 10.603  -6.749  6.962   1.00 19.56 ? 11  TRP A CE3 1 
ATOM   38   C CZ2 . TRP A 1 15  ? 10.555  -5.235  4.525   1.00 20.53 ? 11  TRP A CZ2 1 
ATOM   39   C CZ3 . TRP A 1 15  ? 9.853   -7.180  5.862   1.00 19.75 ? 11  TRP A CZ3 1 
ATOM   40   C CH2 . TRP A 1 15  ? 9.868   -6.431  4.630   1.00 17.04 ? 11  TRP A CH2 1 
ATOM   41   N N   . GLU A 1 16  ? 10.951  -6.802  11.565  1.00 29.14 ? 12  GLU A N   1 
ATOM   42   C CA  . GLU A 1 16  ? 11.162  -7.756  12.643  1.00 29.56 ? 12  GLU A CA  1 
ATOM   43   C C   . GLU A 1 16  ? 11.168  -9.165  12.041  1.00 31.64 ? 12  GLU A C   1 
ATOM   44   O O   . GLU A 1 16  ? 10.484  -9.437  11.014  1.00 29.72 ? 12  GLU A O   1 
ATOM   45   C CB  . GLU A 1 16  ? 9.978   -7.696  13.642  1.00 29.45 ? 12  GLU A CB  1 
ATOM   46   C CG  . GLU A 1 16  ? 9.584   -6.328  14.164  1.00 35.80 ? 12  GLU A CG  1 
ATOM   47   C CD  . GLU A 1 16  ? 10.568  -5.703  15.178  1.00 48.15 ? 12  GLU A CD  1 
ATOM   48   O OE1 . GLU A 1 16  ? 10.506  -4.454  15.352  1.00 53.36 ? 12  GLU A OE1 1 
ATOM   49   O OE2 . GLU A 1 16  ? 11.398  -6.446  15.803  1.00 51.84 ? 12  GLU A OE2 1 
ATOM   50   N N   . LYS A 1 17  ? 11.926  -10.062 12.684  1.00 32.10 ? 13  LYS A N   1 
ATOM   51   C CA  . LYS A 1 17  ? 11.920  -11.470 12.378  1.00 32.97 ? 13  LYS A CA  1 
ATOM   52   C C   . LYS A 1 17  ? 10.791  -12.108 13.170  1.00 33.06 ? 13  LYS A C   1 
ATOM   53   O O   . LYS A 1 17  ? 10.487  -11.695 14.294  1.00 33.72 ? 13  LYS A O   1 
ATOM   54   C CB  . LYS A 1 17  ? 13.283  -12.067 12.763  1.00 34.58 ? 13  LYS A CB  1 
ATOM   55   C CG  . LYS A 1 17  ? 13.510  -13.464 12.223  1.00 38.64 ? 13  LYS A CG  1 
ATOM   56   C CD  . LYS A 1 17  ? 14.907  -13.944 12.655  1.00 46.23 ? 13  LYS A CD  1 
ATOM   57   C CE  . LYS A 1 17  ? 15.368  -15.147 11.831  1.00 49.92 ? 13  LYS A CE  1 
ATOM   58   N NZ  . LYS A 1 17  ? 16.748  -15.642 12.317  1.00 53.19 ? 13  LYS A NZ  1 
ATOM   59   N N   . ALA A 1 18  ? 10.125  -13.091 12.591  1.00 33.53 ? 14  ALA A N   1 
ATOM   60   C CA  . ALA A 1 18  ? 9.060   -13.774 13.264  1.00 32.18 ? 14  ALA A CA  1 
ATOM   61   C C   . ALA A 1 18  ? 9.022   -15.235 12.865  1.00 33.97 ? 14  ALA A C   1 
ATOM   62   O O   . ALA A 1 18  ? 9.704   -15.718 11.923  1.00 32.54 ? 14  ALA A O   1 
ATOM   63   C CB  . ALA A 1 18  ? 7.739   -13.120 12.955  1.00 34.70 ? 14  ALA A CB  1 
ATOM   64   N N   . MET A 1 19  ? 8.178   -15.950 13.570  1.00 33.90 ? 15  MET A N   1 
ATOM   65   C CA  . MET A 1 19  ? 8.072   -17.350 13.335  1.00 35.25 ? 15  MET A CA  1 
ATOM   66   C C   . MET A 1 19  ? 6.783   -17.639 12.591  1.00 34.09 ? 15  MET A C   1 
ATOM   67   O O   . MET A 1 19  ? 5.711   -17.240 13.038  1.00 33.28 ? 15  MET A O   1 
ATOM   68   C CB  . MET A 1 19  ? 8.026   -18.045 14.697  1.00 37.81 ? 15  MET A CB  1 
ATOM   69   C CG  . MET A 1 19  ? 7.645   -19.500 14.591  1.00 41.46 ? 15  MET A CG  1 
ATOM   70   S SD  . MET A 1 19  ? 8.802   -20.293 13.496  1.00 51.73 ? 15  MET A SD  1 
ATOM   71   C CE  . MET A 1 19  ? 10.363  -20.346 14.405  1.00 46.50 ? 15  MET A CE  1 
ATOM   72   N N   . SER A 1 20  ? 6.868   -18.328 11.463  1.00 32.19 ? 16  SER A N   1 
ATOM   73   C CA  . SER A 1 20  ? 5.631   -18.664 10.780  1.00 33.98 ? 16  SER A CA  1 
ATOM   74   C C   . SER A 1 20  ? 4.845   -19.803 11.520  1.00 34.65 ? 16  SER A C   1 
ATOM   75   O O   . SER A 1 20  ? 5.444   -20.809 11.877  1.00 34.82 ? 16  SER A O   1 
ATOM   76   C CB  . SER A 1 20  ? 5.988   -19.091 9.360   1.00 32.37 ? 16  SER A CB  1 
ATOM   77   O OG  . SER A 1 20  ? 5.089   -20.064 8.912   1.00 36.99 ? 16  SER A OG  1 
ATOM   78   N N   . ARG A 1 21  ? 3.532   -19.673 11.690  1.00 35.52 ? 17  ARG A N   1 
ATOM   79   C CA  . ARG A 1 21  ? 2.794   -20.590 12.579  1.00 37.89 ? 17  ARG A CA  1 
ATOM   80   C C   . ARG A 1 21  ? 2.469   -21.850 11.791  1.00 39.22 ? 17  ARG A C   1 
ATOM   81   O O   . ARG A 1 21  ? 2.358   -22.958 12.356  1.00 40.46 ? 17  ARG A O   1 
ATOM   82   C CB  . ARG A 1 21  ? 1.507   -19.971 13.143  1.00 36.80 ? 17  ARG A CB  1 
ATOM   83   C CG  . ARG A 1 21  ? 0.371   -19.756 12.161  1.00 39.45 ? 17  ARG A CG  1 
ATOM   84   C CD  . ARG A 1 21  ? -0.796  -19.151 12.932  1.00 46.05 ? 17  ARG A CD  1 
ATOM   85   N NE  . ARG A 1 21  ? -0.205  -18.074 13.710  1.00 49.98 ? 17  ARG A NE  1 
ATOM   86   C CZ  . ARG A 1 21  ? -0.798  -17.275 14.592  1.00 49.70 ? 17  ARG A CZ  1 
ATOM   87   N NH1 . ARG A 1 21  ? -2.098  -17.380 14.897  1.00 45.37 ? 17  ARG A NH1 1 
ATOM   88   N NH2 . ARG A 1 21  ? -0.032  -16.338 15.159  1.00 48.00 ? 17  ARG A NH2 1 
ATOM   89   N N   . SER A 1 22  ? 2.351   -21.665 10.477  1.00 39.42 ? 18  SER A N   1 
ATOM   90   C CA  . SER A 1 22  ? 2.085   -22.775 9.603   1.00 39.18 ? 18  SER A CA  1 
ATOM   91   C C   . SER A 1 22  ? 3.256   -23.769 9.358   1.00 39.66 ? 18  SER A C   1 
ATOM   92   O O   . SER A 1 22  ? 3.058   -25.006 9.539   1.00 39.91 ? 18  SER A O   1 
ATOM   93   C CB  . SER A 1 22  ? 1.532   -22.261 8.288   1.00 40.35 ? 18  SER A CB  1 
ATOM   94   O OG  . SER A 1 22  ? 0.729   -23.283 7.769   1.00 41.71 ? 18  SER A OG  1 
ATOM   95   N N   . SER A 1 23  ? 4.428   -23.266 8.919   1.00 38.14 ? 19  SER A N   1 
ATOM   96   C CA  . SER A 1 23  ? 5.557   -24.139 8.557   1.00 38.36 ? 19  SER A CA  1 
ATOM   97   C C   . SER A 1 23  ? 6.675   -24.302 9.617   1.00 37.26 ? 19  SER A C   1 
ATOM   98   O O   . SER A 1 23  ? 7.580   -25.173 9.514   1.00 36.92 ? 19  SER A O   1 
ATOM   99   C CB  . SER A 1 23  ? 6.182   -23.613 7.265   1.00 37.89 ? 19  SER A CB  1 
ATOM   100  O OG  . SER A 1 23  ? 6.552   -22.254 7.439   1.00 41.67 ? 19  SER A OG  1 
ATOM   101  N N   . GLY A 1 24  ? 6.669   -23.425 10.606  1.00 36.60 ? 20  GLY A N   1 
ATOM   102  C CA  . GLY A 1 24  ? 7.842   -23.335 11.466  1.00 35.58 ? 20  GLY A CA  1 
ATOM   103  C C   . GLY A 1 24  ? 8.973   -22.523 10.816  1.00 34.96 ? 20  GLY A C   1 
ATOM   104  O O   . GLY A 1 24  ? 10.061  -22.376 11.406  1.00 34.63 ? 20  GLY A O   1 
ATOM   105  N N   . ARG A 1 25  ? 8.770   -22.005 9.597   1.00 32.64 ? 21  ARG A N   1 
ATOM   106  C CA  . ARG A 1 25  ? 9.873   -21.199 8.978   1.00 30.32 ? 21  ARG A CA  1 
ATOM   107  C C   . ARG A 1 25  ? 9.857   -19.754 9.445   1.00 29.41 ? 21  ARG A C   1 
ATOM   108  O O   . ARG A 1 25  ? 8.830   -19.219 9.724   1.00 30.91 ? 21  ARG A O   1 
ATOM   109  C CB  . ARG A 1 25  ? 9.795   -21.244 7.444   1.00 31.09 ? 21  ARG A CB  1 
ATOM   110  C CG  . ARG A 1 25  ? 10.658  -22.308 6.823   1.00 33.34 ? 21  ARG A CG  1 
ATOM   111  C CD  . ARG A 1 25  ? 10.696  -22.021 5.308   1.00 32.37 ? 21  ARG A CD  1 
ATOM   112  N NE  . ARG A 1 25  ? 9.381   -22.276 4.736   1.00 29.45 ? 21  ARG A NE  1 
ATOM   113  C CZ  . ARG A 1 25  ? 8.787   -21.537 3.821   1.00 28.62 ? 21  ARG A CZ  1 
ATOM   114  N NH1 . ARG A 1 25  ? 9.368   -20.428 3.322   1.00 25.98 ? 21  ARG A NH1 1 
ATOM   115  N NH2 . ARG A 1 25  ? 7.577   -21.922 3.416   1.00 28.06 ? 21  ARG A NH2 1 
ATOM   116  N N   . VAL A 1 26  ? 11.017  -19.139 9.541   1.00 28.13 ? 22  VAL A N   1 
ATOM   117  C CA  . VAL A 1 26  ? 11.152  -17.741 9.887   1.00 28.80 ? 22  VAL A CA  1 
ATOM   118  C C   . VAL A 1 26  ? 10.522  -16.952 8.695   1.00 26.98 ? 22  VAL A C   1 
ATOM   119  O O   . VAL A 1 26  ? 10.610  -17.380 7.549   1.00 26.27 ? 22  VAL A O   1 
ATOM   120  C CB  . VAL A 1 26  ? 12.637  -17.423 10.023  1.00 28.68 ? 22  VAL A CB  1 
ATOM   121  C CG1 . VAL A 1 26  ? 12.939  -15.916 9.870   1.00 33.98 ? 22  VAL A CG1 1 
ATOM   122  C CG2 . VAL A 1 26  ? 13.150  -17.955 11.424  1.00 32.61 ? 22  VAL A CG2 1 
ATOM   123  N N   . TYR A 1 27  ? 9.888   -15.843 8.979   1.00 24.28 ? 23  TYR A N   1 
ATOM   124  C CA  . TYR A 1 27  ? 9.593   -14.854 7.945   1.00 23.58 ? 23  TYR A CA  1 
ATOM   125  C C   . TYR A 1 27  ? 9.910   -13.443 8.557   1.00 23.93 ? 23  TYR A C   1 
ATOM   126  O O   . TYR A 1 27  ? 10.392  -13.318 9.735   1.00 23.36 ? 23  TYR A O   1 
ATOM   127  C CB  . TYR A 1 27  ? 8.144   -14.993 7.445   1.00 22.90 ? 23  TYR A CB  1 
ATOM   128  C CG  . TYR A 1 27  ? 7.105   -14.508 8.429   1.00 24.86 ? 23  TYR A CG  1 
ATOM   129  C CD1 . TYR A 1 27  ? 6.538   -13.247 8.298   1.00 22.24 ? 23  TYR A CD1 1 
ATOM   130  C CD2 . TYR A 1 27  ? 6.732   -15.301 9.539   1.00 26.26 ? 23  TYR A CD2 1 
ATOM   131  C CE1 . TYR A 1 27  ? 5.591   -12.761 9.215   1.00 30.49 ? 23  TYR A CE1 1 
ATOM   132  C CE2 . TYR A 1 27  ? 5.792   -14.832 10.472  1.00 31.15 ? 23  TYR A CE2 1 
ATOM   133  C CZ  . TYR A 1 27  ? 5.230   -13.580 10.316  1.00 33.69 ? 23  TYR A CZ  1 
ATOM   134  O OH  . TYR A 1 27  ? 4.298   -13.098 11.245  1.00 38.57 ? 23  TYR A OH  1 
ATOM   135  N N   . TYR A 1 28  ? 9.693   -12.403 7.759   1.00 21.81 ? 24  TYR A N   1 
ATOM   136  C CA  . TYR A 1 28  ? 10.056  -11.054 8.165   1.00 22.63 ? 24  TYR A CA  1 
ATOM   137  C C   . TYR A 1 28  ? 8.856   -10.195 7.894   1.00 22.47 ? 24  TYR A C   1 
ATOM   138  O O   . TYR A 1 28  ? 8.174   -10.327 6.863   1.00 24.18 ? 24  TYR A O   1 
ATOM   139  C CB  . TYR A 1 28  ? 11.286  -10.574 7.366   1.00 23.57 ? 24  TYR A CB  1 
ATOM   140  C CG  . TYR A 1 28  ? 12.513  -11.377 7.690   1.00 25.49 ? 24  TYR A CG  1 
ATOM   141  C CD1 . TYR A 1 28  ? 12.800  -12.557 7.000   1.00 29.23 ? 24  TYR A CD1 1 
ATOM   142  C CD2 . TYR A 1 28  ? 13.406  -10.950 8.696   1.00 27.11 ? 24  TYR A CD2 1 
ATOM   143  C CE1 . TYR A 1 28  ? 13.934  -13.319 7.292   1.00 29.78 ? 24  TYR A CE1 1 
ATOM   144  C CE2 . TYR A 1 28  ? 14.568  -11.707 9.024   1.00 30.79 ? 24  TYR A CE2 1 
ATOM   145  C CZ  . TYR A 1 28  ? 14.825  -12.867 8.312   1.00 31.57 ? 24  TYR A CZ  1 
ATOM   146  O OH  . TYR A 1 28  ? 15.935  -13.628 8.604   1.00 35.86 ? 24  TYR A OH  1 
ATOM   147  N N   . PHE A 1 29  ? 8.536   -9.307  8.824   1.00 22.64 ? 25  PHE A N   1 
ATOM   148  C CA  . PHE A 1 29  ? 7.417   -8.407  8.602   1.00 23.82 ? 25  PHE A CA  1 
ATOM   149  C C   . PHE A 1 29  ? 7.778   -7.012  9.130   1.00 22.59 ? 25  PHE A C   1 
ATOM   150  O O   . PHE A 1 29  ? 8.705   -6.827  9.937   1.00 23.95 ? 25  PHE A O   1 
ATOM   151  C CB  . PHE A 1 29  ? 6.125   -8.953  9.201   1.00 24.86 ? 25  PHE A CB  1 
ATOM   152  C CG  . PHE A 1 29  ? 6.021   -8.671  10.635  1.00 28.62 ? 25  PHE A CG  1 
ATOM   153  C CD1 . PHE A 1 29  ? 6.680   -9.531  11.566  1.00 32.49 ? 25  PHE A CD1 1 
ATOM   154  C CD2 . PHE A 1 29  ? 5.325   -7.533  11.079  1.00 29.15 ? 25  PHE A CD2 1 
ATOM   155  C CE1 . PHE A 1 29  ? 6.616   -9.280  13.000  1.00 35.20 ? 25  PHE A CE1 1 
ATOM   156  C CE2 . PHE A 1 29  ? 5.260   -7.256  12.472  1.00 33.52 ? 25  PHE A CE2 1 
ATOM   157  C CZ  . PHE A 1 29  ? 5.943   -8.115  13.435  1.00 33.99 ? 25  PHE A CZ  1 
ATOM   158  N N   . ASN A 1 30  ? 7.133   -6.032  8.568   1.00 20.60 ? 26  ASN A N   1 
ATOM   159  C CA  . ASN A 1 30  ? 7.477   -4.651  8.847   1.00 21.15 ? 26  ASN A CA  1 
ATOM   160  C C   . ASN A 1 30  ? 6.234   -4.001  9.408   1.00 21.16 ? 26  ASN A C   1 
ATOM   161  O O   . ASN A 1 30  ? 5.209   -3.938  8.715   1.00 20.91 ? 26  ASN A O   1 
ATOM   162  C CB  . ASN A 1 30  ? 7.970   -3.918  7.584   1.00 20.61 ? 26  ASN A CB  1 
ATOM   163  C CG  . ASN A 1 30  ? 8.457   -2.505  7.899   1.00 19.91 ? 26  ASN A CG  1 
ATOM   164  O OD1 . ASN A 1 30  ? 7.719   -1.697  8.431   1.00 22.11 ? 26  ASN A OD1 1 
ATOM   165  N ND2 . ASN A 1 30  ? 9.651   -2.203  7.487   1.00 18.15 ? 26  ASN A ND2 1 
ATOM   166  N N   . HIS A 1 31  ? 6.294   -3.529  10.671  1.00 21.24 ? 27  HIS A N   1 
ATOM   167  C CA  . HIS A 1 31  ? 5.095   -3.027  11.327  1.00 21.46 ? 27  HIS A CA  1 
ATOM   168  C C   . HIS A 1 31  ? 4.772   -1.583  10.933  1.00 21.68 ? 27  HIS A C   1 
ATOM   169  O O   . HIS A 1 31  ? 3.682   -1.047  11.314  1.00 20.29 ? 27  HIS A O   1 
ATOM   170  C CB  . HIS A 1 31  ? 5.225   -3.190  12.882  1.00 22.36 ? 27  HIS A CB  1 
ATOM   171  C CG  . HIS A 1 31  ? 6.480   -2.577  13.468  1.00 24.27 ? 27  HIS A CG  1 
ATOM   172  N ND1 . HIS A 1 31  ? 6.607   -1.222  13.715  1.00 24.71 ? 27  HIS A ND1 1 
ATOM   173  C CD2 . HIS A 1 31  ? 7.645   -3.145  13.864  1.00 27.62 ? 27  HIS A CD2 1 
ATOM   174  C CE1 . HIS A 1 31  ? 7.814   -0.984  14.205  1.00 28.08 ? 27  HIS A CE1 1 
ATOM   175  N NE2 . HIS A 1 31  ? 8.460   -2.134  14.303  1.00 29.45 ? 27  HIS A NE2 1 
ATOM   176  N N   . ILE A 1 32  ? 5.689   -0.919  10.201  1.00 20.88 ? 28  ILE A N   1 
ATOM   177  C CA  . ILE A 1 32  ? 5.362   0.436   9.647   1.00 20.45 ? 28  ILE A CA  1 
ATOM   178  C C   . ILE A 1 32  ? 4.716   0.328   8.234   1.00 20.12 ? 28  ILE A C   1 
ATOM   179  O O   . ILE A 1 32  ? 3.792   1.106   7.924   1.00 21.00 ? 28  ILE A O   1 
ATOM   180  C CB  . ILE A 1 32  ? 6.649   1.338   9.545   1.00 21.51 ? 28  ILE A CB  1 
ATOM   181  C CG1 . ILE A 1 32  ? 7.367   1.463   10.902  1.00 23.99 ? 28  ILE A CG1 1 
ATOM   182  C CG2 . ILE A 1 32  ? 6.322   2.670   8.948   1.00 20.66 ? 28  ILE A CG2 1 
ATOM   183  C CD1 . ILE A 1 32  ? 8.859   1.808   10.734  1.00 23.65 ? 28  ILE A CD1 1 
ATOM   184  N N   . THR A 1 33  ? 5.162   -0.632  7.390   1.00 19.19 ? 29  THR A N   1 
ATOM   185  C CA  . THR A 1 33  ? 4.592   -0.749  6.027   1.00 18.91 ? 29  THR A CA  1 
ATOM   186  C C   . THR A 1 33  ? 3.622   -1.885  5.854   1.00 18.38 ? 29  THR A C   1 
ATOM   187  O O   . THR A 1 33  ? 2.956   -1.982  4.803   1.00 18.36 ? 29  THR A O   1 
ATOM   188  C CB  . THR A 1 33  ? 5.689   -0.996  5.017   1.00 19.53 ? 29  THR A CB  1 
ATOM   189  O OG1 . THR A 1 33  ? 6.265   -2.263  5.302   1.00 19.46 ? 29  THR A OG1 1 
ATOM   190  C CG2 . THR A 1 33  ? 6.782   0.118   5.056   1.00 16.11 ? 29  THR A CG2 1 
ATOM   191  N N   . ASN A 1 34  ? 3.509   -2.748  6.882   1.00 18.88 ? 30  ASN A N   1 
ATOM   192  C CA  . ASN A 1 34  ? 2.710   -3.991  6.813   1.00 18.12 ? 30  ASN A CA  1 
ATOM   193  C C   . ASN A 1 34  ? 3.163   -4.980  5.700   1.00 18.12 ? 30  ASN A C   1 
ATOM   194  O O   . ASN A 1 34  ? 2.430   -5.881  5.346   1.00 19.69 ? 30  ASN A O   1 
ATOM   195  C CB  . ASN A 1 34  ? 1.204   -3.674  6.728   1.00 17.24 ? 30  ASN A CB  1 
ATOM   196  C CG  . ASN A 1 34  ? 0.605   -3.158  8.123   1.00 21.09 ? 30  ASN A CG  1 
ATOM   197  O OD1 . ASN A 1 34  ? -0.275  -2.275  8.155   1.00 20.55 ? 30  ASN A OD1 1 
ATOM   198  N ND2 . ASN A 1 34  ? 1.147   -3.633  9.210   1.00 16.13 ? 30  ASN A ND2 1 
ATOM   199  N N   . ALA A 1 35  ? 4.389   -4.848  5.217   1.00 17.65 ? 31  ALA A N   1 
ATOM   200  C CA  . ALA A 1 35  ? 4.960   -5.823  4.304   1.00 17.28 ? 31  ALA A CA  1 
ATOM   201  C C   . ALA A 1 35  ? 5.321   -7.113  5.062   1.00 19.21 ? 31  ALA A C   1 
ATOM   202  O O   . ALA A 1 35  ? 5.636   -7.106  6.279   1.00 19.27 ? 31  ALA A O   1 
ATOM   203  C CB  . ALA A 1 35  ? 6.279   -5.271  3.625   1.00 18.58 ? 31  ALA A CB  1 
ATOM   204  N N   . SER A 1 36  ? 5.220   -8.247  4.357   1.00 17.93 ? 32  SER A N   1 
ATOM   205  C CA  . SER A 1 36  ? 5.709   -9.456  4.955   1.00 19.95 ? 32  SER A CA  1 
ATOM   206  C C   . SER A 1 36  ? 6.274   -10.303 3.821   1.00 19.86 ? 32  SER A C   1 
ATOM   207  O O   . SER A 1 36  ? 5.794   -10.237 2.678   1.00 19.33 ? 32  SER A O   1 
ATOM   208  C CB  . SER A 1 36  ? 4.596   -10.155 5.765   1.00 19.65 ? 32  SER A CB  1 
ATOM   209  O OG  . SER A 1 36  ? 3.500   -10.436 4.905   1.00 26.18 ? 32  SER A OG  1 
ATOM   210  N N   . GLN A 1 37  ? 7.328   -11.046 4.114   1.00 21.27 ? 33  GLN A N   1 
ATOM   211  C CA  . GLN A 1 37  ? 8.010   -11.789 3.083   1.00 21.75 ? 33  GLN A CA  1 
ATOM   212  C C   . GLN A 1 37  ? 8.822   -12.871 3.785   1.00 22.93 ? 33  GLN A C   1 
ATOM   213  O O   . GLN A 1 37  ? 9.187   -12.722 4.975   1.00 24.21 ? 33  GLN A O   1 
ATOM   214  C CB  . GLN A 1 37  ? 8.906   -10.843 2.252   1.00 20.19 ? 33  GLN A CB  1 
ATOM   215  C CG  . GLN A 1 37  ? 9.996   -10.101 3.058   1.00 18.29 ? 33  GLN A CG  1 
ATOM   216  C CD  . GLN A 1 37  ? 10.691  -9.043  2.171   1.00 24.12 ? 33  GLN A CD  1 
ATOM   217  O OE1 . GLN A 1 37  ? 9.996   -8.243  1.558   1.00 26.16 ? 33  GLN A OE1 1 
ATOM   218  N NE2 . GLN A 1 37  ? 12.034  -9.025  2.121   1.00 24.49 ? 33  GLN A NE2 1 
ATOM   219  N N   . TRP A 1 38  ? 9.065   -13.974 3.080   1.00 23.05 ? 34  TRP A N   1 
ATOM   220  C CA  . TRP A 1 38  ? 10.021  -14.987 3.550   1.00 22.45 ? 34  TRP A CA  1 
ATOM   221  C C   . TRP A 1 38  ? 11.453  -14.548 3.585   1.00 24.35 ? 34  TRP A C   1 
ATOM   222  O O   . TRP A 1 38  ? 12.244  -14.943 4.510   1.00 22.82 ? 34  TRP A O   1 
ATOM   223  C CB  . TRP A 1 38  ? 9.918   -16.256 2.672   1.00 23.19 ? 34  TRP A CB  1 
ATOM   224  C CG  . TRP A 1 38  ? 8.579   -16.853 2.725   1.00 23.33 ? 34  TRP A CG  1 
ATOM   225  C CD1 . TRP A 1 38  ? 7.685   -16.952 1.690   1.00 19.83 ? 34  TRP A CD1 1 
ATOM   226  C CD2 . TRP A 1 38  ? 7.954   -17.466 3.871   1.00 24.18 ? 34  TRP A CD2 1 
ATOM   227  N NE1 . TRP A 1 38  ? 6.506   -17.520 2.147   1.00 25.75 ? 34  TRP A NE1 1 
ATOM   228  C CE2 . TRP A 1 38  ? 6.670   -17.906 3.457   1.00 24.94 ? 34  TRP A CE2 1 
ATOM   229  C CE3 . TRP A 1 38  ? 8.396   -17.780 5.185   1.00 24.00 ? 34  TRP A CE3 1 
ATOM   230  C CZ2 . TRP A 1 38  ? 5.767   -18.583 4.338   1.00 24.17 ? 34  TRP A CZ2 1 
ATOM   231  C CZ3 . TRP A 1 38  ? 7.515   -18.456 6.049   1.00 24.21 ? 34  TRP A CZ3 1 
ATOM   232  C CH2 . TRP A 1 38  ? 6.214   -18.827 5.625   1.00 27.50 ? 34  TRP A CH2 1 
ATOM   233  N N   . GLU A 1 39  ? 11.855  -13.745 2.594   1.00 25.22 ? 35  GLU A N   1 
ATOM   234  C CA  . GLU A 1 39  ? 13.284  -13.385 2.425   1.00 25.31 ? 35  GLU A CA  1 
ATOM   235  C C   . GLU A 1 39  ? 13.738  -12.315 3.460   1.00 27.07 ? 35  GLU A C   1 
ATOM   236  O O   . GLU A 1 39  ? 12.978  -11.385 3.816   1.00 26.29 ? 35  GLU A O   1 
ATOM   237  C CB  . GLU A 1 39  ? 13.564  -12.850 0.957   1.00 25.25 ? 35  GLU A CB  1 
ATOM   238  C CG  . GLU A 1 39  ? 13.186  -13.760 -0.230  1.00 28.02 ? 35  GLU A CG  1 
ATOM   239  C CD  . GLU A 1 39  ? 11.662  -13.902 -0.434  1.00 30.16 ? 35  GLU A CD  1 
ATOM   240  O OE1 . GLU A 1 39  ? 10.873  -13.050 0.100   1.00 27.40 ? 35  GLU A OE1 1 
ATOM   241  O OE2 . GLU A 1 39  ? 11.261  -14.918 -1.063  1.00 29.72 ? 35  GLU A OE2 1 
ATOM   242  N N   . ARG A 1 40  ? 14.981  -12.409 3.922   1.00 28.46 ? 36  ARG A N   1 
ATOM   243  C CA  . ARG A 1 40  ? 15.498  -11.395 4.820   1.00 32.49 ? 36  ARG A CA  1 
ATOM   244  C C   . ARG A 1 40  ? 15.626  -10.069 4.037   1.00 33.69 ? 36  ARG A C   1 
ATOM   245  O O   . ARG A 1 40  ? 16.140  -10.075 2.909   1.00 33.50 ? 36  ARG A O   1 
ATOM   246  C CB  . ARG A 1 40  ? 16.822  -11.809 5.430   1.00 32.51 ? 36  ARG A CB  1 
ATOM   247  C CG  . ARG A 1 40  ? 17.422  -10.742 6.427   1.00 38.09 ? 36  ARG A CG  1 
ATOM   248  C CD  . ARG A 1 40  ? 18.579  -11.390 7.263   1.00 48.24 ? 36  ARG A CD  1 
ATOM   249  N NE  . ARG A 1 40  ? 18.992  -10.647 8.472   1.00 51.97 ? 36  ARG A NE  1 
ATOM   250  C CZ  . ARG A 1 40  ? 18.728  -10.994 9.746   1.00 55.48 ? 36  ARG A CZ  1 
ATOM   251  N NH1 . ARG A 1 40  ? 19.172  -10.219 10.732  1.00 57.26 ? 36  ARG A NH1 1 
ATOM   252  N NH2 . ARG A 1 40  ? 18.024  -12.095 10.069  1.00 53.12 ? 36  ARG A NH2 1 
ATOM   253  N N   . PRO A 1 41  ? 15.108  -8.946  4.602   1.00 35.15 ? 37  PRO A N   1 
ATOM   254  C CA  . PRO A 1 41  ? 15.072  -7.711  3.806   1.00 37.17 ? 37  PRO A CA  1 
ATOM   255  C C   . PRO A 1 41  ? 16.445  -7.098  3.447   1.00 40.27 ? 37  PRO A C   1 
ATOM   256  O O   . PRO A 1 41  ? 17.386  -7.203  4.233   1.00 38.98 ? 37  PRO A O   1 
ATOM   257  C CB  . PRO A 1 41  ? 14.296  -6.734  4.698   1.00 36.77 ? 37  PRO A CB  1 
ATOM   258  C CG  . PRO A 1 41  ? 14.414  -7.305  6.088   1.00 35.16 ? 37  PRO A CG  1 
ATOM   259  C CD  . PRO A 1 41  ? 14.328  -8.795  5.841   1.00 34.87 ? 37  PRO A CD  1 
ATOM   260  N N   . SER A 1 42  ? 16.514  -6.505  2.231   1.00 43.05 ? 38  SER A N   1 
ATOM   261  C CA  . SER A 1 42  ? 17.357  -5.324  1.881   1.00 46.46 ? 38  SER A CA  1 
ATOM   262  C C   . SER A 1 42  ? 18.236  -5.560  0.652   1.00 48.44 ? 38  SER A C   1 
ATOM   263  O O   . SER A 1 42  ? 17.725  -6.019  -0.402  1.00 50.39 ? 38  SER A O   1 
ATOM   264  C CB  . SER A 1 42  ? 18.096  -4.659  3.076   1.00 46.25 ? 38  SER A CB  1 
ATOM   265  O OG  . SER A 1 42  ? 19.456  -5.048  3.098   1.00 49.84 ? 38  SER A OG  1 
ATOM   266  N N   . GLU A 1 55  ? 18.225  7.361   5.688   1.00 54.60 ? 51  GLU A N   1 
ATOM   267  C CA  . GLU A 1 55  ? 16.855  7.726   5.264   1.00 53.96 ? 51  GLU A CA  1 
ATOM   268  C C   . GLU A 1 55  ? 16.856  8.913   4.278   1.00 53.35 ? 51  GLU A C   1 
ATOM   269  O O   . GLU A 1 55  ? 17.446  9.967   4.582   1.00 53.48 ? 51  GLU A O   1 
ATOM   270  C CB  . GLU A 1 55  ? 15.907  8.040   6.456   1.00 53.82 ? 51  GLU A CB  1 
ATOM   271  C CG  . GLU A 1 55  ? 14.492  8.447   5.930   1.00 51.60 ? 51  GLU A CG  1 
ATOM   272  C CD  . GLU A 1 55  ? 13.433  8.755   6.981   1.00 47.96 ? 51  GLU A CD  1 
ATOM   273  O OE1 . GLU A 1 55  ? 12.984  9.918   7.061   1.00 48.00 ? 51  GLU A OE1 1 
ATOM   274  O OE2 . GLU A 1 55  ? 13.003  7.828   7.681   1.00 43.91 ? 51  GLU A OE2 1 
ATOM   275  N N   . PRO A 1 56  ? 16.171  8.752   3.099   1.00 52.04 ? 52  PRO A N   1 
ATOM   276  C CA  . PRO A 1 56  ? 16.087  9.808   2.038   1.00 49.92 ? 52  PRO A CA  1 
ATOM   277  C C   . PRO A 1 56  ? 15.311  11.068  2.474   1.00 47.56 ? 52  PRO A C   1 
ATOM   278  O O   . PRO A 1 56  ? 14.416  10.946  3.312   1.00 47.70 ? 52  PRO A O   1 
ATOM   279  C CB  . PRO A 1 56  ? 15.328  9.089   0.903   1.00 49.79 ? 52  PRO A CB  1 
ATOM   280  C CG  . PRO A 1 56  ? 14.471  8.072   1.630   1.00 51.06 ? 52  PRO A CG  1 
ATOM   281  C CD  . PRO A 1 56  ? 15.374  7.552   2.734   1.00 52.28 ? 52  PRO A CD  1 
ATOM   282  N N   . ALA A 1 57  ? 15.647  12.237  1.912   1.00 43.81 ? 53  ALA A N   1 
ATOM   283  C CA  . ALA A 1 57  ? 14.879  13.491  2.061   1.00 40.93 ? 53  ALA A CA  1 
ATOM   284  C C   . ALA A 1 57  ? 13.540  13.484  1.299   1.00 38.89 ? 53  ALA A C   1 
ATOM   285  O O   . ALA A 1 57  ? 12.539  14.107  1.710   1.00 35.40 ? 53  ALA A O   1 
ATOM   286  C CB  . ALA A 1 57  ? 15.729  14.665  1.534   1.00 41.34 ? 53  ALA A CB  1 
ATOM   287  N N   . ARG A 1 58  ? 13.565  12.830  0.128   1.00 35.86 ? 54  ARG A N   1 
ATOM   288  C CA  . ARG A 1 58  ? 12.383  12.704  -0.694  1.00 34.61 ? 54  ARG A CA  1 
ATOM   289  C C   . ARG A 1 58  ? 12.227  11.281  -1.216  1.00 32.15 ? 54  ARG A C   1 
ATOM   290  O O   . ARG A 1 58  ? 13.218  10.590  -1.455  1.00 31.19 ? 54  ARG A O   1 
ATOM   291  C CB  . ARG A 1 58  ? 12.491  13.666  -1.859  1.00 36.26 ? 54  ARG A CB  1 
ATOM   292  C CG  . ARG A 1 58  ? 12.347  15.101  -1.416  1.00 39.21 ? 54  ARG A CG  1 
ATOM   293  C CD  . ARG A 1 58  ? 12.810  16.013  -2.532  1.00 45.64 ? 54  ARG A CD  1 
ATOM   294  N NE  . ARG A 1 58  ? 11.691  16.276  -3.435  1.00 47.17 ? 54  ARG A NE  1 
ATOM   295  C CZ  . ARG A 1 58  ? 10.544  16.864  -3.078  1.00 48.55 ? 54  ARG A CZ  1 
ATOM   296  N NH1 . ARG A 1 58  ? 10.305  17.248  -1.814  1.00 48.41 ? 54  ARG A NH1 1 
ATOM   297  N NH2 . ARG A 1 58  ? 9.623   17.082  -4.005  1.00 49.91 ? 54  ARG A NH2 1 
ATOM   298  N N   . VAL A 1 59  ? 10.970  10.859  -1.391  1.00 28.50 ? 55  VAL A N   1 
ATOM   299  C CA  . VAL A 1 59  ? 10.645  9.604   -2.051  1.00 26.28 ? 55  VAL A CA  1 
ATOM   300  C C   . VAL A 1 59  ? 9.598   9.909   -3.117  1.00 24.98 ? 55  VAL A C   1 
ATOM   301  O O   . VAL A 1 59  ? 8.881   10.907  -3.010  1.00 25.67 ? 55  VAL A O   1 
ATOM   302  C CB  . VAL A 1 59  ? 10.117  8.523   -1.037  1.00 25.17 ? 55  VAL A CB  1 
ATOM   303  C CG1 . VAL A 1 59  ? 11.260  8.179   -0.047  1.00 24.99 ? 55  VAL A CG1 1 
ATOM   304  C CG2 . VAL A 1 59  ? 8.737   8.956   -0.384  1.00 24.96 ? 55  VAL A CG2 1 
ATOM   305  N N   . ARG A 1 60  ? 9.549   9.058   -4.137  1.00 23.45 ? 56  ARG A N   1 
ATOM   306  C CA  . ARG A 1 60  ? 8.466   9.043   -5.092  1.00 21.63 ? 56  ARG A CA  1 
ATOM   307  C C   . ARG A 1 60  ? 7.665   7.731   -4.910  1.00 19.99 ? 56  ARG A C   1 
ATOM   308  O O   . ARG A 1 60  ? 8.246   6.654   -4.842  1.00 19.96 ? 56  ARG A O   1 
ATOM   309  C CB  . ARG A 1 60  ? 8.985   9.123   -6.539  1.00 19.84 ? 56  ARG A CB  1 
ATOM   310  C CG  . ARG A 1 60  ? 7.867   9.311   -7.582  1.00 17.91 ? 56  ARG A CG  1 
ATOM   311  C CD  . ARG A 1 60  ? 8.526   9.548   -8.948  1.00 21.21 ? 56  ARG A CD  1 
ATOM   312  N NE  . ARG A 1 60  ? 7.462   9.687   -9.958  1.00 26.78 ? 56  ARG A NE  1 
ATOM   313  C CZ  . ARG A 1 60  ? 7.731   9.801   -11.254 1.00 29.37 ? 56  ARG A CZ  1 
ATOM   314  N NH1 . ARG A 1 60  ? 9.016   9.834   -11.608 1.00 32.72 ? 56  ARG A NH1 1 
ATOM   315  N NH2 . ARG A 1 60  ? 6.755   9.924   -12.164 1.00 27.70 ? 56  ARG A NH2 1 
ATOM   316  N N   . CYS A 1 61  ? 6.340   7.841   -4.773  1.00 19.86 ? 57  CYS A N   1 
ATOM   317  C CA  . CYS A 1 61  ? 5.522   6.657   -4.617  1.00 18.48 ? 57  CYS A CA  1 
ATOM   318  C C   . CYS A 1 61  ? 4.335   6.679   -5.535  1.00 19.21 ? 57  CYS A C   1 
ATOM   319  O O   . CYS A 1 61  ? 3.853   7.760   -5.863  1.00 19.77 ? 57  CYS A O   1 
ATOM   320  C CB  . CYS A 1 61  ? 4.964   6.514   -3.154  1.00 19.12 ? 57  CYS A CB  1 
ATOM   321  S SG  . CYS A 1 61  ? 6.345   6.167   -1.977  1.00 19.13 ? 57  CYS A SG  1 
ATOM   322  N N   . SER A 1 62  ? 3.834   5.474   -5.858  1.00 18.22 ? 58  SER A N   1 
ATOM   323  C CA  . SER A 1 62  ? 2.500   5.289   -6.401  1.00 18.92 ? 58  SER A CA  1 
ATOM   324  C C   . SER A 1 62  ? 1.676   4.584   -5.347  1.00 19.28 ? 58  SER A C   1 
ATOM   325  O O   . SER A 1 62  ? 2.242   3.930   -4.425  1.00 20.54 ? 58  SER A O   1 
ATOM   326  C CB  . SER A 1 62  ? 2.544   4.431   -7.641  1.00 18.46 ? 58  SER A CB  1 
ATOM   327  O OG  . SER A 1 62  ? 3.401   5.024   -8.635  1.00 17.90 ? 58  SER A OG  1 
ATOM   328  N N   . HIS A 1 63  ? 0.376   4.635   -5.485  1.00 20.00 ? 59  HIS A N   1 
ATOM   329  C CA  . HIS A 1 63  ? -0.467  3.866   -4.573  1.00 19.91 ? 59  HIS A CA  1 
ATOM   330  C C   . HIS A 1 63  ? -1.739  3.443   -5.267  1.00 20.19 ? 59  HIS A C   1 
ATOM   331  O O   . HIS A 1 63  ? -2.112  3.940   -6.374  1.00 18.82 ? 59  HIS A O   1 
ATOM   332  C CB  . HIS A 1 63  ? -0.742  4.640   -3.262  1.00 18.72 ? 59  HIS A CB  1 
ATOM   333  C CG  . HIS A 1 63  ? -1.770  5.686   -3.415  1.00 22.08 ? 59  HIS A CG  1 
ATOM   334  N ND1 . HIS A 1 63  ? -2.746  5.943   -2.473  1.00 21.48 ? 59  HIS A ND1 1 
ATOM   335  C CD2 . HIS A 1 63  ? -1.971  6.568   -4.427  1.00 25.27 ? 59  HIS A CD2 1 
ATOM   336  C CE1 . HIS A 1 63  ? -3.478  6.955   -2.894  1.00 24.57 ? 59  HIS A CE1 1 
ATOM   337  N NE2 . HIS A 1 63  ? -3.060  7.312   -4.105  1.00 21.01 ? 59  HIS A NE2 1 
ATOM   338  N N   . LEU A 1 64  ? -2.419  2.515   -4.608  1.00 19.32 ? 60  LEU A N   1 
ATOM   339  C CA  . LEU A 1 64  ? -3.727  2.048   -5.015  1.00 19.69 ? 60  LEU A CA  1 
ATOM   340  C C   . LEU A 1 64  ? -4.583  2.243   -3.749  1.00 19.99 ? 60  LEU A C   1 
ATOM   341  O O   . LEU A 1 64  ? -4.276  1.670   -2.720  1.00 19.59 ? 60  LEU A O   1 
ATOM   342  C CB  . LEU A 1 64  ? -3.680  0.569   -5.413  1.00 17.78 ? 60  LEU A CB  1 
ATOM   343  C CG  . LEU A 1 64  ? -4.988  0.013   -6.067  1.00 22.89 ? 60  LEU A CG  1 
ATOM   344  C CD1 . LEU A 1 64  ? -4.814  -1.349  -6.826  1.00 16.60 ? 60  LEU A CD1 1 
ATOM   345  C CD2 . LEU A 1 64  ? -6.091  -0.195  -5.089  1.00 22.10 ? 60  LEU A CD2 1 
ATOM   346  N N   . LEU A 1 65  ? -5.563  3.117   -3.816  1.00 21.24 ? 61  LEU A N   1 
ATOM   347  C CA  . LEU A 1 65  ? -6.509  3.406   -2.691  1.00 19.96 ? 61  LEU A CA  1 
ATOM   348  C C   . LEU A 1 65  ? -7.814  2.623   -2.844  1.00 20.78 ? 61  LEU A C   1 
ATOM   349  O O   . LEU A 1 65  ? -8.472  2.692   -3.915  1.00 20.74 ? 61  LEU A O   1 
ATOM   350  C CB  . LEU A 1 65  ? -6.818  4.907   -2.626  1.00 19.46 ? 61  LEU A CB  1 
ATOM   351  C CG  . LEU A 1 65  ? -7.863  5.360   -1.583  1.00 19.46 ? 61  LEU A CG  1 
ATOM   352  C CD1 . LEU A 1 65  ? -7.371  4.962   -0.132  1.00 19.91 ? 61  LEU A CD1 1 
ATOM   353  C CD2 . LEU A 1 65  ? -8.123  6.936   -1.687  1.00 18.94 ? 61  LEU A CD2 1 
ATOM   354  N N   . VAL A 1 66  ? -8.216  1.872   -1.793  1.00 20.54 ? 62  VAL A N   1 
ATOM   355  C CA  . VAL A 1 66  ? -9.599  1.369   -1.784  1.00 20.71 ? 62  VAL A CA  1 
ATOM   356  C C   . VAL A 1 66  ? -10.319 2.064   -0.594  1.00 22.99 ? 62  VAL A C   1 
ATOM   357  O O   . VAL A 1 66  ? -9.896  1.927   0.593   1.00 20.83 ? 62  VAL A O   1 
ATOM   358  C CB  . VAL A 1 66  ? -9.673  -0.153  -1.635  1.00 22.01 ? 62  VAL A CB  1 
ATOM   359  C CG1 . VAL A 1 66  ? -11.188 -0.713  -1.604  1.00 18.71 ? 62  VAL A CG1 1 
ATOM   360  C CG2 . VAL A 1 66  ? -8.857  -0.830  -2.792  1.00 17.50 ? 62  VAL A CG2 1 
ATOM   361  N N   . LYS A 1 67  ? -11.366 2.796   -0.958  1.00 23.38 ? 63  LYS A N   1 
ATOM   362  C CA  . LYS A 1 67  ? -12.164 3.549   -0.008  1.00 25.53 ? 63  LYS A CA  1 
ATOM   363  C C   . LYS A 1 67  ? -13.266 2.658   0.571   1.00 24.90 ? 63  LYS A C   1 
ATOM   364  O O   . LYS A 1 67  ? -13.582 1.628   0.001   1.00 24.84 ? 63  LYS A O   1 
ATOM   365  C CB  . LYS A 1 67  ? -12.731 4.769   -0.689  1.00 25.34 ? 63  LYS A CB  1 
ATOM   366  C CG  . LYS A 1 67  ? -11.681 5.915   -0.897  1.00 27.79 ? 63  LYS A CG  1 
ATOM   367  C CD  . LYS A 1 67  ? -12.505 7.158   -1.347  1.00 27.60 ? 63  LYS A CD  1 
ATOM   368  C CE  . LYS A 1 67  ? -11.558 8.290   -1.692  1.00 26.07 ? 63  LYS A CE  1 
ATOM   369  N NZ  . LYS A 1 67  ? -12.274 9.552   -1.780  1.00 28.56 ? 63  LYS A NZ  1 
ATOM   370  N N   . HIS A 1 68  ? -13.841 3.048   1.719   1.00 24.56 ? 64  HIS A N   1 
ATOM   371  C CA  . HIS A 1 68  ? -14.921 2.287   2.291   1.00 24.73 ? 64  HIS A CA  1 
ATOM   372  C C   . HIS A 1 68  ? -15.938 3.309   2.905   1.00 24.51 ? 64  HIS A C   1 
ATOM   373  O O   . HIS A 1 68  ? -15.751 4.534   2.808   1.00 25.11 ? 64  HIS A O   1 
ATOM   374  C CB  . HIS A 1 68  ? -14.410 1.263   3.347   1.00 21.91 ? 64  HIS A CB  1 
ATOM   375  C CG  . HIS A 1 68  ? -13.472 1.882   4.332   1.00 24.06 ? 64  HIS A CG  1 
ATOM   376  N ND1 . HIS A 1 68  ? -13.884 2.737   5.322   1.00 24.86 ? 64  HIS A ND1 1 
ATOM   377  C CD2 . HIS A 1 68  ? -12.125 1.867   4.396   1.00 22.25 ? 64  HIS A CD2 1 
ATOM   378  C CE1 . HIS A 1 68  ? -12.840 3.148   6.018   1.00 25.05 ? 64  HIS A CE1 1 
ATOM   379  N NE2 . HIS A 1 68  ? -11.751 2.639   5.463   1.00 27.93 ? 64  HIS A NE2 1 
ATOM   380  N N   . SER A 1 69  ? -17.047 2.786   3.431   1.00 27.13 ? 65  SER A N   1 
ATOM   381  C CA  . SER A 1 69  ? -18.135 3.674   3.951   1.00 29.54 ? 65  SER A CA  1 
ATOM   382  C C   . SER A 1 69  ? -17.593 4.594   5.098   1.00 31.10 ? 65  SER A C   1 
ATOM   383  O O   . SER A 1 69  ? -18.066 5.768   5.337   1.00 33.76 ? 65  SER A O   1 
ATOM   384  C CB  . SER A 1 69  ? -19.342 2.832   4.377   1.00 28.17 ? 65  SER A CB  1 
ATOM   385  O OG  . SER A 1 69  ? -18.957 1.944   5.411   1.00 31.26 ? 65  SER A OG  1 
ATOM   386  N N   . GLN A 1 70  ? -16.548 4.150   5.775   1.00 30.92 ? 66  GLN A N   1 
ATOM   387  C CA  . GLN A 1 70  ? -15.994 5.017   6.825   1.00 31.46 ? 66  GLN A CA  1 
ATOM   388  C C   . GLN A 1 70  ? -14.918 5.987   6.370   1.00 31.16 ? 66  GLN A C   1 
ATOM   389  O O   . GLN A 1 70  ? -14.397 6.729   7.202   1.00 29.88 ? 66  GLN A O   1 
ATOM   390  C CB  . GLN A 1 70  ? -15.494 4.176   8.007   1.00 32.60 ? 66  GLN A CB  1 
ATOM   391  C CG  . GLN A 1 70  ? -16.557 3.796   9.060   1.00 36.45 ? 66  GLN A CG  1 
ATOM   392  C CD  . GLN A 1 70  ? -15.852 3.345   10.403  1.00 43.57 ? 66  GLN A CD  1 
ATOM   393  O OE1 . GLN A 1 70  ? -15.437 4.201   11.270  1.00 40.58 ? 66  GLN A OE1 1 
ATOM   394  N NE2 . GLN A 1 70  ? -15.625 1.996   10.520  1.00 42.61 ? 66  GLN A NE2 1 
ATOM   395  N N   . SER A 1 71  ? -14.520 5.976   5.074   1.00 31.01 ? 67  SER A N   1 
ATOM   396  C CA  . SER A 1 71  ? -13.508 6.938   4.609   1.00 30.46 ? 67  SER A CA  1 
ATOM   397  C C   . SER A 1 71  ? -13.952 8.395   4.830   1.00 30.95 ? 67  SER A C   1 
ATOM   398  O O   . SER A 1 71  ? -15.118 8.684   4.870   1.00 28.88 ? 67  SER A O   1 
ATOM   399  C CB  . SER A 1 71  ? -13.221 6.784   3.091   1.00 31.60 ? 67  SER A CB  1 
ATOM   400  O OG  . SER A 1 71  ? -12.647 5.528   2.777   1.00 33.15 ? 67  SER A OG  1 
ATOM   401  N N   . ARG A 1 72  ? -12.984 9.279   4.922   1.00 32.58 ? 68  ARG A N   1 
ATOM   402  C CA  . ARG A 1 72  ? -13.193 10.741  5.048   1.00 35.39 ? 68  ARG A CA  1 
ATOM   403  C C   . ARG A 1 72  ? -14.176 11.207  3.982   1.00 36.05 ? 68  ARG A C   1 
ATOM   404  O O   . ARG A 1 72  ? -15.172 11.879  4.295   1.00 35.29 ? 68  ARG A O   1 
ATOM   405  C CB  . ARG A 1 72  ? -11.883 11.416  4.806   1.00 35.84 ? 68  ARG A CB  1 
ATOM   406  C CG  . ARG A 1 72  ? -11.873 12.867  5.174   1.00 45.91 ? 68  ARG A CG  1 
ATOM   407  C CD  . ARG A 1 72  ? -10.825 13.626  4.354   1.00 54.20 ? 68  ARG A CD  1 
ATOM   408  N NE  . ARG A 1 72  ? -9.502  13.698  4.999   1.00 62.59 ? 68  ARG A NE  1 
ATOM   409  C CZ  . ARG A 1 72  ? -9.196  13.427  6.284   1.00 67.30 ? 68  ARG A CZ  1 
ATOM   410  N NH1 . ARG A 1 72  ? -10.113 13.021  7.182   1.00 67.60 ? 68  ARG A NH1 1 
ATOM   411  N NH2 . ARG A 1 72  ? -7.926  13.553  6.685   1.00 67.71 ? 68  ARG A NH2 1 
ATOM   412  N N   . ARG A 1 73  ? -13.927 10.833  2.727   1.00 33.94 ? 69  ARG A N   1 
ATOM   413  C CA  . ARG A 1 73  ? -14.821 11.213  1.638   1.00 34.25 ? 69  ARG A CA  1 
ATOM   414  C C   . ARG A 1 73  ? -15.287 9.959   0.853   1.00 32.57 ? 69  ARG A C   1 
ATOM   415  O O   . ARG A 1 73  ? -14.603 9.494   -0.081  1.00 34.86 ? 69  ARG A O   1 
ATOM   416  C CB  . ARG A 1 73  ? -14.066 12.230  0.771   1.00 34.32 ? 69  ARG A CB  1 
ATOM   417  C CG  . ARG A 1 73  ? -14.910 13.030  -0.239  1.00 39.69 ? 69  ARG A CG  1 
ATOM   418  C CD  . ARG A 1 73  ? -13.987 14.000  -1.044  1.00 38.18 ? 69  ARG A CD  1 
ATOM   419  N NE  . ARG A 1 73  ? -13.201 13.243  -2.037  1.00 44.73 ? 69  ARG A NE  1 
ATOM   420  C CZ  . ARG A 1 73  ? -13.669 12.837  -3.230  1.00 47.87 ? 69  ARG A CZ  1 
ATOM   421  N NH1 . ARG A 1 73  ? -14.910 13.137  -3.602  1.00 47.44 ? 69  ARG A NH1 1 
ATOM   422  N NH2 . ARG A 1 73  ? -12.887 12.156  -4.079  1.00 47.89 ? 69  ARG A NH2 1 
ATOM   423  N N   . PRO A 1 74  ? -16.410 9.349   1.247   1.00 32.21 ? 70  PRO A N   1 
ATOM   424  C CA  . PRO A 1 74  ? -16.781 8.077   0.615   1.00 31.11 ? 70  PRO A CA  1 
ATOM   425  C C   . PRO A 1 74  ? -17.387 8.245   -0.836  1.00 30.83 ? 70  PRO A C   1 
ATOM   426  O O   . PRO A 1 74  ? -18.513 7.825   -1.106  1.00 31.04 ? 70  PRO A O   1 
ATOM   427  C CB  . PRO A 1 74  ? -17.763 7.472   1.623   1.00 32.06 ? 70  PRO A CB  1 
ATOM   428  C CG  . PRO A 1 74  ? -18.380 8.681   2.319   1.00 33.24 ? 70  PRO A CG  1 
ATOM   429  C CD  . PRO A 1 74  ? -17.501 9.884   2.093   1.00 31.61 ? 70  PRO A CD  1 
ATOM   430  N N   . SER A 1 75  ? -16.569 8.804   -1.741  1.00 29.44 ? 71  SER A N   1 
ATOM   431  C CA  . SER A 1 75  ? -16.900 9.122   -3.121  1.00 29.73 ? 71  SER A CA  1 
ATOM   432  C C   . SER A 1 75  ? -15.602 8.989   -3.916  1.00 27.84 ? 71  SER A C   1 
ATOM   433  O O   . SER A 1 75  ? -14.534 9.333   -3.431  1.00 28.19 ? 71  SER A O   1 
ATOM   434  C CB  . SER A 1 75  ? -17.327 10.621  -3.255  1.00 29.10 ? 71  SER A CB  1 
ATOM   435  O OG  . SER A 1 75  ? -18.016 10.772  -4.510  1.00 37.81 ? 71  SER A OG  1 
ATOM   436  N N   . SER A 1 76  ? -15.693 8.518   -5.156  1.00 28.72 ? 72  SER A N   1 
ATOM   437  C CA  . SER A 1 76  ? -14.545 8.657   -6.059  1.00 27.73 ? 72  SER A CA  1 
ATOM   438  C C   . SER A 1 76  ? -14.954 8.740   -7.545  1.00 28.42 ? 72  SER A C   1 
ATOM   439  O O   . SER A 1 76  ? -16.137 8.619   -7.857  1.00 27.74 ? 72  SER A O   1 
ATOM   440  C CB  . SER A 1 76  ? -13.548 7.497   -5.827  1.00 27.49 ? 72  SER A CB  1 
ATOM   441  O OG  . SER A 1 76  ? -14.097 6.296   -6.365  1.00 26.70 ? 72  SER A OG  1 
ATOM   442  N N   . TRP A 1 77  ? -13.970 8.952   -8.449  1.00 28.21 ? 73  TRP A N   1 
ATOM   443  C CA  . TRP A 1 77  ? -14.205 8.858   -9.899  1.00 28.31 ? 73  TRP A CA  1 
ATOM   444  C C   . TRP A 1 77  ? -14.849 7.529   -10.275 1.00 28.39 ? 73  TRP A C   1 
ATOM   445  O O   . TRP A 1 77  ? -15.547 7.496   -11.241 1.00 29.45 ? 73  TRP A O   1 
ATOM   446  C CB  . TRP A 1 77  ? -12.909 9.140   -10.739 1.00 28.65 ? 73  TRP A CB  1 
ATOM   447  C CG  . TRP A 1 77  ? -11.939 8.006   -10.605 1.00 30.13 ? 73  TRP A CG  1 
ATOM   448  C CD1 . TRP A 1 77  ? -10.947 7.889   -9.664  1.00 29.24 ? 73  TRP A CD1 1 
ATOM   449  C CD2 . TRP A 1 77  ? -11.832 6.834   -11.442 1.00 30.74 ? 73  TRP A CD2 1 
ATOM   450  N NE1 . TRP A 1 77  ? -10.263 6.702   -9.843  1.00 26.11 ? 73  TRP A NE1 1 
ATOM   451  C CE2 . TRP A 1 77  ? -10.779 6.034   -10.910 1.00 26.09 ? 73  TRP A CE2 1 
ATOM   452  C CE3 . TRP A 1 77  ? -12.564 6.344   -12.550 1.00 30.79 ? 73  TRP A CE3 1 
ATOM   453  C CZ2 . TRP A 1 77  ? -10.434 4.789   -11.443 1.00 29.01 ? 73  TRP A CZ2 1 
ATOM   454  C CZ3 . TRP A 1 77  ? -12.181 5.097   -13.106 1.00 31.51 ? 73  TRP A CZ3 1 
ATOM   455  C CH2 . TRP A 1 77  ? -11.127 4.350   -12.557 1.00 29.12 ? 73  TRP A CH2 1 
ATOM   456  N N   . ARG A 1 78  ? -14.662 6.435   -9.519  1.00 27.22 ? 74  ARG A N   1 
ATOM   457  C CA  . ARG A 1 78  ? -15.285 5.131   -9.848  1.00 28.87 ? 74  ARG A CA  1 
ATOM   458  C C   . ARG A 1 78  ? -16.737 5.070   -9.410  1.00 29.07 ? 74  ARG A C   1 
ATOM   459  O O   . ARG A 1 78  ? -17.543 4.481   -10.116 1.00 28.97 ? 74  ARG A O   1 
ATOM   460  C CB  . ARG A 1 78  ? -14.550 3.912   -9.208  1.00 27.51 ? 74  ARG A CB  1 
ATOM   461  C CG  . ARG A 1 78  ? -13.043 3.940   -9.401  1.00 30.78 ? 74  ARG A CG  1 
ATOM   462  C CD  . ARG A 1 78  ? -12.346 2.621   -8.964  1.00 27.65 ? 74  ARG A CD  1 
ATOM   463  N NE  . ARG A 1 78  ? -12.905 1.541   -9.703  1.00 23.67 ? 74  ARG A NE  1 
ATOM   464  C CZ  . ARG A 1 78  ? -13.357 0.390   -9.225  1.00 26.79 ? 74  ARG A CZ  1 
ATOM   465  N NH1 . ARG A 1 78  ? -13.244 0.095   -7.935  1.00 28.35 ? 74  ARG A NH1 1 
ATOM   466  N NH2 . ARG A 1 78  ? -13.888 -0.472  -10.082 1.00 23.18 ? 74  ARG A NH2 1 
ATOM   467  N N   . GLN A 1 79  ? -17.093 5.716   -8.299  1.00 30.29 ? 75  GLN A N   1 
ATOM   468  C CA  . GLN A 1 79  ? -18.395 5.405   -7.664  1.00 31.96 ? 75  GLN A CA  1 
ATOM   469  C C   . GLN A 1 79  ? -18.831 6.642   -6.947  1.00 32.82 ? 75  GLN A C   1 
ATOM   470  O O   . GLN A 1 79  ? -18.037 7.174   -6.128  1.00 34.48 ? 75  GLN A O   1 
ATOM   471  C CB  . GLN A 1 79  ? -18.164 4.298   -6.637  1.00 31.63 ? 75  GLN A CB  1 
ATOM   472  C CG  . GLN A 1 79  ? -19.304 3.372   -6.514  1.00 39.10 ? 75  GLN A CG  1 
ATOM   473  C CD  . GLN A 1 79  ? -19.003 2.236   -5.604  1.00 42.78 ? 75  GLN A CD  1 
ATOM   474  O OE1 . GLN A 1 79  ? -17.922 2.170   -4.990  1.00 42.53 ? 75  GLN A OE1 1 
ATOM   475  N NE2 . GLN A 1 79  ? -19.945 1.304   -5.514  1.00 47.83 ? 75  GLN A NE2 1 
ATOM   476  N N   . GLU A 1 80  ? -20.020 7.174   -7.270  1.00 32.19 ? 76  GLU A N   1 
ATOM   477  C CA  . GLU A 1 80  ? -20.462 8.401   -6.590  1.00 32.10 ? 76  GLU A CA  1 
ATOM   478  C C   . GLU A 1 80  ? -20.703 8.168   -5.085  1.00 31.11 ? 76  GLU A C   1 
ATOM   479  O O   . GLU A 1 80  ? -20.315 9.014   -4.267  1.00 31.87 ? 76  GLU A O   1 
ATOM   480  C CB  . GLU A 1 80  ? -21.703 9.033   -7.243  1.00 31.58 ? 76  GLU A CB  1 
ATOM   481  C CG  . GLU A 1 80  ? -21.915 10.462  -6.756  1.00 33.09 ? 76  GLU A CG  1 
ATOM   482  C CD  . GLU A 1 80  ? -23.112 11.122  -7.471  1.00 33.93 ? 76  GLU A CD  1 
ATOM   483  O OE1 . GLU A 1 80  ? -23.188 12.371  -7.425  1.00 36.10 ? 76  GLU A OE1 1 
ATOM   484  O OE2 . GLU A 1 80  ? -23.931 10.367  -8.042  1.00 31.05 ? 76  GLU A OE2 1 
ATOM   485  N N   . LYS A 1 81  ? -21.273 7.016   -4.728  1.00 31.39 ? 77  LYS A N   1 
ATOM   486  C CA  . LYS A 1 81  ? -21.336 6.651   -3.295  1.00 32.33 ? 77  LYS A CA  1 
ATOM   487  C C   . LYS A 1 81  ? -20.663 5.318   -3.019  1.00 30.47 ? 77  LYS A C   1 
ATOM   488  O O   . LYS A 1 81  ? -21.151 4.288   -3.436  1.00 30.06 ? 77  LYS A O   1 
ATOM   489  C CB  . LYS A 1 81  ? -22.775 6.582   -2.779  1.00 32.20 ? 77  LYS A CB  1 
ATOM   490  C CG  . LYS A 1 81  ? -22.891 6.282   -1.256  1.00 36.58 ? 77  LYS A CG  1 
ATOM   491  C CD  . LYS A 1 81  ? -24.352 5.940   -0.873  1.00 41.26 ? 77  LYS A CD  1 
ATOM   492  C CE  . LYS A 1 81  ? -24.577 5.849   0.678   1.00 42.90 ? 77  LYS A CE  1 
ATOM   493  N NZ  . LYS A 1 81  ? -23.887 7.023   1.345   1.00 42.58 ? 77  LYS A NZ  1 
ATOM   494  N N   . ILE A 1 82  ? -19.604 5.364   -2.216  1.00 30.39 ? 78  ILE A N   1 
ATOM   495  C CA  . ILE A 1 82  ? -18.888 4.147   -1.822  1.00 29.31 ? 78  ILE A CA  1 
ATOM   496  C C   . ILE A 1 82  ? -19.565 3.577   -0.577  1.00 30.31 ? 78  ILE A C   1 
ATOM   497  O O   . ILE A 1 82  ? -19.618 4.231   0.440   1.00 30.87 ? 78  ILE A O   1 
ATOM   498  C CB  . ILE A 1 82  ? -17.408 4.477   -1.437  1.00 28.80 ? 78  ILE A CB  1 
ATOM   499  C CG1 . ILE A 1 82  ? -16.642 5.242   -2.550  1.00 28.38 ? 78  ILE A CG1 1 
ATOM   500  C CG2 . ILE A 1 82  ? -16.673 3.180   -0.917  1.00 26.66 ? 78  ILE A CG2 1 
ATOM   501  C CD1 . ILE A 1 82  ? -15.968 4.427   -3.513  1.00 27.17 ? 78  ILE A CD1 1 
ATOM   502  N N   . THR A 1 83  ? -20.023 2.342   -0.663  1.00 31.84 ? 79  THR A N   1 
ATOM   503  C CA  . THR A 1 83  ? -20.748 1.688   0.370   1.00 33.24 ? 79  THR A CA  1 
ATOM   504  C C   . THR A 1 83  ? -20.051 0.405   0.931   1.00 32.73 ? 79  THR A C   1 
ATOM   505  O O   . THR A 1 83  ? -20.525 -0.137  1.941   1.00 30.82 ? 79  THR A O   1 
ATOM   506  C CB  . THR A 1 83  ? -22.158 1.249   -0.169  1.00 33.80 ? 79  THR A CB  1 
ATOM   507  O OG1 . THR A 1 83  ? -21.981 0.432   -1.321  1.00 34.98 ? 79  THR A OG1 1 
ATOM   508  C CG2 . THR A 1 83  ? -23.025 2.477   -0.570  1.00 36.04 ? 79  THR A CG2 1 
ATOM   509  N N   . ARG A 1 84  ? -18.993 -0.125  0.281   1.00 30.89 ? 80  ARG A N   1 
ATOM   510  C CA  . ARG A 1 84  ? -18.345 -1.330  0.828   1.00 28.55 ? 80  ARG A CA  1 
ATOM   511  C C   . ARG A 1 84  ? -17.911 -1.054  2.293   1.00 28.43 ? 80  ARG A C   1 
ATOM   512  O O   . ARG A 1 84  ? -17.636 0.065   2.667   1.00 28.31 ? 80  ARG A O   1 
ATOM   513  C CB  . ARG A 1 84  ? -17.133 -1.740  -0.031  1.00 29.05 ? 80  ARG A CB  1 
ATOM   514  C CG  . ARG A 1 84  ? -15.976 -0.716  -0.007  1.00 23.89 ? 80  ARG A CG  1 
ATOM   515  C CD  . ARG A 1 84  ? -14.816 -1.276  -0.843  1.00 21.05 ? 80  ARG A CD  1 
ATOM   516  N NE  . ARG A 1 84  ? -15.145 -1.188  -2.308  1.00 25.11 ? 80  ARG A NE  1 
ATOM   517  C CZ  . ARG A 1 84  ? -14.803 -0.168  -3.100  1.00 24.34 ? 80  ARG A CZ  1 
ATOM   518  N NH1 . ARG A 1 84  ? -14.183 0.942   -2.608  1.00 25.53 ? 80  ARG A NH1 1 
ATOM   519  N NH2 . ARG A 1 84  ? -15.111 -0.236  -4.392  1.00 25.94 ? 80  ARG A NH2 1 
ATOM   520  N N   . THR A 1 85  ? -17.874 -2.069  3.131   1.00 29.29 ? 81  THR A N   1 
ATOM   521  C CA  . THR A 1 85  ? -17.348 -1.865  4.475   1.00 29.02 ? 81  THR A CA  1 
ATOM   522  C C   . THR A 1 85  ? -15.791 -1.760  4.510   1.00 29.01 ? 81  THR A C   1 
ATOM   523  O O   . THR A 1 85  ? -15.088 -2.143  3.561   1.00 27.06 ? 81  THR A O   1 
ATOM   524  C CB  . THR A 1 85  ? -17.814 -2.972  5.389   1.00 29.53 ? 81  THR A CB  1 
ATOM   525  O OG1 . THR A 1 85  ? -17.390 -4.242  4.860   1.00 29.49 ? 81  THR A OG1 1 
ATOM   526  C CG2 . THR A 1 85  ? -19.404 -2.947  5.550   1.00 30.51 ? 81  THR A CG2 1 
ATOM   527  N N   . LYS A 1 86  ? -15.258 -1.349  5.646   1.00 26.10 ? 82  LYS A N   1 
ATOM   528  C CA  . LYS A 1 86  ? -13.865 -1.390  5.818   1.00 27.36 ? 82  LYS A CA  1 
ATOM   529  C C   . LYS A 1 86  ? -13.313 -2.827  5.583   1.00 26.42 ? 82  LYS A C   1 
ATOM   530  O O   . LYS A 1 86  ? -12.258 -3.057  4.934   1.00 24.57 ? 82  LYS A O   1 
ATOM   531  C CB  . LYS A 1 86  ? -13.512 -0.801  7.179   1.00 28.45 ? 82  LYS A CB  1 
ATOM   532  C CG  . LYS A 1 86  ? -12.002 -0.863  7.458   1.00 29.93 ? 82  LYS A CG  1 
ATOM   533  C CD  . LYS A 1 86  ? -11.664 -0.409  8.900   1.00 36.07 ? 82  LYS A CD  1 
ATOM   534  C CE  . LYS A 1 86  ? -11.834 1.064   9.066   1.00 40.93 ? 82  LYS A CE  1 
ATOM   535  N NZ  . LYS A 1 86  ? -11.569 1.435   10.490  1.00 43.64 ? 82  LYS A NZ  1 
ATOM   536  N N   . GLU A 1 87  ? -14.057 -3.818  6.075   1.00 26.43 ? 83  GLU A N   1 
ATOM   537  C CA  . GLU A 1 87  ? -13.643 -5.215  5.936   1.00 26.31 ? 83  GLU A CA  1 
ATOM   538  C C   . GLU A 1 87  ? -13.663 -5.637  4.471   1.00 24.69 ? 83  GLU A C   1 
ATOM   539  O O   . GLU A 1 87  ? -12.816 -6.409  4.016   1.00 23.27 ? 83  GLU A O   1 
ATOM   540  C CB  . GLU A 1 87  ? -14.554 -6.166  6.800   1.00 28.23 ? 83  GLU A CB  1 
ATOM   541  C CG  . GLU A 1 87  ? -14.183 -7.638  6.619   1.00 31.62 ? 83  GLU A CG  1 
ATOM   542  N N   . GLU A 1 88  ? -14.706 -5.256  3.735   1.00 24.34 ? 84  GLU A N   1 
ATOM   543  C CA  . GLU A 1 88  ? -14.759 -5.594  2.308   1.00 22.76 ? 84  GLU A CA  1 
ATOM   544  C C   . GLU A 1 88  ? -13.619 -4.884  1.542   1.00 20.73 ? 84  GLU A C   1 
ATOM   545  O O   . GLU A 1 88  ? -13.047 -5.504  0.602   1.00 19.96 ? 84  GLU A O   1 
ATOM   546  C CB  . GLU A 1 88  ? -16.086 -5.213  1.692   1.00 22.34 ? 84  GLU A CB  1 
ATOM   547  C CG  . GLU A 1 88  ? -17.206 -6.162  2.018   1.00 23.96 ? 84  GLU A CG  1 
ATOM   548  C CD  . GLU A 1 88  ? -18.571 -5.492  1.890   1.00 31.02 ? 84  GLU A CD  1 
ATOM   549  O OE1 . GLU A 1 88  ? -18.707 -4.225  1.798   1.00 27.17 ? 84  GLU A OE1 1 
ATOM   550  O OE2 . GLU A 1 88  ? -19.498 -6.283  1.916   1.00 30.50 ? 84  GLU A OE2 1 
ATOM   551  N N   . ALA A 1 89  ? -13.295 -3.667  1.940   1.00 21.38 ? 85  ALA A N   1 
ATOM   552  C CA  . ALA A 1 89  ? -12.144 -2.935  1.335   1.00 22.91 ? 85  ALA A CA  1 
ATOM   553  C C   . ALA A 1 89  ? -10.827 -3.687  1.602   1.00 23.07 ? 85  ALA A C   1 
ATOM   554  O O   . ALA A 1 89  ? -9.941  -3.749  0.696   1.00 23.74 ? 85  ALA A O   1 
ATOM   555  C CB  . ALA A 1 89  ? -12.069 -1.502  1.781   1.00 21.77 ? 85  ALA A CB  1 
ATOM   556  N N   . LEU A 1 90  ? -10.673 -4.208  2.839   1.00 21.86 ? 86  LEU A N   1 
ATOM   557  C CA  . LEU A 1 90  ? -9.452  -4.956  3.211   1.00 21.18 ? 86  LEU A CA  1 
ATOM   558  C C   . LEU A 1 90  ? -9.341  -6.250  2.404   1.00 21.69 ? 86  LEU A C   1 
ATOM   559  O O   . LEU A 1 90  ? -8.268  -6.544  1.885   1.00 21.86 ? 86  LEU A O   1 
ATOM   560  C CB  . LEU A 1 90  ? -9.276  -5.159  4.719   1.00 19.93 ? 86  LEU A CB  1 
ATOM   561  C CG  . LEU A 1 90  ? -8.093  -6.017  5.189   1.00 21.36 ? 86  LEU A CG  1 
ATOM   562  C CD1 . LEU A 1 90  ? -6.745  -5.231  4.820   1.00 19.04 ? 86  LEU A CD1 1 
ATOM   563  C CD2 . LEU A 1 90  ? -8.240  -6.236  6.736   1.00 23.55 ? 86  LEU A CD2 1 
ATOM   564  N N   . GLU A 1 91  ? -10.454 -6.957  2.196   1.00 23.03 ? 87  GLU A N   1 
ATOM   565  C CA  . GLU A 1 91  ? -10.391 -8.131  1.332   1.00 24.34 ? 87  GLU A CA  1 
ATOM   566  C C   . GLU A 1 91  ? -9.991  -7.763  -0.131  1.00 23.51 ? 87  GLU A C   1 
ATOM   567  O O   . GLU A 1 91  ? -9.272  -8.555  -0.784  1.00 23.86 ? 87  GLU A O   1 
ATOM   568  C CB  . GLU A 1 91  ? -11.749 -8.913  1.377   1.00 26.60 ? 87  GLU A CB  1 
ATOM   569  C CG  . GLU A 1 91  ? -11.899 -9.835  0.211   1.00 36.81 ? 87  GLU A CG  1 
ATOM   570  C CD  . GLU A 1 91  ? -12.955 -10.951 0.361   1.00 50.64 ? 87  GLU A CD  1 
ATOM   571  O OE1 . GLU A 1 91  ? -13.399 -11.190 1.519   1.00 57.06 ? 87  GLU A OE1 1 
ATOM   572  O OE2 . GLU A 1 91  ? -13.315 -11.584 -0.695  1.00 54.25 ? 87  GLU A OE2 1 
ATOM   573  N N   . LEU A 1 92  ? -10.499 -6.645  -0.665  1.00 21.82 ? 88  LEU A N   1 
ATOM   574  C CA  . LEU A 1 92  ? -10.135 -6.207  -2.018  1.00 21.67 ? 88  LEU A CA  1 
ATOM   575  C C   . LEU A 1 92  ? -8.637  -5.955  -2.120  1.00 21.14 ? 88  LEU A C   1 
ATOM   576  O O   . LEU A 1 92  ? -7.983  -6.406  -3.072  1.00 22.71 ? 88  LEU A O   1 
ATOM   577  C CB  . LEU A 1 92  ? -10.934 -4.993  -2.455  1.00 19.76 ? 88  LEU A CB  1 
ATOM   578  C CG  . LEU A 1 92  ? -12.376 -5.326  -2.917  1.00 22.45 ? 88  LEU A CG  1 
ATOM   579  C CD1 . LEU A 1 92  ? -13.248 -4.041  -2.984  1.00 24.27 ? 88  LEU A CD1 1 
ATOM   580  C CD2 . LEU A 1 92  ? -12.481 -6.142  -4.261  1.00 25.36 ? 88  LEU A CD2 1 
ATOM   581  N N   . ILE A 1 93  ? -8.118  -5.185  -1.180  1.00 20.43 ? 89  ILE A N   1 
ATOM   582  C CA  . ILE A 1 93  ? -6.673  -4.891  -1.041  1.00 20.13 ? 89  ILE A CA  1 
ATOM   583  C C   . ILE A 1 93  ? -5.836  -6.175  -0.948  1.00 21.77 ? 89  ILE A C   1 
ATOM   584  O O   . ILE A 1 93  ? -4.808  -6.331  -1.665  1.00 20.03 ? 89  ILE A O   1 
ATOM   585  C CB  . ILE A 1 93  ? -6.436  -4.006  0.178   1.00 18.99 ? 89  ILE A CB  1 
ATOM   586  C CG1 . ILE A 1 93  ? -6.930  -2.579  -0.118  1.00 22.97 ? 89  ILE A CG1 1 
ATOM   587  C CG2 . ILE A 1 93  ? -4.869  -3.861  0.593   1.00 17.59 ? 89  ILE A CG2 1 
ATOM   588  C CD1 . ILE A 1 93  ? -5.901  -1.706  -0.838  1.00 21.43 ? 89  ILE A CD1 1 
ATOM   589  N N   . ASN A 1 94  ? -6.263  -7.111  -0.082  1.00 20.73 ? 90  ASN A N   1 
ATOM   590  C CA  . ASN A 1 94  ? -5.526  -8.361  0.040   1.00 19.88 ? 90  ASN A CA  1 
ATOM   591  C C   . ASN A 1 94  ? -5.503  -9.136  -1.295  1.00 20.31 ? 90  ASN A C   1 
ATOM   592  O O   . ASN A 1 94  ? -4.498  -9.765  -1.610  1.00 22.23 ? 90  ASN A O   1 
ATOM   593  C CB  . ASN A 1 94  ? -6.107  -9.241  1.155   1.00 20.49 ? 90  ASN A CB  1 
ATOM   594  C CG  . ASN A 1 94  ? -5.851  -8.678  2.580   1.00 23.56 ? 90  ASN A CG  1 
ATOM   595  O OD1 . ASN A 1 94  ? -4.921  -7.888  2.830   1.00 24.66 ? 90  ASN A OD1 1 
ATOM   596  N ND2 . ASN A 1 94  ? -6.682  -9.093  3.500   1.00 25.77 ? 90  ASN A ND2 1 
ATOM   597  N N   . GLY A 1 95  ? -6.594  -9.096  -2.062  1.00 19.96 ? 91  GLY A N   1 
ATOM   598  C CA  . GLY A 1 95  ? -6.744  -9.848  -3.345  1.00 20.36 ? 91  GLY A CA  1 
ATOM   599  C C   . GLY A 1 95  ? -5.827  -9.151  -4.357  1.00 21.27 ? 91  GLY A C   1 
ATOM   600  O O   . GLY A 1 95  ? -5.116  -9.840  -5.133  1.00 21.15 ? 91  GLY A O   1 
ATOM   601  N N   . TYR A 1 96  ? -5.775  -7.798  -4.357  1.00 19.67 ? 92  TYR A N   1 
ATOM   602  C CA  . TYR A 1 96  ? -4.829  -7.080  -5.294  1.00 18.23 ? 92  TYR A CA  1 
ATOM   603  C C   . TYR A 1 96  ? -3.352  -7.354  -4.984  1.00 17.67 ? 92  TYR A C   1 
ATOM   604  O O   . TYR A 1 96  ? -2.508  -7.600  -5.904  1.00 19.13 ? 92  TYR A O   1 
ATOM   605  C CB  . TYR A 1 96  ? -5.038  -5.555  -5.225  1.00 16.63 ? 92  TYR A CB  1 
ATOM   606  C CG  . TYR A 1 96  ? -6.411  -5.122  -5.690  1.00 18.57 ? 92  TYR A CG  1 
ATOM   607  C CD1 . TYR A 1 96  ? -7.027  -4.004  -5.098  1.00 20.71 ? 92  TYR A CD1 1 
ATOM   608  C CD2 . TYR A 1 96  ? -7.137  -5.866  -6.651  1.00 20.49 ? 92  TYR A CD2 1 
ATOM   609  C CE1 . TYR A 1 96  ? -8.315  -3.566  -5.470  1.00 19.13 ? 92  TYR A CE1 1 
ATOM   610  C CE2 . TYR A 1 96  ? -8.489  -5.446  -7.055  1.00 21.90 ? 92  TYR A CE2 1 
ATOM   611  C CZ  . TYR A 1 96  ? -9.024  -4.280  -6.442  1.00 24.52 ? 92  TYR A CZ  1 
ATOM   612  O OH  . TYR A 1 96  ? -10.288 -3.809  -6.764  1.00 22.73 ? 92  TYR A OH  1 
ATOM   613  N N   . ILE A 1 97  ? -3.010  -7.381  -3.697  1.00 17.45 ? 93  ILE A N   1 
ATOM   614  C CA  . ILE A 1 97  ? -1.627  -7.745  -3.325  1.00 17.95 ? 93  ILE A CA  1 
ATOM   615  C C   . ILE A 1 97  ? -1.277  -9.141  -3.800  1.00 19.24 ? 93  ILE A C   1 
ATOM   616  O O   . ILE A 1 97  ? -0.134  -9.436  -4.238  1.00 19.70 ? 93  ILE A O   1 
ATOM   617  C CB  . ILE A 1 97  ? -1.477  -7.601  -1.804  1.00 17.85 ? 93  ILE A CB  1 
ATOM   618  C CG1 . ILE A 1 97  ? -1.636  -6.111  -1.421  1.00 18.94 ? 93  ILE A CG1 1 
ATOM   619  C CG2 . ILE A 1 97  ? -0.138  -8.220  -1.268  1.00 17.75 ? 93  ILE A CG2 1 
ATOM   620  C CD1 . ILE A 1 97  ? -1.551  -5.847  0.172   1.00 20.75 ? 93  ILE A CD1 1 
ATOM   621  N N   . GLN A 1 98  ? -2.235  -10.069 -3.630  1.00 20.09 ? 94  GLN A N   1 
ATOM   622  C CA  . GLN A 1 98  ? -1.989  -11.447 -4.091  1.00 21.77 ? 94  GLN A CA  1 
ATOM   623  C C   . GLN A 1 98  ? -1.711  -11.506 -5.561  1.00 22.67 ? 94  GLN A C   1 
ATOM   624  O O   . GLN A 1 98  ? -0.809  -12.207 -6.008  1.00 23.75 ? 94  GLN A O   1 
ATOM   625  C CB  . GLN A 1 98  ? -3.224  -12.292 -3.834  1.00 21.23 ? 94  GLN A CB  1 
ATOM   626  C CG  . GLN A 1 98  ? -3.323  -12.525 -2.329  1.00 27.09 ? 94  GLN A CG  1 
ATOM   627  C CD  . GLN A 1 98  ? -4.305  -13.606 -2.050  1.00 37.73 ? 94  GLN A CD  1 
ATOM   628  O OE1 . GLN A 1 98  ? -5.497  -13.495 -2.412  1.00 35.28 ? 94  GLN A OE1 1 
ATOM   629  N NE2 . GLN A 1 98  ? -3.804  -14.722 -1.508  1.00 40.82 ? 94  GLN A NE2 1 
ATOM   630  N N   . LYS A 1 99  ? -2.527  -10.807 -6.336  1.00 20.55 ? 95  LYS A N   1 
ATOM   631  C CA  . LYS A 1 99  ? -2.307  -10.774 -7.776  1.00 20.12 ? 95  LYS A CA  1 
ATOM   632  C C   . LYS A 1 99  ? -1.047  -10.078 -8.164  1.00 19.38 ? 95  LYS A C   1 
ATOM   633  O O   . LYS A 1 99  ? -0.423  -10.464 -9.161  1.00 19.99 ? 95  LYS A O   1 
ATOM   634  C CB  . LYS A 1 99  ? -3.482  -10.097 -8.484  1.00 20.67 ? 95  LYS A CB  1 
ATOM   635  C CG  . LYS A 1 99  ? -4.693  -11.079 -8.616  1.00 27.73 ? 95  LYS A CG  1 
ATOM   636  C CD  . LYS A 1 99  ? -5.700  -10.551 -9.647  1.00 37.17 ? 95  LYS A CD  1 
ATOM   637  C CE  . LYS A 1 99  ? -6.968  -11.438 -9.745  1.00 39.91 ? 95  LYS A CE  1 
ATOM   638  N NZ  . LYS A 1 99  ? -7.658  -11.407 -8.430  1.00 44.98 ? 95  LYS A NZ  1 
ATOM   639  N N   . ILE A 1 100 ? -0.661  -9.025  -7.450  1.00 18.41 ? 96  ILE A N   1 
ATOM   640  C CA  . ILE A 1 100 ? 0.603   -8.357  -7.788  1.00 19.81 ? 96  ILE A CA  1 
ATOM   641  C C   . ILE A 1 100 ? 1.822   -9.279  -7.418  1.00 20.73 ? 96  ILE A C   1 
ATOM   642  O O   . ILE A 1 100 ? 2.849   -9.420  -8.184  1.00 18.75 ? 96  ILE A O   1 
ATOM   643  C CB  . ILE A 1 100 ? 0.749   -7.036  -6.972  1.00 20.93 ? 96  ILE A CB  1 
ATOM   644  C CG1 . ILE A 1 100 ? -0.240  -5.991  -7.488  1.00 19.80 ? 96  ILE A CG1 1 
ATOM   645  C CG2 . ILE A 1 100 ? 2.239   -6.573  -6.956  1.00 22.37 ? 96  ILE A CG2 1 
ATOM   646  C CD1 . ILE A 1 100 ? -0.562  -4.787  -6.496  1.00 20.71 ? 96  ILE A CD1 1 
ATOM   647  N N   . LYS A 1 101 ? 1.722   -9.918  -6.241  1.00 20.35 ? 97  LYS A N   1 
ATOM   648  C CA  . LYS A 1 101 ? 2.837   -10.774 -5.784  1.00 21.07 ? 97  LYS A CA  1 
ATOM   649  C C   . LYS A 1 101 ? 3.030   -12.058 -6.627  1.00 21.79 ? 97  LYS A C   1 
ATOM   650  O O   . LYS A 1 101 ? 4.180   -12.522 -6.823  1.00 23.84 ? 97  LYS A O   1 
ATOM   651  C CB  . LYS A 1 101 ? 2.642   -11.170 -4.302  1.00 19.64 ? 97  LYS A CB  1 
ATOM   652  C CG  . LYS A 1 101 ? 2.888   -10.040 -3.351  1.00 21.01 ? 97  LYS A CG  1 
ATOM   653  C CD  . LYS A 1 101 ? 3.071   -10.627 -1.910  1.00 25.68 ? 97  LYS A CD  1 
ATOM   654  C CE  . LYS A 1 101 ? 3.775   -9.690  -1.001  1.00 26.72 ? 97  LYS A CE  1 
ATOM   655  N NZ  . LYS A 1 101 ? 4.312   -10.326 0.306   1.00 20.79 ? 97  LYS A NZ  1 
ATOM   656  N N   . SER A 1 102 ? 1.934   -12.637 -7.093  1.00 20.43 ? 98  SER A N   1 
ATOM   657  C CA  . SER A 1 102 ? 2.002   -13.755 -7.987  1.00 21.16 ? 98  SER A CA  1 
ATOM   658  C C   . SER A 1 102 ? 2.377   -13.406 -9.449  1.00 22.15 ? 98  SER A C   1 
ATOM   659  O O   . SER A 1 102 ? 2.633   -14.303 -10.271 1.00 22.65 ? 98  SER A O   1 
ATOM   660  C CB  . SER A 1 102 ? 0.658   -14.438 -7.969  1.00 20.82 ? 98  SER A CB  1 
ATOM   661  O OG  . SER A 1 102 ? -0.288  -13.679 -8.683  1.00 24.85 ? 98  SER A OG  1 
ATOM   662  N N   . GLY A 1 103 ? 2.333   -12.125 -9.806  1.00 22.22 ? 99  GLY A N   1 
ATOM   663  C CA  . GLY A 1 103 ? 2.686   -11.708 -11.176 1.00 23.36 ? 99  GLY A CA  1 
ATOM   664  C C   . GLY A 1 103 ? 1.470   -11.888 -12.072 1.00 25.62 ? 99  GLY A C   1 
ATOM   665  O O   . GLY A 1 103 ? 1.565   -11.821 -13.296 1.00 25.23 ? 99  GLY A O   1 
ATOM   666  N N   . GLU A 1 104 ? 0.317   -12.137 -11.476 1.00 25.85 ? 100 GLU A N   1 
ATOM   667  C CA  . GLU A 1 104 ? -0.868  -12.261 -12.261 1.00 28.06 ? 100 GLU A CA  1 
ATOM   668  C C   . GLU A 1 104 ? -1.306  -10.910 -12.845 1.00 28.45 ? 100 GLU A C   1 
ATOM   669  O O   . GLU A 1 104 ? -1.810  -10.852 -13.979 1.00 28.42 ? 100 GLU A O   1 
ATOM   670  C CB  . GLU A 1 104 ? -1.981  -12.860 -11.420 1.00 29.15 ? 100 GLU A CB  1 
ATOM   671  C CG  . GLU A 1 104 ? -3.109  -13.343 -12.247 1.00 37.22 ? 100 GLU A CG  1 
ATOM   672  C CD  . GLU A 1 104 ? -4.229  -13.937 -11.400 1.00 48.70 ? 100 GLU A CD  1 
ATOM   673  O OE1 . GLU A 1 104 ? -3.951  -14.705 -10.395 1.00 51.32 ? 100 GLU A OE1 1 
ATOM   674  O OE2 . GLU A 1 104 ? -5.381  -13.600 -11.750 1.00 51.23 ? 100 GLU A OE2 1 
ATOM   675  N N   . GLU A 1 105 ? -1.169  -9.827  -12.066 1.00 27.65 ? 101 GLU A N   1 
ATOM   676  C CA  . GLU A 1 105 ? -1.436  -8.494  -12.592 1.00 29.58 ? 101 GLU A CA  1 
ATOM   677  C C   . GLU A 1 105 ? -0.336  -7.622  -12.120 1.00 29.42 ? 101 GLU A C   1 
ATOM   678  O O   . GLU A 1 105 ? 0.233   -7.883  -11.068 1.00 31.35 ? 101 GLU A O   1 
ATOM   679  C CB  . GLU A 1 105 ? -2.728  -7.931  -12.024 1.00 30.95 ? 101 GLU A CB  1 
ATOM   680  C CG  . GLU A 1 105 ? -3.971  -8.621  -12.446 1.00 35.21 ? 101 GLU A CG  1 
ATOM   681  C CD  . GLU A 1 105 ? -4.251  -8.460  -13.930 1.00 40.49 ? 101 GLU A CD  1 
ATOM   682  O OE1 . GLU A 1 105 ? -3.838  -7.443  -14.561 1.00 42.34 ? 101 GLU A OE1 1 
ATOM   683  O OE2 . GLU A 1 105 ? -4.867  -9.412  -14.457 1.00 46.84 ? 101 GLU A OE2 1 
ATOM   684  N N   . ASP A 1 106 ? -0.011  -6.572  -12.849 1.00 27.68 ? 102 ASP A N   1 
ATOM   685  C CA  . ASP A 1 106 ? 0.953   -5.658  -12.270 1.00 26.32 ? 102 ASP A CA  1 
ATOM   686  C C   . ASP A 1 106 ? 0.299   -4.477  -11.505 1.00 23.84 ? 102 ASP A C   1 
ATOM   687  O O   . ASP A 1 106 ? -0.899  -4.191  -11.651 1.00 22.01 ? 102 ASP A O   1 
ATOM   688  C CB  . ASP A 1 106 ? 2.139   -5.272  -13.189 1.00 29.88 ? 102 ASP A CB  1 
ATOM   689  C CG  . ASP A 1 106 ? 1.743   -4.457  -14.376 1.00 33.86 ? 102 ASP A CG  1 
ATOM   690  O OD1 . ASP A 1 106 ? 2.506   -4.448  -15.421 1.00 35.59 ? 102 ASP A OD1 1 
ATOM   691  O OD2 . ASP A 1 106 ? 0.684   -3.808  -14.276 1.00 39.08 ? 102 ASP A OD2 1 
ATOM   692  N N   . PHE A 1 107 ? 1.054   -3.949  -10.570 1.00 21.04 ? 103 PHE A N   1 
ATOM   693  C CA  . PHE A 1 107 ? 0.584   -2.824  -9.738  1.00 21.68 ? 103 PHE A CA  1 
ATOM   694  C C   . PHE A 1 107 ? -0.118  -1.741  -10.586 1.00 21.01 ? 103 PHE A C   1 
ATOM   695  O O   . PHE A 1 107 ? -1.190  -1.259  -10.216 1.00 19.08 ? 103 PHE A O   1 
ATOM   696  C CB  . PHE A 1 107 ? 1.782   -2.202  -8.993  1.00 20.17 ? 103 PHE A CB  1 
ATOM   697  C CG  . PHE A 1 107 ? 1.386   -1.040  -8.108  1.00 24.51 ? 103 PHE A CG  1 
ATOM   698  C CD1 . PHE A 1 107 ? 0.919   -1.263  -6.803  1.00 26.35 ? 103 PHE A CD1 1 
ATOM   699  C CD2 . PHE A 1 107 ? 1.349   0.265   -8.641  1.00 24.16 ? 103 PHE A CD2 1 
ATOM   700  C CE1 . PHE A 1 107 ? 0.448   -0.151  -6.006  1.00 24.77 ? 103 PHE A CE1 1 
ATOM   701  C CE2 . PHE A 1 107 ? 0.847   1.362   -7.855  1.00 22.17 ? 103 PHE A CE2 1 
ATOM   702  C CZ  . PHE A 1 107 ? 0.464   1.143   -6.578  1.00 21.67 ? 103 PHE A CZ  1 
ATOM   703  N N   . GLU A 1 108 ? 0.563   -1.276  -11.659 1.00 21.32 ? 104 GLU A N   1 
ATOM   704  C CA  . GLU A 1 108 ? 0.081   -0.127  -12.468 1.00 21.86 ? 104 GLU A CA  1 
ATOM   705  C C   . GLU A 1 108 ? -1.278  -0.450  -13.073 1.00 21.22 ? 104 GLU A C   1 
ATOM   706  O O   . GLU A 1 108 ? -2.149  0.402   -13.124 1.00 22.11 ? 104 GLU A O   1 
ATOM   707  C CB  . GLU A 1 108 ? 1.045   0.163   -13.640 1.00 21.47 ? 104 GLU A CB  1 
ATOM   708  C CG  . GLU A 1 108 ? 2.351   0.775   -13.170 1.00 22.83 ? 104 GLU A CG  1 
ATOM   709  C CD  . GLU A 1 108 ? 3.410   -0.244  -12.720 1.00 22.60 ? 104 GLU A CD  1 
ATOM   710  O OE1 . GLU A 1 108 ? 3.170   -1.476  -12.570 1.00 19.99 ? 104 GLU A OE1 1 
ATOM   711  O OE2 . GLU A 1 108 ? 4.573   0.188   -12.630 1.00 25.26 ? 104 GLU A OE2 1 
ATOM   712  N N   . SER A 1 109 ? -1.446  -1.682  -13.559 1.00 22.47 ? 105 SER A N   1 
ATOM   713  C CA  . SER A 1 109 ? -2.770  -2.051  -14.101 1.00 24.71 ? 105 SER A CA  1 
ATOM   714  C C   . SER A 1 109 ? -3.884  -2.025  -13.080 1.00 23.51 ? 105 SER A C   1 
ATOM   715  O O   . SER A 1 109 ? -5.012  -1.654  -13.403 1.00 23.87 ? 105 SER A O   1 
ATOM   716  C CB  . SER A 1 109 ? -2.752  -3.437  -14.700 1.00 25.47 ? 105 SER A CB  1 
ATOM   717  O OG  . SER A 1 109 ? -1.807  -3.390  -15.764 1.00 35.24 ? 105 SER A OG  1 
ATOM   718  N N   . LEU A 1 110 ? -3.632  -2.592  -11.901 1.00 23.16 ? 106 LEU A N   1 
ATOM   719  C CA  . LEU A 1 110 ? -4.692  -2.548  -10.844 1.00 20.65 ? 106 LEU A CA  1 
ATOM   720  C C   . LEU A 1 110 ? -4.929  -1.158  -10.342 1.00 20.31 ? 106 LEU A C   1 
ATOM   721  O O   . LEU A 1 110 ? -6.067  -0.839  -9.998  1.00 20.23 ? 106 LEU A O   1 
ATOM   722  C CB  . LEU A 1 110 ? -4.315  -3.481  -9.656  1.00 20.01 ? 106 LEU A CB  1 
ATOM   723  C CG  . LEU A 1 110 ? -4.170  -4.978  -10.041 1.00 17.01 ? 106 LEU A CG  1 
ATOM   724  C CD1 . LEU A 1 110 ? -3.808  -5.880  -8.806  1.00 16.09 ? 106 LEU A CD1 1 
ATOM   725  C CD2 . LEU A 1 110 ? -5.453  -5.622  -10.746 1.00 18.27 ? 106 LEU A CD2 1 
ATOM   726  N N   . ALA A 1 111 ? -3.879  -0.312  -10.222 1.00 19.30 ? 107 ALA A N   1 
ATOM   727  C CA  . ALA A 1 111 ? -4.102  1.077   -9.775  1.00 19.22 ? 107 ALA A CA  1 
ATOM   728  C C   . ALA A 1 111 ? -4.980  1.801   -10.805 1.00 21.04 ? 107 ALA A C   1 
ATOM   729  O O   . ALA A 1 111 ? -5.914  2.505   -10.455 1.00 19.37 ? 107 ALA A O   1 
ATOM   730  C CB  . ALA A 1 111 ? -2.731  1.836   -9.654  1.00 19.57 ? 107 ALA A CB  1 
ATOM   731  N N   . SER A 1 112 ? -4.636  1.670   -12.094 1.00 20.80 ? 108 SER A N   1 
ATOM   732  C CA  . SER A 1 112 ? -5.402  2.351   -13.146 1.00 20.51 ? 108 SER A CA  1 
ATOM   733  C C   . SER A 1 112 ? -6.863  1.973   -13.087 1.00 20.63 ? 108 SER A C   1 
ATOM   734  O O   . SER A 1 112 ? -7.756  2.834   -13.252 1.00 21.42 ? 108 SER A O   1 
ATOM   735  C CB  . SER A 1 112 ? -4.841  1.919   -14.537 1.00 19.55 ? 108 SER A CB  1 
ATOM   736  O OG  . SER A 1 112 ? -3.591  2.528   -14.653 1.00 25.83 ? 108 SER A OG  1 
ATOM   737  N N   . GLN A 1 113 ? -7.125  0.689   -12.972 1.00 20.69 ? 109 GLN A N   1 
ATOM   738  C CA  . GLN A 1 113 ? -8.502  0.213   -13.023 1.00 23.19 ? 109 GLN A CA  1 
ATOM   739  C C   . GLN A 1 113 ? -9.268  0.387   -11.715 1.00 23.32 ? 109 GLN A C   1 
ATOM   740  O O   . GLN A 1 113 ? -10.470 0.596   -11.743 1.00 23.96 ? 109 GLN A O   1 
ATOM   741  C CB  . GLN A 1 113 ? -8.531  -1.261  -13.312 1.00 23.83 ? 109 GLN A CB  1 
ATOM   742  C CG  . GLN A 1 113 ? -7.841  -1.666  -14.624 1.00 27.15 ? 109 GLN A CG  1 
ATOM   743  C CD  . GLN A 1 113 ? -7.746  -3.212  -14.756 1.00 30.75 ? 109 GLN A CD  1 
ATOM   744  O OE1 . GLN A 1 113 ? -6.667  -3.797  -14.715 1.00 32.11 ? 109 GLN A OE1 1 
ATOM   745  N NE2 . GLN A 1 113 ? -8.859  -3.835  -14.932 1.00 27.03 ? 109 GLN A NE2 1 
ATOM   746  N N   . PHE A 1 114 ? -8.611  0.254   -10.571 1.00 22.23 ? 110 PHE A N   1 
ATOM   747  C CA  . PHE A 1 114 ? -9.382  0.047   -9.313  1.00 21.60 ? 110 PHE A CA  1 
ATOM   748  C C   . PHE A 1 114 ? -9.138  1.038   -8.204  1.00 22.20 ? 110 PHE A C   1 
ATOM   749  O O   . PHE A 1 114 ? -9.853  1.022   -7.187  1.00 22.97 ? 110 PHE A O   1 
ATOM   750  C CB  . PHE A 1 114 ? -9.169  -1.375  -8.745  1.00 23.30 ? 110 PHE A CB  1 
ATOM   751  C CG  . PHE A 1 114 ? -9.577  -2.458  -9.701  1.00 23.71 ? 110 PHE A CG  1 
ATOM   752  C CD1 . PHE A 1 114 ? -8.660  -3.383  -10.140 1.00 21.85 ? 110 PHE A CD1 1 
ATOM   753  C CD2 . PHE A 1 114 ? -10.864 -2.497  -10.209 1.00 21.84 ? 110 PHE A CD2 1 
ATOM   754  C CE1 . PHE A 1 114 ? -9.006  -4.384  -11.077 1.00 26.17 ? 110 PHE A CE1 1 
ATOM   755  C CE2 . PHE A 1 114 ? -11.243 -3.499  -11.174 1.00 25.46 ? 110 PHE A CE2 1 
ATOM   756  C CZ  . PHE A 1 114 ? -10.311 -4.421  -11.602 1.00 25.52 ? 110 PHE A CZ  1 
ATOM   757  N N   . SER A 1 115 ? -8.125  1.869   -8.328  1.00 20.66 ? 111 SER A N   1 
ATOM   758  C CA  . SER A 1 115 ? -7.846  2.813   -7.266  1.00 20.87 ? 111 SER A CA  1 
ATOM   759  C C   . SER A 1 115 ? -8.921  3.908   -7.217  1.00 21.86 ? 111 SER A C   1 
ATOM   760  O O   . SER A 1 115 ? -9.363  4.442   -8.287  1.00 22.75 ? 111 SER A O   1 
ATOM   761  C CB  . SER A 1 115 ? -6.486  3.458   -7.422  1.00 20.92 ? 111 SER A CB  1 
ATOM   762  O OG  . SER A 1 115 ? -6.226  4.406   -6.375  1.00 19.79 ? 111 SER A OG  1 
ATOM   763  N N   . ASP A 1 116 ? -9.331  4.223   -5.984  1.00 19.63 ? 112 ASP A N   1 
ATOM   764  C CA  . ASP A 1 116 ? -10.375 5.189   -5.722  1.00 20.73 ? 112 ASP A CA  1 
ATOM   765  C C   . ASP A 1 116 ? -9.756  6.562   -5.565  1.00 22.33 ? 112 ASP A C   1 
ATOM   766  O O   . ASP A 1 116 ? -10.468 7.498   -5.247  1.00 24.28 ? 112 ASP A O   1 
ATOM   767  C CB  . ASP A 1 116 ? -11.164 4.878   -4.418  1.00 20.08 ? 112 ASP A CB  1 
ATOM   768  C CG  . ASP A 1 116 ? -12.228 3.855   -4.611  1.00 19.69 ? 112 ASP A CG  1 
ATOM   769  O OD1 . ASP A 1 116 ? -13.030 3.978   -5.573  1.00 21.97 ? 112 ASP A OD1 1 
ATOM   770  O OD2 . ASP A 1 116 ? -12.344 2.894   -3.802  1.00 24.59 ? 112 ASP A OD2 1 
ATOM   771  N N   . CYS A 1 117 ? -8.458  6.719   -5.818  1.00 21.57 ? 113 CYS A N   1 
ATOM   772  C CA  . CYS A 1 117 ? -7.859  8.012   -5.913  1.00 23.74 ? 113 CYS A CA  1 
ATOM   773  C C   . CYS A 1 117 ? -7.729  8.480   -7.408  1.00 26.43 ? 113 CYS A C   1 
ATOM   774  O O   . CYS A 1 117 ? -7.455  7.665   -8.298  1.00 25.61 ? 113 CYS A O   1 
ATOM   775  C CB  . CYS A 1 117 ? -6.483  7.925   -5.286  1.00 21.81 ? 113 CYS A CB  1 
ATOM   776  S SG  . CYS A 1 117 ? -5.456  9.444   -5.253  1.00 23.41 ? 113 CYS A SG  1 
ATOM   777  N N   . SER A 1 118 ? -7.867  9.783   -7.659  1.00 26.65 ? 114 SER A N   1 
ATOM   778  C CA  . SER A 1 118 ? -7.749  10.318  -9.049  1.00 27.41 ? 114 SER A CA  1 
ATOM   779  C C   . SER A 1 118 ? -6.375  10.128  -9.629  1.00 25.51 ? 114 SER A C   1 
ATOM   780  O O   . SER A 1 118 ? -6.231  10.156  -10.869 1.00 25.85 ? 114 SER A O   1 
ATOM   781  C CB  . SER A 1 118 ? -8.130  11.816  -9.111  1.00 27.29 ? 114 SER A CB  1 
ATOM   782  O OG  . SER A 1 118 ? -7.326  12.556  -8.232  1.00 32.37 ? 114 SER A OG  1 
ATOM   783  N N   . SER A 1 119 ? -5.367  9.862   -8.764  1.00 25.70 ? 115 SER A N   1 
ATOM   784  C CA  . SER A 1 119 ? -4.051  9.410   -9.217  1.00 22.92 ? 115 SER A CA  1 
ATOM   785  C C   . SER A 1 119 ? -4.052  8.093   -10.019 1.00 22.21 ? 115 SER A C   1 
ATOM   786  O O   . SER A 1 119 ? -3.025  7.759   -10.615 1.00 21.66 ? 115 SER A O   1 
ATOM   787  C CB  . SER A 1 119 ? -3.012  9.328   -8.061  1.00 24.83 ? 115 SER A CB  1 
ATOM   788  O OG  . SER A 1 119 ? -3.427  8.276   -7.190  1.00 24.58 ? 115 SER A OG  1 
ATOM   789  N N   . ALA A 1 120 ? -5.137  7.304   -9.973  1.00 21.49 ? 116 ALA A N   1 
ATOM   790  C CA  . ALA A 1 120 ? -5.365  6.149   -10.855 1.00 21.72 ? 116 ALA A CA  1 
ATOM   791  C C   . ALA A 1 120 ? -5.007  6.479   -12.311 1.00 21.43 ? 116 ALA A C   1 
ATOM   792  O O   . ALA A 1 120 ? -4.442  5.629   -13.028 1.00 19.11 ? 116 ALA A O   1 
ATOM   793  C CB  . ALA A 1 120 ? -6.842  5.711   -10.825 1.00 18.03 ? 116 ALA A CB  1 
ATOM   794  N N   . LYS A 1 121 ? -5.279  7.717   -12.709 1.00 21.50 ? 117 LYS A N   1 
ATOM   795  C CA  . LYS A 1 121 ? -5.128  8.127   -14.129 1.00 23.32 ? 117 LYS A CA  1 
ATOM   796  C C   . LYS A 1 121 ? -3.669  8.222   -14.524 1.00 21.56 ? 117 LYS A C   1 
ATOM   797  O O   . LYS A 1 121 ? -3.327  8.116   -15.736 1.00 19.33 ? 117 LYS A O   1 
ATOM   798  C CB  . LYS A 1 121 ? -5.814  9.462   -14.449 1.00 23.54 ? 117 LYS A CB  1 
ATOM   799  C CG  . LYS A 1 121 ? -7.285  9.461   -14.223 1.00 29.62 ? 117 LYS A CG  1 
ATOM   800  C CD  . LYS A 1 121 ? -7.928  8.091   -14.575 1.00 27.16 ? 117 LYS A CD  1 
ATOM   801  C CE  . LYS A 1 121 ? -9.170  7.837   -13.695 1.00 31.20 ? 117 LYS A CE  1 
ATOM   802  N NZ  . LYS A 1 121 ? -10.163 7.055   -14.483 1.00 33.61 ? 117 LYS A NZ  1 
ATOM   803  N N   . ALA A 1 122 ? -2.822  8.327   -13.508 1.00 20.69 ? 118 ALA A N   1 
ATOM   804  C CA  . ALA A 1 122 ? -1.356  8.243   -13.698 1.00 20.74 ? 118 ALA A CA  1 
ATOM   805  C C   . ALA A 1 122 ? -0.733  6.915   -13.166 1.00 19.90 ? 118 ALA A C   1 
ATOM   806  O O   . ALA A 1 122 ? 0.401   6.924   -12.715 1.00 19.92 ? 118 ALA A O   1 
ATOM   807  C CB  . ALA A 1 122 ? -0.662  9.501   -13.075 1.00 21.50 ? 118 ALA A CB  1 
ATOM   808  N N   . ARG A 1 123 ? -1.473  5.807   -13.268 1.00 18.90 ? 119 ARG A N   1 
ATOM   809  C CA  A ARG A 1 123 ? -1.030  4.448   -12.781 0.50 18.51 ? 119 ARG A CA  1 
ATOM   810  C CA  B ARG A 1 123 ? -1.017  4.455   -12.799 0.50 18.76 ? 119 ARG A CA  1 
ATOM   811  C C   . ARG A 1 123 ? -0.630  4.558   -11.314 1.00 18.79 ? 119 ARG A C   1 
ATOM   812  O O   . ARG A 1 123 ? 0.265   3.839   -10.829 1.00 17.81 ? 119 ARG A O   1 
ATOM   813  C CB  A ARG A 1 123 ? 0.115   3.824   -13.619 0.50 17.67 ? 119 ARG A CB  1 
ATOM   814  C CB  B ARG A 1 123 ? 0.143   3.882   -13.655 0.50 18.25 ? 119 ARG A CB  1 
ATOM   815  C CG  A ARG A 1 123 ? -0.216  3.752   -15.146 0.50 18.95 ? 119 ARG A CG  1 
ATOM   816  C CG  B ARG A 1 123 ? -0.041  4.112   -15.216 0.50 20.16 ? 119 ARG A CG  1 
ATOM   817  C CD  A ARG A 1 123 ? 1.007   3.257   -16.061 0.50 16.52 ? 119 ARG A CD  1 
ATOM   818  C CD  B ARG A 1 123 ? 1.311   3.879   -16.020 0.50 19.76 ? 119 ARG A CD  1 
ATOM   819  N NE  A ARG A 1 123 ? 0.408   2.890   -17.343 0.50 19.25 ? 119 ARG A NE  1 
ATOM   820  N NE  B ARG A 1 123 ? 2.312   4.860   -15.606 0.50 22.52 ? 119 ARG A NE  1 
ATOM   821  C CZ  A ARG A 1 123 ? 0.870   1.988   -18.215 0.50 20.26 ? 119 ARG A CZ  1 
ATOM   822  C CZ  B ARG A 1 123 ? 2.257   6.179   -15.871 0.50 20.62 ? 119 ARG A CZ  1 
ATOM   823  N NH1 A ARG A 1 123 ? 1.978   1.311   -17.952 0.50 23.49 ? 119 ARG A NH1 1 
ATOM   824  N NH1 B ARG A 1 123 ? 1.225   6.721   -16.525 0.50 9.18  ? 119 ARG A NH1 1 
ATOM   825  N NH2 A ARG A 1 123 ? 0.135   1.703   -19.296 0.50 19.50 ? 119 ARG A NH2 1 
ATOM   826  N NH2 B ARG A 1 123 ? 3.187   6.981   -15.370 0.50 23.34 ? 119 ARG A NH2 1 
ATOM   827  N N   . GLY A 1 124 ? -1.294  5.469   -10.615 1.00 18.54 ? 120 GLY A N   1 
ATOM   828  C CA  . GLY A 1 124 ? -1.174  5.609   -9.165  1.00 18.81 ? 120 GLY A CA  1 
ATOM   829  C C   . GLY A 1 124 ? -0.100  6.527   -8.689  1.00 21.09 ? 120 GLY A C   1 
ATOM   830  O O   . GLY A 1 124 ? 0.007   6.754   -7.499  1.00 21.33 ? 120 GLY A O   1 
ATOM   831  N N   . ASP A 1 125 ? 0.666   7.104   -9.626  1.00 20.73 ? 121 ASP A N   1 
ATOM   832  C CA  . ASP A 1 125 ? 1.808   7.934   -9.312  1.00 22.33 ? 121 ASP A CA  1 
ATOM   833  C C   . ASP A 1 125 ? 1.386   9.218   -8.620  1.00 22.88 ? 121 ASP A C   1 
ATOM   834  O O   . ASP A 1 125 ? 0.499   9.967   -9.075  1.00 23.26 ? 121 ASP A O   1 
ATOM   835  C CB  . ASP A 1 125 ? 2.673   8.213   -10.590 1.00 23.14 ? 121 ASP A CB  1 
ATOM   836  C CG  . ASP A 1 125 ? 3.908   9.044   -10.305 1.00 28.21 ? 121 ASP A CG  1 
ATOM   837  O OD1 . ASP A 1 125 ? 4.607   8.907   -9.244  1.00 23.56 ? 121 ASP A OD1 1 
ATOM   838  O OD2 . ASP A 1 125 ? 4.201   9.875   -11.186 1.00 28.52 ? 121 ASP A OD2 1 
ATOM   839  N N   . LEU A 1 126 ? 2.021   9.444   -7.485  1.00 22.07 ? 122 LEU A N   1 
ATOM   840  C CA  . LEU A 1 126 ? 1.792   10.671  -6.708  1.00 23.43 ? 122 LEU A CA  1 
ATOM   841  C C   . LEU A 1 126 ? 2.921   11.682  -6.887  1.00 23.86 ? 122 LEU A C   1 
ATOM   842  O O   . LEU A 1 126 ? 2.825   12.790  -6.352  1.00 24.93 ? 122 LEU A O   1 
ATOM   843  C CB  . LEU A 1 126 ? 1.637   10.343  -5.198  1.00 22.32 ? 122 LEU A CB  1 
ATOM   844  C CG  . LEU A 1 126 ? 0.402   9.536   -4.805  1.00 20.66 ? 122 LEU A CG  1 
ATOM   845  C CD1 . LEU A 1 126 ? 0.543   9.106   -3.348  1.00 20.49 ? 122 LEU A CD1 1 
ATOM   846  C CD2 . LEU A 1 126 ? -0.995  10.269  -5.004  1.00 21.75 ? 122 LEU A CD2 1 
ATOM   847  N N   . GLY A 1 127 ? 4.004   11.296  -7.565  1.00 24.64 ? 123 GLY A N   1 
ATOM   848  C CA  . GLY A 1 127 ? 5.206   12.173  -7.738  1.00 25.36 ? 123 GLY A CA  1 
ATOM   849  C C   . GLY A 1 127 ? 5.997   12.138  -6.428  1.00 26.50 ? 123 GLY A C   1 
ATOM   850  O O   . GLY A 1 127 ? 5.675   11.382  -5.487  1.00 24.65 ? 123 GLY A O   1 
ATOM   851  N N   . ALA A 1 128 ? 7.026   12.969  -6.350  1.00 26.35 ? 124 ALA A N   1 
ATOM   852  C CA  . ALA A 1 128 ? 8.003   12.932  -5.271  1.00 27.58 ? 124 ALA A CA  1 
ATOM   853  C C   . ALA A 1 128 ? 7.494   13.783  -4.119  1.00 29.34 ? 124 ALA A C   1 
ATOM   854  O O   . ALA A 1 128 ? 6.769   14.720  -4.365  1.00 30.36 ? 124 ALA A O   1 
ATOM   855  C CB  . ALA A 1 128 ? 9.323   13.444  -5.774  1.00 29.44 ? 124 ALA A CB  1 
ATOM   856  N N   . PHE A 1 129 ? 7.829   13.456  -2.864  1.00 30.06 ? 125 PHE A N   1 
ATOM   857  C CA  . PHE A 1 129 ? 7.337   14.280  -1.718  1.00 29.93 ? 125 PHE A CA  1 
ATOM   858  C C   . PHE A 1 129 ? 8.333   14.085  -0.583  1.00 30.79 ? 125 PHE A C   1 
ATOM   859  O O   . PHE A 1 129 ? 9.103   13.130  -0.568  1.00 31.50 ? 125 PHE A O   1 
ATOM   860  C CB  . PHE A 1 129 ? 5.884   13.932  -1.329  1.00 31.10 ? 125 PHE A CB  1 
ATOM   861  C CG  . PHE A 1 129 ? 5.673   12.429  -1.013  1.00 31.95 ? 125 PHE A CG  1 
ATOM   862  C CD1 . PHE A 1 129 ? 5.843   11.950  0.291   1.00 34.51 ? 125 PHE A CD1 1 
ATOM   863  C CD2 . PHE A 1 129 ? 5.319   11.518  -2.037  1.00 34.12 ? 125 PHE A CD2 1 
ATOM   864  C CE1 . PHE A 1 129 ? 5.692   10.587  0.587   1.00 35.10 ? 125 PHE A CE1 1 
ATOM   865  C CE2 . PHE A 1 129 ? 5.149   10.184  -1.771  1.00 34.98 ? 125 PHE A CE2 1 
ATOM   866  C CZ  . PHE A 1 129 ? 5.341   9.689   -0.452  1.00 33.87 ? 125 PHE A CZ  1 
ATOM   867  N N   . SER A 1 130 ? 8.388   15.031  0.342   1.00 34.07 ? 126 SER A N   1 
ATOM   868  C CA  . SER A 1 130 ? 9.276   14.892  1.496   1.00 35.29 ? 126 SER A CA  1 
ATOM   869  C C   . SER A 1 130 ? 8.389   14.642  2.740   1.00 35.72 ? 126 SER A C   1 
ATOM   870  O O   . SER A 1 130 ? 7.156   14.650  2.662   1.00 33.88 ? 126 SER A O   1 
ATOM   871  C CB  . SER A 1 130 ? 10.096  16.191  1.666   1.00 37.63 ? 126 SER A CB  1 
ATOM   872  O OG  . SER A 1 130 ? 9.182   17.190  2.051   1.00 38.45 ? 126 SER A OG  1 
ATOM   873  N N   . ARG A 1 131 ? 9.028   14.409  3.886   1.00 36.82 ? 127 ARG A N   1 
ATOM   874  C CA  . ARG A 1 131 ? 8.255   14.296  5.105   1.00 37.64 ? 127 ARG A CA  1 
ATOM   875  C C   . ARG A 1 131 ? 7.461   15.563  5.375   1.00 38.15 ? 127 ARG A C   1 
ATOM   876  O O   . ARG A 1 131 ? 7.797   16.655  4.872   1.00 38.37 ? 127 ARG A O   1 
ATOM   877  C CB  . ARG A 1 131 ? 9.131   13.844  6.269   1.00 37.33 ? 127 ARG A CB  1 
ATOM   878  C CG  . ARG A 1 131 ? 9.195   12.325  6.327   1.00 36.05 ? 127 ARG A CG  1 
ATOM   879  C CD  . ARG A 1 131 ? 9.786   11.942  7.601   1.00 34.44 ? 127 ARG A CD  1 
ATOM   880  N NE  . ARG A 1 131 ? 10.250  10.567  7.708   1.00 37.41 ? 127 ARG A NE  1 
ATOM   881  C CZ  . ARG A 1 131 ? 9.476   9.560   8.101   1.00 30.82 ? 127 ARG A CZ  1 
ATOM   882  N NH1 . ARG A 1 131 ? 8.205   9.781   8.339   1.00 26.29 ? 127 ARG A NH1 1 
ATOM   883  N NH2 . ARG A 1 131 ? 9.981   8.346   8.238   1.00 33.91 ? 127 ARG A NH2 1 
ATOM   884  N N   . GLY A 1 132 ? 6.327   15.409  6.049   1.00 38.42 ? 128 GLY A N   1 
ATOM   885  C CA  . GLY A 1 132 ? 5.507   16.556  6.390   1.00 38.09 ? 128 GLY A CA  1 
ATOM   886  C C   . GLY A 1 132 ? 4.521   16.991  5.336   1.00 39.20 ? 128 GLY A C   1 
ATOM   887  O O   . GLY A 1 132 ? 3.957   18.048  5.455   1.00 40.26 ? 128 GLY A O   1 
ATOM   888  N N   . GLN A 1 133 ? 4.276   16.197  4.299   1.00 39.76 ? 129 GLN A N   1 
ATOM   889  C CA  . GLN A 1 133 ? 3.199   16.504  3.311   1.00 39.28 ? 129 GLN A CA  1 
ATOM   890  C C   . GLN A 1 133 ? 2.020   15.527  3.387   1.00 39.90 ? 129 GLN A C   1 
ATOM   891  O O   . GLN A 1 133 ? 0.884   15.952  3.238   1.00 40.75 ? 129 GLN A O   1 
ATOM   892  C CB  . GLN A 1 133 ? 3.722   16.488  1.864   1.00 39.15 ? 129 GLN A CB  1 
ATOM   893  C CG  . GLN A 1 133 ? 4.942   17.430  1.588   1.00 40.66 ? 129 GLN A CG  1 
ATOM   894  C CD  . GLN A 1 133 ? 5.493   17.308  0.148   1.00 41.33 ? 129 GLN A CD  1 
ATOM   895  O OE1 . GLN A 1 133 ? 6.713   17.366  -0.096  1.00 38.60 ? 129 GLN A OE1 1 
ATOM   896  N NE2 . GLN A 1 133 ? 4.584   17.114  -0.801  1.00 45.31 ? 129 GLN A NE2 1 
ATOM   897  N N   . MET A 1 134 ? 2.270   14.207  3.516   1.00 37.95 ? 130 MET A N   1 
ATOM   898  C CA  . MET A 1 134 ? 1.133   13.240  3.297   1.00 36.16 ? 130 MET A CA  1 
ATOM   899  C C   . MET A 1 134 ? 0.560   12.854  4.654   1.00 34.50 ? 130 MET A C   1 
ATOM   900  O O   . MET A 1 134 ? 1.266   12.975  5.615   1.00 33.10 ? 130 MET A O   1 
ATOM   901  C CB  . MET A 1 134 ? 1.636   11.945  2.606   1.00 36.55 ? 130 MET A CB  1 
ATOM   902  C CG  . MET A 1 134 ? 2.155   12.070  1.174   1.00 35.80 ? 130 MET A CG  1 
ATOM   903  S SD  . MET A 1 134 ? 0.888   12.633  0.054   1.00 43.47 ? 130 MET A SD  1 
ATOM   904  C CE  . MET A 1 134 ? 1.958   13.109  -1.292  1.00 44.97 ? 130 MET A CE  1 
ATOM   905  N N   . ALA A 1 135 ? -0.679  12.348  4.752   1.00 33.73 ? 131 ALA A N   1 
ATOM   906  C CA  . ALA A 1 135 ? -1.085  11.707  6.038   1.00 32.61 ? 131 ALA A CA  1 
ATOM   907  C C   . ALA A 1 135 ? 0.076   10.876  6.670   1.00 32.86 ? 131 ALA A C   1 
ATOM   908  O O   . ALA A 1 135 ? 0.838   10.144  5.975   1.00 30.61 ? 131 ALA A O   1 
ATOM   909  C CB  . ALA A 1 135 ? -2.326  10.878  5.871   1.00 32.81 ? 131 ALA A CB  1 
ATOM   910  N N   . LYS A 1 136 ? 0.231   10.973  7.990   1.00 30.99 ? 132 LYS A N   1 
ATOM   911  C CA  . LYS A 1 136 ? 1.348   10.260  8.682   1.00 29.63 ? 132 LYS A CA  1 
ATOM   912  C C   . LYS A 1 136 ? 1.521   8.748   8.404   1.00 27.04 ? 132 LYS A C   1 
ATOM   913  O O   . LYS A 1 136 ? 2.636   8.263   8.248   1.00 28.69 ? 132 LYS A O   1 
ATOM   914  C CB  . LYS A 1 136 ? 1.232   10.420  10.210  1.00 29.46 ? 132 LYS A CB  1 
ATOM   915  N N   . PRO A 1 137 ? 0.433   7.983   8.491   1.00 24.88 ? 133 PRO A N   1 
ATOM   916  C CA  . PRO A 1 137 ? 0.637   6.602   8.260   1.00 23.20 ? 133 PRO A CA  1 
ATOM   917  C C   . PRO A 1 137 ? 1.114   6.365   6.790   1.00 22.40 ? 133 PRO A C   1 
ATOM   918  O O   . PRO A 1 137 ? 1.938   5.500   6.557   1.00 20.64 ? 133 PRO A O   1 
ATOM   919  C CB  . PRO A 1 137 ? -0.752  5.987   8.517   1.00 21.31 ? 133 PRO A CB  1 
ATOM   920  C CG  . PRO A 1 137 ? -1.565  7.022   9.118   1.00 24.29 ? 133 PRO A CG  1 
ATOM   921  C CD  . PRO A 1 137 ? -1.001  8.317   8.647   1.00 24.59 ? 133 PRO A CD  1 
ATOM   922  N N   . PHE A 1 138 ? 0.560   7.086   5.825   1.00 22.91 ? 134 PHE A N   1 
ATOM   923  C CA  . PHE A 1 138 ? 1.060   6.947   4.413   1.00 22.25 ? 134 PHE A CA  1 
ATOM   924  C C   . PHE A 1 138 ? 2.538   7.394   4.299   1.00 23.32 ? 134 PHE A C   1 
ATOM   925  O O   . PHE A 1 138 ? 3.430   6.695   3.782   1.00 19.17 ? 134 PHE A O   1 
ATOM   926  C CB  . PHE A 1 138 ? 0.171   7.819   3.516   1.00 23.14 ? 134 PHE A CB  1 
ATOM   927  C CG  . PHE A 1 138 ? 0.405   7.575   2.017   1.00 23.40 ? 134 PHE A CG  1 
ATOM   928  C CD1 . PHE A 1 138 ? -0.410  6.703   1.334   1.00 21.45 ? 134 PHE A CD1 1 
ATOM   929  C CD2 . PHE A 1 138 ? 1.471   8.197   1.337   1.00 22.24 ? 134 PHE A CD2 1 
ATOM   930  C CE1 . PHE A 1 138 ? -0.222  6.455   -0.073  1.00 22.15 ? 134 PHE A CE1 1 
ATOM   931  C CE2 . PHE A 1 138 ? 1.689   7.886   -0.089  1.00 22.86 ? 134 PHE A CE2 1 
ATOM   932  C CZ  . PHE A 1 138 ? 0.815   7.047   -0.742  1.00 17.68 ? 134 PHE A CZ  1 
ATOM   933  N N   . GLU A 1 139 ? 2.865   8.525   4.917   1.00 22.26 ? 135 GLU A N   1 
ATOM   934  C CA  . GLU A 1 139 ? 4.233   8.991   4.871   1.00 23.22 ? 135 GLU A CA  1 
ATOM   935  C C   . GLU A 1 139 ? 5.196   8.075   5.573   1.00 23.53 ? 135 GLU A C   1 
ATOM   936  O O   . GLU A 1 139 ? 6.275   7.770   5.028   1.00 22.66 ? 135 GLU A O   1 
ATOM   937  C CB  . GLU A 1 139 ? 4.335   10.383  5.483   1.00 24.73 ? 135 GLU A CB  1 
ATOM   938  C CG  . GLU A 1 139 ? 5.712   10.712  5.850   1.00 25.68 ? 135 GLU A CG  1 
ATOM   939  C CD  . GLU A 1 139 ? 5.787   11.994  6.783   1.00 33.22 ? 135 GLU A CD  1 
ATOM   940  O OE1 . GLU A 1 139 ? 5.096   12.979  6.370   1.00 29.66 ? 135 GLU A OE1 1 
ATOM   941  O OE2 . GLU A 1 139 ? 6.529   11.928  7.851   1.00 30.17 ? 135 GLU A OE2 1 
ATOM   942  N N   . ASP A 1 140 ? 4.830   7.604   6.777   1.00 22.23 ? 136 ASP A N   1 
ATOM   943  C CA  . ASP A 1 140 ? 5.762   6.675   7.482   1.00 22.43 ? 136 ASP A CA  1 
ATOM   944  C C   . ASP A 1 140 ? 6.028   5.446   6.686   1.00 21.09 ? 136 ASP A C   1 
ATOM   945  O O   . ASP A 1 140 ? 7.148   4.947   6.622   1.00 23.98 ? 136 ASP A O   1 
ATOM   946  C CB  . ASP A 1 140 ? 5.159   6.249   8.843   1.00 22.98 ? 136 ASP A CB  1 
ATOM   947  C CG  . ASP A 1 140 ? 5.337   7.322   9.896   1.00 27.25 ? 136 ASP A CG  1 
ATOM   948  O OD1 . ASP A 1 140 ? 6.115   8.264   9.634   1.00 28.50 ? 136 ASP A OD1 1 
ATOM   949  O OD2 . ASP A 1 140 ? 4.691   7.215   10.946  1.00 32.01 ? 136 ASP A OD2 1 
ATOM   950  N N   . ALA A 1 141 ? 4.980   4.916   6.086   1.00 21.31 ? 137 ALA A N   1 
ATOM   951  C CA  . ALA A 1 141 ? 5.141   3.694   5.271   1.00 21.79 ? 137 ALA A CA  1 
ATOM   952  C C   . ALA A 1 141 ? 6.018   3.989   4.062   1.00 20.69 ? 137 ALA A C   1 
ATOM   953  O O   . ALA A 1 141 ? 6.931   3.233   3.762   1.00 22.02 ? 137 ALA A O   1 
ATOM   954  C CB  . ALA A 1 141 ? 3.749   3.125   4.871   1.00 21.62 ? 137 ALA A CB  1 
ATOM   955  N N   . SER A 1 142 ? 5.790   5.131   3.392   1.00 23.12 ? 138 SER A N   1 
ATOM   956  C CA  . SER A 1 142 ? 6.590   5.456   2.196   1.00 22.45 ? 138 SER A CA  1 
ATOM   957  C C   . SER A 1 142 ? 8.071   5.584   2.483   1.00 22.96 ? 138 SER A C   1 
ATOM   958  O O   . SER A 1 142 ? 8.900   5.094   1.676   1.00 21.11 ? 138 SER A O   1 
ATOM   959  C CB  . SER A 1 142 ? 6.110   6.784   1.638   1.00 20.94 ? 138 SER A CB  1 
ATOM   960  O OG  . SER A 1 142 ? 4.802   6.698   1.198   1.00 20.92 ? 138 SER A OG  1 
ATOM   961  N N   . PHE A 1 143 ? 8.409   6.278   3.598   1.00 22.18 ? 139 PHE A N   1 
ATOM   962  C CA  . PHE A 1 143 ? 9.814   6.443   3.982   1.00 24.50 ? 139 PHE A CA  1 
ATOM   963  C C   . PHE A 1 143 ? 10.443  5.243   4.528   1.00 24.67 ? 139 PHE A C   1 
ATOM   964  O O   . PHE A 1 143 ? 11.685  5.180   4.507   1.00 27.48 ? 139 PHE A O   1 
ATOM   965  C CB  . PHE A 1 143 ? 10.038  7.658   4.878   1.00 23.28 ? 139 PHE A CB  1 
ATOM   966  C CG  . PHE A 1 143 ? 10.036  8.954   4.103   1.00 25.21 ? 139 PHE A CG  1 
ATOM   967  C CD1 . PHE A 1 143 ? 8.841   9.567   3.757   1.00 22.66 ? 139 PHE A CD1 1 
ATOM   968  C CD2 . PHE A 1 143 ? 11.250  9.527   3.663   1.00 28.21 ? 139 PHE A CD2 1 
ATOM   969  C CE1 . PHE A 1 143 ? 8.826   10.750  3.040   1.00 28.76 ? 139 PHE A CE1 1 
ATOM   970  C CE2 . PHE A 1 143 ? 11.231  10.687  2.928   1.00 27.10 ? 139 PHE A CE2 1 
ATOM   971  C CZ  . PHE A 1 143 ? 10.003  11.309  2.618   1.00 26.01 ? 139 PHE A CZ  1 
ATOM   972  N N   . ALA A 1 144 ? 9.637   4.226   4.901   1.00 23.46 ? 140 ALA A N   1 
ATOM   973  C CA  . ALA A 1 144 ? 10.219  2.957   5.392   1.00 22.05 ? 140 ALA A CA  1 
ATOM   974  C C   . ALA A 1 144 ? 10.441  1.915   4.278   1.00 22.26 ? 140 ALA A C   1 
ATOM   975  O O   . ALA A 1 144 ? 11.149  0.935   4.456   1.00 22.90 ? 140 ALA A O   1 
ATOM   976  C CB  . ALA A 1 144 ? 9.365   2.365   6.558   1.00 21.22 ? 140 ALA A CB  1 
ATOM   977  N N   . LEU A 1 145 ? 9.922   2.186   3.097   1.00 22.37 ? 141 LEU A N   1 
ATOM   978  C CA  . LEU A 1 145 ? 10.184  1.327   1.935   1.00 22.34 ? 141 LEU A CA  1 
ATOM   979  C C   . LEU A 1 145 ? 11.491  1.746   1.346   1.00 23.53 ? 141 LEU A C   1 
ATOM   980  O O   . LEU A 1 145 ? 11.856  2.939   1.442   1.00 24.45 ? 141 LEU A O   1 
ATOM   981  C CB  . LEU A 1 145 ? 9.099   1.562   0.843   1.00 21.96 ? 141 LEU A CB  1 
ATOM   982  C CG  . LEU A 1 145 ? 7.674   1.153   1.231   1.00 22.05 ? 141 LEU A CG  1 
ATOM   983  C CD1 . LEU A 1 145 ? 6.621   1.778   0.315   1.00 18.30 ? 141 LEU A CD1 1 
ATOM   984  C CD2 . LEU A 1 145 ? 7.522   -0.382  1.346   1.00 20.72 ? 141 LEU A CD2 1 
ATOM   985  N N   . ARG A 1 146 ? 12.186  0.799   0.731   1.00 25.91 ? 142 ARG A N   1 
ATOM   986  C CA  . ARG A 1 146 ? 13.302  1.094   -0.150  1.00 26.80 ? 142 ARG A CA  1 
ATOM   987  C C   . ARG A 1 146 ? 12.796  1.126   -1.606  1.00 25.87 ? 142 ARG A C   1 
ATOM   988  O O   . ARG A 1 146 ? 11.727  0.602   -1.878  1.00 22.08 ? 142 ARG A O   1 
ATOM   989  C CB  . ARG A 1 146 ? 14.429  0.074   0.038   1.00 29.03 ? 142 ARG A CB  1 
ATOM   990  C CG  . ARG A 1 146 ? 15.441  0.467   1.204   1.00 33.97 ? 142 ARG A CG  1 
ATOM   991  C CD  . ARG A 1 146 ? 14.886  0.136   2.605   1.00 40.56 ? 142 ARG A CD  1 
ATOM   992  N NE  . ARG A 1 146 ? 14.366  -1.252  2.615   1.00 41.21 ? 142 ARG A NE  1 
ATOM   993  C CZ  . ARG A 1 146 ? 15.093  -2.348  2.884   1.00 44.10 ? 142 ARG A CZ  1 
ATOM   994  N NH1 . ARG A 1 146 ? 16.404  -2.243  3.176   1.00 44.35 ? 142 ARG A NH1 1 
ATOM   995  N NH2 . ARG A 1 146 ? 14.509  -3.555  2.870   1.00 38.66 ? 142 ARG A NH2 1 
ATOM   996  N N   . THR A 1 147 ? 13.549  1.785   -2.501  1.00 26.49 ? 143 THR A N   1 
ATOM   997  C CA  . THR A 1 147 ? 13.130  1.952   -3.893  1.00 28.11 ? 143 THR A CA  1 
ATOM   998  C C   . THR A 1 147 ? 12.794  0.571   -4.438  1.00 26.60 ? 143 THR A C   1 
ATOM   999  O O   . THR A 1 147 ? 13.539  -0.347  -4.200  1.00 26.91 ? 143 THR A O   1 
ATOM   1000 C CB  . THR A 1 147 ? 14.293  2.584   -4.688  1.00 29.13 ? 143 THR A CB  1 
ATOM   1001 O OG1 . THR A 1 147 ? 14.377  3.942   -4.275  1.00 33.92 ? 143 THR A OG1 1 
ATOM   1002 C CG2 . THR A 1 147 ? 13.984  2.550   -6.177  1.00 31.98 ? 143 THR A CG2 1 
ATOM   1003 N N   . GLY A 1 148 ? 11.648  0.387   -5.100  1.00 25.93 ? 144 GLY A N   1 
ATOM   1004 C CA  . GLY A 1 148 ? 11.314  -0.924  -5.628  1.00 24.22 ? 144 GLY A CA  1 
ATOM   1005 C C   . GLY A 1 148 ? 10.328  -1.717  -4.742  1.00 23.84 ? 144 GLY A C   1 
ATOM   1006 O O   . GLY A 1 148 ? 9.619   -2.554  -5.240  1.00 24.81 ? 144 GLY A O   1 
ATOM   1007 N N   . GLU A 1 149 ? 10.273  -1.423  -3.426  1.00 22.28 ? 145 GLU A N   1 
ATOM   1008 C CA  . GLU A 1 149 ? 9.460   -2.253  -2.457  1.00 20.51 ? 145 GLU A CA  1 
ATOM   1009 C C   . GLU A 1 149 ? 8.050   -1.725  -2.374  1.00 19.99 ? 145 GLU A C   1 
ATOM   1010 O O   . GLU A 1 149 ? 7.784   -0.572  -2.692  1.00 20.75 ? 145 GLU A O   1 
ATOM   1011 C CB  . GLU A 1 149 ? 10.074  -2.197  -1.029  1.00 18.55 ? 145 GLU A CB  1 
ATOM   1012 C CG  . GLU A 1 149 ? 11.390  -2.910  -0.910  1.00 20.95 ? 145 GLU A CG  1 
ATOM   1013 C CD  . GLU A 1 149 ? 11.933  -2.827  0.553   1.00 25.90 ? 145 GLU A CD  1 
ATOM   1014 O OE1 . GLU A 1 149 ? 11.785  -1.722  1.232   1.00 25.48 ? 145 GLU A OE1 1 
ATOM   1015 O OE2 . GLU A 1 149 ? 12.509  -3.860  0.968   1.00 29.42 ? 145 GLU A OE2 1 
ATOM   1016 N N   . MET A 1 150 ? 7.149   -2.629  -1.982  1.00 18.61 ? 146 MET A N   1 
ATOM   1017 C CA  . MET A 1 150 ? 5.734   -2.383  -1.911  1.00 19.64 ? 146 MET A CA  1 
ATOM   1018 C C   . MET A 1 150 ? 5.263   -2.638  -0.481  1.00 18.91 ? 146 MET A C   1 
ATOM   1019 O O   . MET A 1 150 ? 5.716   -3.574  0.161   1.00 17.24 ? 146 MET A O   1 
ATOM   1020 C CB  . MET A 1 150 ? 4.995   -3.319  -2.856  1.00 18.99 ? 146 MET A CB  1 
ATOM   1021 C CG  . MET A 1 150 ? 3.545   -3.031  -2.923  1.00 21.90 ? 146 MET A CG  1 
ATOM   1022 S SD  . MET A 1 150 ? 2.743   -4.147  -4.092  1.00 20.52 ? 146 MET A SD  1 
ATOM   1023 C CE  . MET A 1 150 ? 2.672   -5.702  -3.164  1.00 23.48 ? 146 MET A CE  1 
ATOM   1024 N N   . SER A 1 151 ? 4.325   -1.828  -0.011  1.00 20.34 ? 147 SER A N   1 
ATOM   1025 C CA  . SER A 1 151 ? 3.770   -2.015  1.335   1.00 18.73 ? 147 SER A CA  1 
ATOM   1026 C C   . SER A 1 151 ? 2.736   -3.158  1.380   1.00 20.54 ? 147 SER A C   1 
ATOM   1027 O O   . SER A 1 151 ? 2.263   -3.673  0.325   1.00 18.94 ? 147 SER A O   1 
ATOM   1028 C CB  . SER A 1 151 ? 3.126   -0.726  1.778   1.00 15.16 ? 147 SER A CB  1 
ATOM   1029 O OG  . SER A 1 151 ? 1.840   -0.509  1.132   1.00 16.28 ? 147 SER A OG  1 
ATOM   1030 N N   . GLY A 1 152 ? 2.354   -3.571  2.596   1.00 19.43 ? 148 GLY A N   1 
ATOM   1031 C CA  . GLY A 1 152 ? 1.012   -4.148  2.721   1.00 19.99 ? 148 GLY A CA  1 
ATOM   1032 C C   . GLY A 1 152 ? -0.101  -3.086  2.851   1.00 20.29 ? 148 GLY A C   1 
ATOM   1033 O O   . GLY A 1 152 ? 0.063   -1.920  2.478   1.00 19.59 ? 148 GLY A O   1 
ATOM   1034 N N   . PRO A 1 153 ? -1.279  -3.510  3.365   1.00 20.82 ? 149 PRO A N   1 
ATOM   1035 C CA  . PRO A 1 153 ? -2.406  -2.657  3.610   1.00 20.81 ? 149 PRO A CA  1 
ATOM   1036 C C   . PRO A 1 153 ? -1.985  -1.581  4.598   1.00 21.58 ? 149 PRO A C   1 
ATOM   1037 O O   . PRO A 1 153 ? -1.481  -1.882  5.700   1.00 22.14 ? 149 PRO A O   1 
ATOM   1038 C CB  . PRO A 1 153 ? -3.485  -3.585  4.170   1.00 23.53 ? 149 PRO A CB  1 
ATOM   1039 C CG  . PRO A 1 153 ? -3.000  -5.012  3.967   1.00 23.11 ? 149 PRO A CG  1 
ATOM   1040 C CD  . PRO A 1 153 ? -1.463  -4.903  3.866   1.00 21.03 ? 149 PRO A CD  1 
ATOM   1041 N N   . VAL A 1 154 ? -2.067  -0.328  4.155   1.00 20.76 ? 150 VAL A N   1 
ATOM   1042 C CA  . VAL A 1 154 ? -1.771  0.848   4.993   1.00 19.21 ? 150 VAL A CA  1 
ATOM   1043 C C   . VAL A 1 154 ? -3.061  1.635   5.145   1.00 21.02 ? 150 VAL A C   1 
ATOM   1044 O O   . VAL A 1 154 ? -3.736  2.047   4.152   1.00 20.01 ? 150 VAL A O   1 
ATOM   1045 C CB  . VAL A 1 154 ? -0.635  1.728   4.417   1.00 20.15 ? 150 VAL A CB  1 
ATOM   1046 C CG1 . VAL A 1 154 ? -0.475  3.037   5.244   1.00 19.66 ? 150 VAL A CG1 1 
ATOM   1047 C CG2 . VAL A 1 154 ? 0.687   0.943   4.420   1.00 18.77 ? 150 VAL A CG2 1 
ATOM   1048 N N   . PHE A 1 155 ? -3.478  1.816   6.406   1.00 20.65 ? 151 PHE A N   1 
ATOM   1049 C CA  . PHE A 1 155 ? -4.746  2.482   6.659   1.00 20.49 ? 151 PHE A CA  1 
ATOM   1050 C C   . PHE A 1 155 ? -4.558  3.977   6.911   1.00 19.78 ? 151 PHE A C   1 
ATOM   1051 O O   . PHE A 1 155 ? -3.709  4.393   7.720   1.00 21.54 ? 151 PHE A O   1 
ATOM   1052 C CB  . PHE A 1 155 ? -5.376  1.837   7.954   1.00 20.95 ? 151 PHE A CB  1 
ATOM   1053 C CG  . PHE A 1 155 ? -5.786  0.432   7.755   1.00 18.33 ? 151 PHE A CG  1 
ATOM   1054 C CD1 . PHE A 1 155 ? -4.849  -0.562  7.692   1.00 21.40 ? 151 PHE A CD1 1 
ATOM   1055 C CD2 . PHE A 1 155 ? -7.129  0.124   7.626   1.00 21.28 ? 151 PHE A CD2 1 
ATOM   1056 C CE1 . PHE A 1 155 ? -5.253  -1.932  7.558   1.00 21.63 ? 151 PHE A CE1 1 
ATOM   1057 C CE2 . PHE A 1 155 ? -7.506  -1.172  7.479   1.00 20.27 ? 151 PHE A CE2 1 
ATOM   1058 C CZ  . PHE A 1 155 ? -6.566  -2.178  7.441   1.00 23.09 ? 151 PHE A CZ  1 
ATOM   1059 N N   . THR A 1 156 ? -5.370  4.805   6.255   1.00 21.40 ? 152 THR A N   1 
ATOM   1060 C CA  . THR A 1 156 ? -5.413  6.208   6.629   1.00 21.59 ? 152 THR A CA  1 
ATOM   1061 C C   . THR A 1 156 ? -6.888  6.598   6.679   1.00 23.43 ? 152 THR A C   1 
ATOM   1062 O O   . THR A 1 156 ? -7.774  5.758   6.359   1.00 21.17 ? 152 THR A O   1 
ATOM   1063 C CB  . THR A 1 156 ? -4.651  7.104   5.585   1.00 23.78 ? 152 THR A CB  1 
ATOM   1064 O OG1 . THR A 1 156 ? -5.411  7.113   4.394   1.00 21.21 ? 152 THR A OG1 1 
ATOM   1065 C CG2 . THR A 1 156 ? -3.199  6.563   5.268   1.00 22.89 ? 152 THR A CG2 1 
ATOM   1066 N N   . ASP A 1 157 ? -7.191  7.837   7.059   1.00 22.55 ? 153 ASP A N   1 
ATOM   1067 C CA  . ASP A 1 157 ? -8.620  8.322   6.960   1.00 25.57 ? 153 ASP A CA  1 
ATOM   1068 C C   . ASP A 1 157 ? -9.247  8.293   5.572   1.00 25.73 ? 153 ASP A C   1 
ATOM   1069 O O   . ASP A 1 157 ? -10.481 8.247   5.454   1.00 26.75 ? 153 ASP A O   1 
ATOM   1070 C CB  . ASP A 1 157 ? -8.714  9.745   7.496   1.00 26.49 ? 153 ASP A CB  1 
ATOM   1071 C CG  . ASP A 1 157 ? -8.648  9.777   9.030   1.00 32.14 ? 153 ASP A CG  1 
ATOM   1072 O OD1 . ASP A 1 157 ? -8.590  8.690   9.648   1.00 35.35 ? 153 ASP A OD1 1 
ATOM   1073 O OD2 . ASP A 1 157 ? -8.653  10.871  9.599   1.00 41.09 ? 153 ASP A OD2 1 
ATOM   1074 N N   . SER A 1 158 ? -8.405  8.309   4.519   1.00 24.40 ? 154 SER A N   1 
ATOM   1075 C CA  . SER A 1 158 ? -8.902  8.163   3.144   1.00 24.59 ? 154 SER A CA  1 
ATOM   1076 C C   . SER A 1 158 ? -9.415  6.787   2.812   1.00 22.58 ? 154 SER A C   1 
ATOM   1077 O O   . SER A 1 158 ? -10.329 6.641   2.018   1.00 23.98 ? 154 SER A O   1 
ATOM   1078 C CB  . SER A 1 158 ? -7.825  8.524   2.137   1.00 21.76 ? 154 SER A CB  1 
ATOM   1079 O OG  . SER A 1 158 ? -7.558  9.864   2.311   1.00 27.67 ? 154 SER A OG  1 
ATOM   1080 N N   . GLY A 1 159 ? -8.834  5.779   3.410   1.00 22.54 ? 155 GLY A N   1 
ATOM   1081 C CA  . GLY A 1 159 ? -9.219  4.398   3.115   1.00 21.48 ? 155 GLY A CA  1 
ATOM   1082 C C   . GLY A 1 159 ? -8.001  3.495   3.297   1.00 22.58 ? 155 GLY A C   1 
ATOM   1083 O O   . GLY A 1 159 ? -7.189  3.742   4.157   1.00 23.43 ? 155 GLY A O   1 
ATOM   1084 N N   . ILE A 1 160 ? -7.908  2.409   2.534   1.00 19.22 ? 156 ILE A N   1 
ATOM   1085 C CA  . ILE A 1 160 ? -6.823  1.461   2.685   1.00 19.40 ? 156 ILE A CA  1 
ATOM   1086 C C   . ILE A 1 160 ? -5.942  1.527   1.440   1.00 19.96 ? 156 ILE A C   1 
ATOM   1087 O O   . ILE A 1 160 ? -6.460  1.496   0.327   1.00 20.28 ? 156 ILE A O   1 
ATOM   1088 C CB  . ILE A 1 160 ? -7.305  0.007   2.882   1.00 16.90 ? 156 ILE A CB  1 
ATOM   1089 C CG1 . ILE A 1 160 ? -8.382  -0.095  3.997   1.00 21.72 ? 156 ILE A CG1 1 
ATOM   1090 C CG2 . ILE A 1 160 ? -6.127  -0.919  3.238   1.00 18.10 ? 156 ILE A CG2 1 
ATOM   1091 C CD1 . ILE A 1 160 ? -9.015  -1.509  4.111   1.00 18.62 ? 156 ILE A CD1 1 
ATOM   1092 N N   . HIS A 1 161 ? -4.613  1.567   1.635   1.00 19.39 ? 157 HIS A N   1 
ATOM   1093 C CA  . HIS A 1 161 ? -3.665  1.825   0.502   1.00 19.31 ? 157 HIS A CA  1 
ATOM   1094 C C   . HIS A 1 161 ? -2.685  0.654   0.290   1.00 19.11 ? 157 HIS A C   1 
ATOM   1095 O O   . HIS A 1 161 ? -2.342  -0.052  1.251   1.00 16.90 ? 157 HIS A O   1 
ATOM   1096 C CB  . HIS A 1 161 ? -2.756  3.007   0.823   1.00 18.30 ? 157 HIS A CB  1 
ATOM   1097 C CG  . HIS A 1 161 ? -3.462  4.294   1.145   1.00 20.50 ? 157 HIS A CG  1 
ATOM   1098 N ND1 . HIS A 1 161 ? -3.476  5.363   0.268   1.00 21.29 ? 157 HIS A ND1 1 
ATOM   1099 C CD2 . HIS A 1 161 ? -4.098  4.716   2.270   1.00 19.28 ? 157 HIS A CD2 1 
ATOM   1100 C CE1 . HIS A 1 161 ? -4.110  6.384   0.835   1.00 25.41 ? 157 HIS A CE1 1 
ATOM   1101 N NE2 . HIS A 1 161 ? -4.506  6.008   2.050   1.00 20.82 ? 157 HIS A NE2 1 
ATOM   1102 N N   . ILE A 1 162 ? -2.256  0.451   -0.970  1.00 17.45 ? 158 ILE A N   1 
ATOM   1103 C CA  . ILE A 1 162 ? -1.086  -0.362  -1.264  1.00 18.90 ? 158 ILE A CA  1 
ATOM   1104 C C   . ILE A 1 162 ? -0.114  0.670   -1.808  1.00 19.40 ? 158 ILE A C   1 
ATOM   1105 O O   . ILE A 1 162 ? -0.512  1.464   -2.657  1.00 19.28 ? 158 ILE A O   1 
ATOM   1106 C CB  . ILE A 1 162 ? -1.328  -1.413  -2.384  1.00 18.53 ? 158 ILE A CB  1 
ATOM   1107 C CG1 . ILE A 1 162 ? -2.320  -2.466  -1.914  1.00 20.38 ? 158 ILE A CG1 1 
ATOM   1108 C CG2 . ILE A 1 162 ? 0.047   -2.122  -2.696  1.00 17.90 ? 158 ILE A CG2 1 
ATOM   1109 C CD1 . ILE A 1 162 ? -3.069  -3.118  -3.035  1.00 22.70 ? 158 ILE A CD1 1 
ATOM   1110 N N   . ILE A 1 163 ? 1.084   0.727   -1.242  1.00 17.85 ? 159 ILE A N   1 
ATOM   1111 C CA  . ILE A 1 163 ? 2.058   1.797   -1.634  1.00 21.23 ? 159 ILE A CA  1 
ATOM   1112 C C   . ILE A 1 163 ? 3.260   1.171   -2.337  1.00 19.99 ? 159 ILE A C   1 
ATOM   1113 O O   . ILE A 1 163 ? 3.806   0.175   -1.830  1.00 19.40 ? 159 ILE A O   1 
ATOM   1114 C CB  . ILE A 1 163 ? 2.576   2.648   -0.448  1.00 17.80 ? 159 ILE A CB  1 
ATOM   1115 C CG1 . ILE A 1 163 ? 1.358   3.263   0.312   1.00 23.61 ? 159 ILE A CG1 1 
ATOM   1116 C CG2 . ILE A 1 163 ? 3.470   3.825   -0.909  1.00 15.73 ? 159 ILE A CG2 1 
ATOM   1117 C CD1 . ILE A 1 163 ? 1.696   3.831   1.754   1.00 19.73 ? 159 ILE A CD1 1 
ATOM   1118 N N   . LEU A 1 164 ? 3.623   1.729   -3.512  1.00 19.16 ? 160 LEU A N   1 
ATOM   1119 C CA  . LEU A 1 164 ? 4.830   1.268   -4.212  1.00 18.80 ? 160 LEU A CA  1 
ATOM   1120 C C   . LEU A 1 164 ? 5.826   2.418   -4.236  1.00 17.99 ? 160 LEU A C   1 
ATOM   1121 O O   . LEU A 1 164 ? 5.571   3.441   -4.811  1.00 18.59 ? 160 LEU A O   1 
ATOM   1122 C CB  . LEU A 1 164 ? 4.516   0.836   -5.675  1.00 20.00 ? 160 LEU A CB  1 
ATOM   1123 C CG  . LEU A 1 164 ? 5.700   0.347   -6.550  1.00 21.09 ? 160 LEU A CG  1 
ATOM   1124 C CD1 . LEU A 1 164 ? 6.357   -0.944  -6.028  1.00 20.96 ? 160 LEU A CD1 1 
ATOM   1125 C CD2 . LEU A 1 164 ? 5.226   0.126   -8.015  1.00 19.75 ? 160 LEU A CD2 1 
ATOM   1126 N N   . ARG A 1 165 ? 6.996   2.226   -3.660  1.00 18.39 ? 161 ARG A N   1 
ATOM   1127 C CA  . ARG A 1 165 ? 8.025   3.261   -3.734  1.00 19.26 ? 161 ARG A CA  1 
ATOM   1128 C C   . ARG A 1 165 ? 8.810   3.115   -5.019  1.00 19.99 ? 161 ARG A C   1 
ATOM   1129 O O   . ARG A 1 165 ? 9.398   2.071   -5.268  1.00 21.67 ? 161 ARG A O   1 
ATOM   1130 C CB  . ARG A 1 165 ? 8.995   3.174   -2.567  1.00 18.30 ? 161 ARG A CB  1 
ATOM   1131 C CG  . ARG A 1 165 ? 10.052  4.279   -2.778  1.00 18.26 ? 161 ARG A CG  1 
ATOM   1132 C CD  . ARG A 1 165 ? 10.969  4.477   -1.510  1.00 23.50 ? 161 ARG A CD  1 
ATOM   1133 N NE  . ARG A 1 165 ? 12.094  5.335   -1.894  1.00 26.37 ? 161 ARG A NE  1 
ATOM   1134 C CZ  . ARG A 1 165 ? 13.245  5.440   -1.214  1.00 35.63 ? 161 ARG A CZ  1 
ATOM   1135 N NH1 . ARG A 1 165 ? 13.405  4.762   -0.059  1.00 30.22 ? 161 ARG A NH1 1 
ATOM   1136 N NH2 . ARG A 1 165 ? 14.237  6.255   -1.690  1.00 31.51 ? 161 ARG A NH2 1 
ATOM   1137 N N   . THR A 1 166 ? 8.742   4.151   -5.862  1.00 23.63 ? 162 THR A N   1 
ATOM   1138 C CA  . THR A 1 166 ? 9.401   4.070   -7.181  1.00 25.36 ? 162 THR A CA  1 
ATOM   1139 C C   . THR A 1 166 ? 10.779  4.721   -7.278  1.00 26.08 ? 162 THR A C   1 
ATOM   1140 O O   . THR A 1 166 ? 11.552  4.333   -8.137  1.00 26.12 ? 162 THR A O   1 
ATOM   1141 C CB  . THR A 1 166 ? 8.462   4.608   -8.292  1.00 24.05 ? 162 THR A CB  1 
ATOM   1142 O OG1 . THR A 1 166 ? 8.154   5.953   -8.014  1.00 26.14 ? 162 THR A OG1 1 
ATOM   1143 C CG2 . THR A 1 166 ? 7.124   3.816   -8.305  1.00 23.04 ? 162 THR A CG2 1 
ATOM   1144 N N   . GLU A 1 167 ? 11.080  5.678   -6.403  1.00 25.98 ? 163 GLU A N   1 
ATOM   1145 C CA  . GLU A 1 167 ? 12.373  6.404   -6.347  1.00 27.58 ? 163 GLU A CA  1 
ATOM   1146 C C   . GLU A 1 167 ? 12.632  6.846   -4.906  1.00 28.57 ? 163 GLU A C   1 
ATOM   1147 O O   . GLU A 1 167 ? 11.698  6.939   -4.090  1.00 25.62 ? 163 GLU A O   1 
ATOM   1148 C CB  . GLU A 1 167 ? 12.303  7.680   -7.198  1.00 29.45 ? 163 GLU A CB  1 
ATOM   1149 C CG  . GLU A 1 167 ? 12.171  7.458   -8.764  1.00 31.08 ? 163 GLU A CG  1 
ATOM   1150 C CD  . GLU A 1 167 ? 11.990  8.805   -9.486  1.00 36.75 ? 163 GLU A CD  1 
ATOM   1151 O OE1 . GLU A 1 167 ? 12.344  9.818   -8.844  1.00 39.21 ? 163 GLU A OE1 1 
ATOM   1152 O OE2 . GLU A 1 167 ? 11.428  8.869   -10.612 1.00 35.71 ? 163 GLU A OE2 1 
ATOM   1153 O OXT . GLU A 1 167 ? 13.773  7.154   -4.514  1.00 27.95 ? 163 GLU A OXT 1 
HETATM 1154 C C1  . 4C0 B 2 .   ? -2.364  9.909   1.067   1.00 31.75 ? 164 4C0 A C1  1 
HETATM 1155 C C2  . 4C0 B 2 .   ? -1.870  9.782   -0.227  1.00 30.55 ? 164 4C0 A C2  1 
HETATM 1156 C C3  . 4C0 B 2 .   ? -2.743  9.789   -1.309  1.00 28.98 ? 164 4C0 A C3  1 
HETATM 1157 C C4  . 4C0 B 2 .   ? -3.731  10.041  1.279   1.00 30.37 ? 164 4C0 A C4  1 
HETATM 1158 C C5  . 4C0 B 2 .   ? -4.603  10.048  0.196   1.00 31.72 ? 164 4C0 A C5  1 
HETATM 1159 C C6  . 4C0 B 2 .   ? -4.110  9.921   -1.094  1.00 29.29 ? 164 4C0 A C6  1 
HETATM 1160 N N7  . 4C0 B 2 .   ? -5.164  9.959   -1.936  1.00 31.51 ? 164 4C0 A N7  1 
HETATM 1161 C C8  . 4C0 B 2 .   ? -6.288  10.105  -1.199  1.00 34.85 ? 164 4C0 A C8  1 
HETATM 1162 N N9  . 4C0 B 2 .   ? -5.945  10.158  0.107   1.00 29.75 ? 164 4C0 A N9  1 
HETATM 1163 C C10 . 4C0 B 2 .   ? -7.694  10.191  -1.744  1.00 37.33 ? 164 4C0 A C10 1 
HETATM 1164 C C11 . 4C0 B 2 .   ? -8.055  11.651  -1.987  1.00 46.42 ? 164 4C0 A C11 1 
HETATM 1165 N N12 . 4C0 B 2 .   ? -7.334  12.156  -3.141  1.00 48.19 ? 164 4C0 A N12 1 
HETATM 1166 C C13 . 4C0 B 2 .   ? -6.330  13.016  -3.011  1.00 51.76 ? 164 4C0 A C13 1 
HETATM 1167 O O14 . 4C0 B 2 .   ? -5.965  13.454  -1.932  1.00 54.20 ? 164 4C0 A O14 1 
HETATM 1168 C C15 . 4C0 B 2 .   ? -5.640  13.444  -4.284  1.00 48.27 ? 164 4C0 A C15 1 
HETATM 1169 C C16 . 4C0 B 2 .   ? -4.133  13.274  -4.127  1.00 49.11 ? 164 4C0 A C16 1 
HETATM 1170 C C17 . 4C0 B 2 .   ? -3.484  13.250  -5.491  1.00 49.13 ? 164 4C0 A C17 1 
HETATM 1171 C C18 . 4C0 B 2 .   ? -4.232  12.903  -6.611  1.00 46.94 ? 164 4C0 A C18 1 
HETATM 1172 C C19 . 4C0 B 2 .   ? -3.635  12.882  -7.866  1.00 44.49 ? 164 4C0 A C19 1 
HETATM 1173 C C20 . 4C0 B 2 .   ? -2.290  13.208  -8.001  1.00 42.86 ? 164 4C0 A C20 1 
HETATM 1174 C C21 . 4C0 B 2 .   ? -1.543  13.555  -6.881  1.00 47.75 ? 164 4C0 A C21 1 
HETATM 1175 C C22 . 4C0 B 2 .   ? -2.140  13.576  -5.626  1.00 48.78 ? 164 4C0 A C22 1 
HETATM 1176 C C23 . 4C0 B 2 .   ? -9.539  11.776  -2.165  1.00 47.72 ? 164 4C0 A C23 1 
HETATM 1177 O O24 . 4C0 B 2 .   ? -9.988  11.964  -3.316  1.00 50.03 ? 164 4C0 A O24 1 
HETATM 1178 O O25 . 4C0 B 2 .   ? -10.271 11.688  -1.155  1.00 51.86 ? 164 4C0 A O25 1 
HETATM 1179 O O37 . 12P C 3 .   ? 6.603   -8.240  -0.528  1.00 32.65 ? 165 12P A O37 1 
HETATM 1180 C C36 . 12P C 3 .   ? 6.552   -7.179  0.443   1.00 30.84 ? 165 12P A C36 1 
HETATM 1181 C C35 . 12P C 3 .   ? 5.106   -6.684  0.557   1.00 28.26 ? 165 12P A C35 1 
HETATM 1182 O O34 . 12P C 3 .   ? 4.213   -7.583  1.314   1.00 21.13 ? 165 12P A O34 1 
HETATM 1183 C C33 . 12P C 3 .   ? 2.928   -7.003  1.297   1.00 17.23 ? 165 12P A C33 1 
HETATM 1184 C C32 . 12P C 3 .   ? 2.033   -7.772  2.200   1.00 19.50 ? 165 12P A C32 1 
HETATM 1185 O O31 . 12P C 3 .   ? 1.924   -9.046  1.541   1.00 18.72 ? 165 12P A O31 1 
HETATM 1186 C C30 . 12P C 3 .   ? 0.843   -9.747  2.189   1.00 21.38 ? 165 12P A C30 1 
HETATM 1187 C C29 . 12P C 3 .   ? 0.615   -10.998 1.383   1.00 25.44 ? 165 12P A C29 1 
HETATM 1188 O O28 . 12P C 3 .   ? 1.896   -11.596 1.260   1.00 27.68 ? 165 12P A O28 1 
HETATM 1189 C C27 . 12P C 3 .   ? 1.531   -12.886 0.890   1.00 27.63 ? 165 12P A C27 1 
HETATM 1190 C C26 . 12P C 3 .   ? 2.771   -13.147 0.166   1.00 28.61 ? 165 12P A C26 1 
HETATM 1191 O O25 . 12P C 3 .   ? 3.403   -14.183 0.810   1.00 33.51 ? 165 12P A O25 1 
HETATM 1192 C C24 . 12P C 3 .   ? 3.931   -13.801 2.011   1.00 21.23 ? 165 12P A C24 1 
HETATM 1193 C C23 . 12P C 3 .   ? 5.100   -14.703 2.104   1.00 23.29 ? 165 12P A C23 1 
HETATM 1194 O O22 . 12P C 3 .   ? 5.566   -14.560 3.485   1.00 32.19 ? 165 12P A O22 1 
HETATM 1195 C C21 . 12P C 3 .   ? 4.662   -15.270 4.335   1.00 20.30 ? 165 12P A C21 1 
HETATM 1196 C C20 . 12P C 3 .   ? 5.030   -15.309 5.815   1.00 26.77 ? 165 12P A C20 1 
HETATM 1197 O O19 . 12P C 3 .   ? 3.737   -15.362 6.526   1.00 32.14 ? 165 12P A O19 1 
HETATM 1198 C C18 . 12P C 3 .   ? 3.241   -14.080 6.905   1.00 30.13 ? 165 12P A C18 1 
HETATM 1199 C C17 . 12P C 3 .   ? 1.983   -13.988 7.809   1.00 36.22 ? 165 12P A C17 1 
HETATM 1200 O O16 . 12P C 3 .   ? 1.287   -12.745 7.463   1.00 41.02 ? 165 12P A O16 1 
HETATM 1201 C C15 . 12P C 3 .   ? 0.115   -13.011 6.651   1.00 43.70 ? 165 12P A C15 1 
HETATM 1202 C C14 . 12P C 3 .   ? -0.500  -11.881 5.795   1.00 46.35 ? 165 12P A C14 1 
HETATM 1203 O O   . HOH D 4 .   ? 2.318   -10.746 10.524  1.00 38.80 ? 166 HOH A O   1 
HETATM 1204 O O   . HOH D 4 .   ? 7.491   -15.474 -1.714  1.00 30.96 ? 167 HOH A O   1 
HETATM 1205 O O   . HOH D 4 .   ? 11.678  -10.742 -1.449  0.50 25.82 ? 168 HOH A O   1 
HETATM 1206 O O   . HOH D 4 .   ? 7.936   -9.517  -1.403  1.00 43.10 ? 169 HOH A O   1 
HETATM 1207 O O   . HOH D 4 .   ? 2.414   15.153  -8.186  1.00 38.76 ? 170 HOH A O   1 
HETATM 1208 O O   . HOH D 4 .   ? -1.883  -13.935 1.052   1.00 43.66 ? 171 HOH A O   1 
HETATM 1209 O O   . HOH D 4 .   ? -8.619  -7.961  -11.188 1.00 43.07 ? 172 HOH A O   1 
HETATM 1210 O O   . HOH D 4 .   ? 17.728  1.163   5.087   1.00 42.65 ? 173 HOH A O   1 
HETATM 1211 O O   . HOH D 4 .   ? 12.465  11.452  -5.812  1.00 45.52 ? 174 HOH A O   1 
HETATM 1212 O O   . HOH D 4 .   ? -1.241  -8.279  4.794   1.00 40.94 ? 175 HOH A O   1 
HETATM 1213 O O   . HOH D 4 .   ? -11.024 4.984   8.223   1.00 38.94 ? 176 HOH A O   1 
HETATM 1214 O O   . HOH D 4 .   ? 3.545   -18.449 16.754  1.00 47.22 ? 177 HOH A O   1 
HETATM 1215 O O   . HOH D 4 .   ? -1.785  12.825  9.217   1.00 45.66 ? 178 HOH A O   1 
HETATM 1216 O O   . HOH D 4 .   ? 8.397   -3.813  1.541   1.00 32.82 ? 179 HOH A O   1 
HETATM 1217 O O   . HOH D 4 .   ? 12.033  14.157  4.361   1.00 37.77 ? 180 HOH A O   1 
HETATM 1218 O O   . HOH D 4 .   ? -2.737  -14.578 -8.163  1.00 39.41 ? 181 HOH A O   1 
HETATM 1219 O O   . HOH D 4 .   ? -11.402 -4.160  9.565   1.00 43.41 ? 182 HOH A O   1 
HETATM 1220 O O   . HOH D 4 .   ? -18.166 12.367  -0.241  1.00 48.82 ? 183 HOH A O   1 
HETATM 1221 O O   . HOH D 4 .   ? 13.180  12.367  5.300   1.00 43.56 ? 184 HOH A O   1 
HETATM 1222 O O   . HOH D 4 .   ? 0.061   -14.184 3.886   1.00 52.90 ? 185 HOH A O   1 
HETATM 1223 O O   . HOH D 4 .   ? 4.559   10.716  10.087  1.00 38.57 ? 186 HOH A O   1 
HETATM 1224 O O   . HOH D 4 .   ? 3.085   -21.688 16.274  1.00 48.41 ? 187 HOH A O   1 
HETATM 1225 O O   . HOH D 4 .   ? 14.605  2.017   5.406   1.00 39.39 ? 188 HOH A O   1 
HETATM 1226 O O   . HOH D 4 .   ? -17.400 -5.214  8.450   1.00 49.75 ? 189 HOH A O   1 
HETATM 1227 O O   . HOH D 4 .   ? -7.662  -6.901  -13.677 1.00 49.44 ? 190 HOH A O   1 
HETATM 1228 O O   . HOH D 4 .   ? 18.593  1.384   7.909   1.00 55.66 ? 191 HOH A O   1 
HETATM 1229 O O   . HOH D 4 .   ? -14.031 1.434   -12.427 1.00 45.71 ? 192 HOH A O   1 
HETATM 1230 O O   . HOH D 4 .   ? 8.218   -20.469 0.544   1.00 47.85 ? 193 HOH A O   1 
HETATM 1231 O O   . HOH D 4 .   ? -8.208  -3.366  10.490  1.00 42.87 ? 194 HOH A O   1 
HETATM 1232 O O   . HOH D 4 .   ? 15.579  -7.868  -0.963  0.50 26.96 ? 195 HOH A O   1 
HETATM 1233 O O   . HOH D 4 .   ? -22.592 3.238   -4.689  1.00 45.36 ? 196 HOH A O   1 
HETATM 1234 O O   . HOH D 4 .   ? -22.196 2.320   -6.909  1.00 54.28 ? 197 HOH A O   1 
HETATM 1235 O O   . HOH D 4 .   ? -4.696  -8.096  6.093   1.00 46.08 ? 198 HOH A O   1 
HETATM 1236 O O   . HOH D 4 .   ? -1.878  -6.982  7.268   1.00 58.72 ? 199 HOH A O   1 
HETATM 1237 O O   . HOH D 4 .   ? -4.082  -14.510 -6.395  1.00 51.63 ? 200 HOH A O   1 
HETATM 1238 O O   . HOH D 4 .   ? -6.635  -12.176 -5.948  1.00 52.19 ? 201 HOH A O   1 
HETATM 1239 O O   . HOH D 4 .   ? -0.593  -1.433  -16.920 1.00 43.59 ? 202 HOH A O   1 
HETATM 1240 O O   . HOH D 4 .   ? -4.066  5.510   -7.381  1.00 20.51 ? 203 HOH A O   1 
HETATM 1241 O O   . HOH D 4 .   ? 8.540   -2.703  4.062   1.00 19.56 ? 204 HOH A O   1 
HETATM 1242 O O   . HOH D 4 .   ? -18.598 0.447   -2.553  1.00 27.58 ? 205 HOH A O   1 
HETATM 1243 O O   . HOH D 4 .   ? -6.443  -10.981 -12.860 1.00 51.91 ? 206 HOH A O   1 
HETATM 1244 O O   . HOH D 4 .   ? 5.648   6.672   -8.694  1.00 25.07 ? 207 HOH A O   1 
HETATM 1245 O O   . HOH D 4 .   ? 11.231  -17.698 -0.360  1.00 29.34 ? 208 HOH A O   1 
HETATM 1246 O O   . HOH D 4 .   ? -8.131  4.822   -14.550 1.00 37.78 ? 209 HOH A O   1 
HETATM 1247 O O   . HOH D 4 .   ? 9.264   0.675   -8.033  1.00 31.31 ? 210 HOH A O   1 
HETATM 1248 O O   . HOH D 4 .   ? -4.902  9.562   8.215   1.00 29.75 ? 211 HOH A O   1 
HETATM 1249 O O   . HOH D 4 .   ? 8.377   -13.689 0.207   1.00 29.94 ? 212 HOH A O   1 
HETATM 1250 O O   . HOH D 4 .   ? 6.599   -11.713 -0.474  1.00 28.64 ? 213 HOH A O   1 
HETATM 1251 O O   . HOH D 4 .   ? -11.736 0.412   -5.372  1.00 25.98 ? 214 HOH A O   1 
HETATM 1252 O O   . HOH D 4 .   ? 1.449   -8.315  5.680   1.00 27.42 ? 215 HOH A O   1 
HETATM 1253 O O   . HOH D 4 .   ? 4.848   13.299  4.046   1.00 33.72 ? 216 HOH A O   1 
HETATM 1254 O O   . HOH D 4 .   ? 11.166  -1.694  3.779   1.00 24.38 ? 217 HOH A O   1 
HETATM 1255 O O   . HOH D 4 .   ? 11.981  -18.999 3.520   1.00 30.33 ? 218 HOH A O   1 
HETATM 1256 O O   . HOH D 4 .   ? 8.390   -5.206  -1.563  1.00 22.90 ? 219 HOH A O   1 
HETATM 1257 O O   . HOH D 4 .   ? 8.812   -4.497  17.723  1.00 34.83 ? 220 HOH A O   1 
HETATM 1258 O O   . HOH D 4 .   ? -22.865 5.323   -6.390  1.00 33.20 ? 221 HOH A O   1 
HETATM 1259 O O   . HOH D 4 .   ? 13.353  -20.770 8.948   1.00 33.10 ? 222 HOH A O   1 
HETATM 1260 O O   . HOH D 4 .   ? 10.131  -5.884  0.667   1.00 25.32 ? 223 HOH A O   1 
HETATM 1261 O O   . HOH D 4 .   ? -2.191  -8.291  2.482   1.00 35.79 ? 224 HOH A O   1 
HETATM 1262 O O   . HOH D 4 .   ? 8.887   5.765   8.320   1.00 24.31 ? 225 HOH A O   1 
HETATM 1263 O O   . HOH D 4 .   ? -14.495 -7.412  -0.755  1.00 25.05 ? 226 HOH A O   1 
HETATM 1264 O O   . HOH D 4 .   ? -1.782  1.093   8.593   1.00 22.50 ? 227 HOH A O   1 
HETATM 1265 O O   . HOH D 4 .   ? -3.568  5.016   -15.725 1.00 29.50 ? 228 HOH A O   1 
HETATM 1266 O O   . HOH D 4 .   ? -11.524 10.041  -7.369  1.00 29.54 ? 229 HOH A O   1 
HETATM 1267 O O   . HOH D 4 .   ? -2.437  -10.394 0.474   1.00 26.80 ? 230 HOH A O   1 
HETATM 1268 O O   . HOH D 4 .   ? 12.922  0.241   6.351   1.00 23.32 ? 231 HOH A O   1 
HETATM 1269 O O   . HOH D 4 .   ? 2.831   4.104   -10.870 1.00 30.36 ? 232 HOH A O   1 
HETATM 1270 O O   . HOH D 4 .   ? 14.301  -3.304  12.437  1.00 31.32 ? 233 HOH A O   1 
HETATM 1271 O O   . HOH D 4 .   ? -16.689 -3.226  -3.241  1.00 38.33 ? 234 HOH A O   1 
HETATM 1272 O O   . HOH D 4 .   ? -11.961 -2.225  -5.544  1.00 29.89 ? 235 HOH A O   1 
HETATM 1273 O O   . HOH D 4 .   ? -18.304 -6.401  6.026   1.00 35.95 ? 236 HOH A O   1 
HETATM 1274 O O   . HOH D 4 .   ? -11.865 -5.688  -8.123  1.00 35.09 ? 237 HOH A O   1 
HETATM 1275 O O   . HOH D 4 .   ? -9.208  -8.138  -4.913  1.00 21.23 ? 238 HOH A O   1 
HETATM 1276 O O   . HOH D 4 .   ? -11.506 -8.331  5.361   1.00 36.32 ? 239 HOH A O   1 
HETATM 1277 O O   . HOH D 4 .   ? -10.695 -9.974  -3.578  1.00 34.23 ? 240 HOH A O   1 
HETATM 1278 O O   . HOH D 4 .   ? 12.314  15.576  -5.879  1.00 50.51 ? 241 HOH A O   1 
HETATM 1279 O O   . HOH D 4 .   ? 2.571   -12.790 4.211   1.00 22.57 ? 242 HOH A O   1 
HETATM 1280 O O   . HOH D 4 .   ? 2.680   3.453   8.675   1.00 23.83 ? 243 HOH A O   1 
HETATM 1281 O O   . HOH D 4 .   ? 0.867   12.104  -10.938 1.00 43.46 ? 244 HOH A O   1 
HETATM 1282 O O   . HOH D 4 .   ? 6.001   -11.793 -5.136  1.00 27.62 ? 245 HOH A O   1 
HETATM 1283 O O   . HOH D 4 .   ? -13.419 -8.963  -2.276  1.00 42.65 ? 246 HOH A O   1 
HETATM 1284 O O   . HOH D 4 .   ? 5.611   -22.946 14.478  1.00 47.90 ? 247 HOH A O   1 
HETATM 1285 O O   . HOH D 4 .   ? -9.035  -11.264 -0.164  1.00 47.78 ? 248 HOH A O   1 
HETATM 1286 O O   . HOH D 4 .   ? -14.987 2.066   -5.820  1.00 30.52 ? 249 HOH A O   1 
HETATM 1287 O O   . HOH D 4 .   ? 7.108   9.228   11.962  1.00 37.55 ? 250 HOH A O   1 
HETATM 1288 O O   . HOH D 4 .   ? -9.136  3.091   6.405   1.00 29.72 ? 251 HOH A O   1 
HETATM 1289 O O   . HOH D 4 .   ? 20.560  -5.761  12.817  1.00 52.05 ? 252 HOH A O   1 
HETATM 1290 O O   . HOH D 4 .   ? 6.806   -27.001 8.002   1.00 44.06 ? 253 HOH A O   1 
HETATM 1291 O O   . HOH D 4 .   ? 16.322  2.830   -1.467  1.00 37.48 ? 254 HOH A O   1 
HETATM 1292 O O   . HOH D 4 .   ? 6.973   6.296   -11.197 1.00 32.54 ? 255 HOH A O   1 
HETATM 1293 O O   . HOH D 4 .   ? 16.561  -14.392 2.423   1.00 40.33 ? 256 HOH A O   1 
HETATM 1294 O O   . HOH D 4 .   ? -12.320 3.927   10.380  1.00 49.14 ? 257 HOH A O   1 
HETATM 1295 O O   . HOH D 4 .   ? -16.458 0.829   -8.014  1.00 34.79 ? 258 HOH A O   1 
HETATM 1296 O O   . HOH D 4 .   ? -11.099 9.865   -4.704  1.00 47.72 ? 259 HOH A O   1 
HETATM 1297 O O   . HOH D 4 .   ? -1.149  -6.497  -15.233 1.00 35.97 ? 260 HOH A O   1 
HETATM 1298 O O   . HOH D 4 .   ? 14.258  9.596   -3.429  1.00 35.36 ? 261 HOH A O   1 
HETATM 1299 O O   . HOH D 4 .   ? 6.631   -15.240 15.602  1.00 48.20 ? 262 HOH A O   1 
HETATM 1300 O O   . HOH D 4 .   ? -2.792  1.326   -17.298 1.00 44.60 ? 263 HOH A O   1 
HETATM 1301 O O   . HOH D 4 .   ? -5.436  -16.968 -1.296  1.00 44.48 ? 264 HOH A O   1 
HETATM 1302 O O   . HOH D 4 .   ? -8.069  -9.241  -7.295  1.00 36.77 ? 265 HOH A O   1 
HETATM 1303 O O   . HOH D 4 .   ? -6.002  5.026   -16.396 1.00 23.93 ? 266 HOH A O   1 
HETATM 1304 O O   . HOH D 4 .   ? 0.397   2.057   9.833   1.00 22.63 ? 267 HOH A O   1 
HETATM 1305 O O   . HOH D 4 .   ? -15.868 -8.638  7.800   1.00 40.51 ? 268 HOH A O   1 
HETATM 1306 O O   . HOH D 4 .   ? 7.725   3.441   -12.139 1.00 34.77 ? 269 HOH A O   1 
HETATM 1307 O O   . HOH D 4 .   ? -11.593 9.522   1.686   1.00 27.49 ? 270 HOH A O   1 
HETATM 1308 O O   . HOH D 4 .   ? -10.026 11.504  1.327   1.00 43.45 ? 271 HOH A O   1 
HETATM 1309 O O   . HOH D 4 .   ? -17.019 -0.114  7.471   1.00 36.97 ? 272 HOH A O   1 
HETATM 1310 O O   . HOH D 4 .   ? 1.749   -1.820  -16.783 1.00 40.85 ? 273 HOH A O   1 
HETATM 1311 O O   . HOH D 4 .   ? -15.237 11.811  -6.487  1.00 43.89 ? 274 HOH A O   1 
HETATM 1312 O O   . HOH D 4 .   ? -24.152 13.682  -9.286  1.00 48.24 ? 275 HOH A O   1 
HETATM 1313 O O   . HOH D 4 .   ? -11.442 8.061   8.383   1.00 56.91 ? 276 HOH A O   1 
HETATM 1314 O O   . HOH D 4 .   ? -1.946  -12.120 -16.320 1.00 50.48 ? 277 HOH A O   1 
HETATM 1315 O O   . HOH D 4 .   ? -2.533  12.697  2.582   1.00 41.25 ? 278 HOH A O   1 
HETATM 1316 O O   . HOH D 4 .   ? -15.295 7.235   11.274  1.00 48.97 ? 279 HOH A O   1 
HETATM 1317 O O   . HOH D 4 .   ? 16.911  6.541   -0.440  1.00 44.69 ? 280 HOH A O   1 
HETATM 1318 O O   . HOH D 4 .   ? -21.384 5.216   2.060   1.00 44.96 ? 281 HOH A O   1 
HETATM 1319 O O   . HOH D 4 .   ? -8.693  11.852  -5.624  1.00 41.13 ? 282 HOH A O   1 
HETATM 1320 O O   . HOH D 4 .   ? -21.925 13.421  -5.905  1.00 51.21 ? 283 HOH A O   1 
HETATM 1321 O O   . HOH D 4 .   ? 10.209  1.121   14.581  1.00 48.90 ? 284 HOH A O   1 
HETATM 1322 O O   . HOH D 4 .   ? -21.159 8.846   -0.592  1.00 50.40 ? 285 HOH A O   1 
HETATM 1323 O O   . HOH D 4 .   ? 17.349  -10.639 12.768  1.00 54.15 ? 286 HOH A O   1 
HETATM 1324 O O   . HOH D 4 .   ? -5.862  10.731  4.641   1.00 50.63 ? 287 HOH A O   1 
HETATM 1325 O O   . HOH D 4 .   ? 12.744  -22.555 11.196  1.00 47.52 ? 288 HOH A O   1 
HETATM 1326 O O   . HOH D 4 .   ? 14.021  4.557   -9.271  1.00 44.90 ? 289 HOH A O   1 
HETATM 1327 O O   . HOH D 4 .   ? 13.739  3.287   3.338   1.00 34.72 ? 290 HOH A O   1 
HETATM 1328 O O   . HOH D 4 .   ? 16.844  -0.601  -4.504  1.00 48.34 ? 291 HOH A O   1 
HETATM 1329 O O   . HOH D 4 .   ? 5.951   5.086   12.235  1.00 54.08 ? 292 HOH A O   1 
HETATM 1330 O O   . HOH D 4 .   ? 14.080  -5.651  0.172   1.00 44.70 ? 293 HOH A O   1 
HETATM 1331 O O   . HOH D 4 .   ? -14.554 -3.449  -9.726  1.00 44.76 ? 294 HOH A O   1 
HETATM 1332 O O   . HOH D 4 .   ? -12.131 0.217   -13.861 1.00 42.00 ? 295 HOH A O   1 
HETATM 1333 O O   . HOH D 4 .   ? -6.884  5.860   9.786   1.00 34.53 ? 296 HOH A O   1 
HETATM 1334 O O   . HOH D 4 .   ? -17.550 8.363   5.827   1.00 49.39 ? 297 HOH A O   1 
HETATM 1335 O O   . HOH D 4 .   ? -14.313 -2.780  -6.608  1.00 37.71 ? 298 HOH A O   1 
HETATM 1336 O O   . HOH D 4 .   ? 5.199   8.141   13.338  1.00 45.25 ? 299 HOH A O   1 
HETATM 1337 O O   . HOH D 4 .   ? 5.061   2.449   -12.271 1.00 42.71 ? 300 HOH A O   1 
HETATM 1338 O O   . HOH D 4 .   ? 4.400   -21.571 6.324   1.00 37.28 ? 301 HOH A O   1 
HETATM 1339 O O   . HOH D 4 .   ? -10.034 6.801   -17.499 1.00 31.48 ? 302 HOH A O   1 
HETATM 1340 O O   . HOH D 4 .   ? 13.520  -9.129  14.835  1.00 44.72 ? 303 HOH A O   1 
HETATM 1341 O O   . HOH D 4 .   ? -6.953  -9.409  6.481   1.00 42.92 ? 304 HOH A O   1 
HETATM 1342 O O   . HOH D 4 .   ? 9.844   6.701   -11.170 1.00 46.26 ? 305 HOH A O   1 
HETATM 1343 O O   . HOH D 4 .   ? 8.458   -11.315 15.823  1.00 47.29 ? 306 HOH A O   1 
HETATM 1344 O O   . HOH D 4 .   ? 17.035  4.466   -4.256  1.00 49.35 ? 307 HOH A O   1 
HETATM 1345 O O   . HOH D 4 .   ? 8.433   5.635   11.168  1.00 36.95 ? 308 HOH A O   1 
HETATM 1346 O O   . HOH D 4 .   ? 4.115   -12.912 14.221  1.00 47.90 ? 309 HOH A O   1 
HETATM 1347 O O   . HOH D 4 .   ? 20.262  -2.195  2.976   1.00 52.25 ? 310 HOH A O   1 
HETATM 1348 O O   . HOH D 4 .   ? 13.826  -6.242  14.566  1.00 45.76 ? 311 HOH A O   1 
HETATM 1349 O O   . HOH D 4 .   ? -20.507 6.493   4.543   1.00 39.89 ? 312 HOH A O   1 
HETATM 1350 O O   . HOH D 4 .   ? 15.866  6.089   -5.834  1.00 42.56 ? 313 HOH A O   1 
HETATM 1351 O O   . HOH D 4 .   ? -15.781 -3.231  8.445   1.00 33.72 ? 314 HOH A O   1 
HETATM 1352 O O   . HOH D 4 .   ? 17.537  -5.355  13.531  1.00 51.92 ? 315 HOH A O   1 
HETATM 1353 O O   . HOH D 4 .   ? 15.905  5.702   -8.267  1.00 50.23 ? 316 HOH A O   1 
HETATM 1354 O O   . HOH D 4 .   ? 15.127  -4.088  -1.525  1.00 39.19 ? 317 HOH A O   1 
HETATM 1355 O O   . HOH D 4 .   ? 11.858  4.324   11.845  1.00 52.63 ? 318 HOH A O   1 
HETATM 1356 O O   . HOH D 4 .   ? 10.533  10.009  11.400  1.00 41.17 ? 319 HOH A O   1 
HETATM 1357 O O   . HOH D 4 .   ? -3.331  13.173  -0.460  1.00 49.61 ? 320 HOH A O   1 
HETATM 1358 O O   . HOH D 4 .   ? 5.898   -20.744 1.254   1.00 29.43 ? 321 HOH A O   1 
HETATM 1359 O O   . HOH D 4 .   ? 3.700   -7.881  -10.143 1.00 19.90 ? 322 HOH A O   1 
HETATM 1360 O O   . HOH D 4 .   ? 15.195  -17.605 6.561   1.00 31.21 ? 323 HOH A O   1 
HETATM 1361 O O   . HOH D 4 .   ? 3.325   -8.346  -12.805 1.00 32.17 ? 324 HOH A O   1 
HETATM 1362 O O   . HOH D 4 .   ? 2.218   -16.643 3.504   1.00 34.58 ? 325 HOH A O   1 
HETATM 1363 O O   . HOH D 4 .   ? 8.866   -19.091 -0.838  1.00 29.54 ? 326 HOH A O   1 
HETATM 1364 O O   . HOH D 4 .   ? 12.590  -17.468 5.632   1.00 27.38 ? 327 HOH A O   1 
HETATM 1365 O O   . HOH D 4 .   ? 3.583   20.519  1.473   1.00 36.98 ? 328 HOH A O   1 
HETATM 1366 O O   . HOH D 4 .   ? 5.498   -11.222 16.106  1.00 37.45 ? 329 HOH A O   1 
HETATM 1367 O O   . HOH D 4 .   ? 16.765  -15.659 7.271   1.00 36.98 ? 330 HOH A O   1 
# 
loop_
_pdbx_poly_seq_scheme.asym_id 
_pdbx_poly_seq_scheme.entity_id 
_pdbx_poly_seq_scheme.seq_id 
_pdbx_poly_seq_scheme.mon_id 
_pdbx_poly_seq_scheme.ndb_seq_num 
_pdbx_poly_seq_scheme.pdb_seq_num 
_pdbx_poly_seq_scheme.auth_seq_num 
_pdbx_poly_seq_scheme.pdb_mon_id 
_pdbx_poly_seq_scheme.auth_mon_id 
_pdbx_poly_seq_scheme.pdb_strand_id 
_pdbx_poly_seq_scheme.pdb_ins_code 
_pdbx_poly_seq_scheme.hetero 
A 1 1   GLY 1   -3  ?   ?   ?   A . n 
A 1 2   SER 2   -2  ?   ?   ?   A . n 
A 1 3   HIS 3   -1  ?   ?   ?   A . n 
A 1 4   GLY 4   0   ?   ?   ?   A . n 
A 1 5   MET 5   1   ?   ?   ?   A . n 
A 1 6   ALA 6   2   ?   ?   ?   A . n 
A 1 7   ASP 7   3   ?   ?   ?   A . n 
A 1 8   GLU 8   4   ?   ?   ?   A . n 
A 1 9   GLU 9   5   ?   ?   ?   A . n 
A 1 10  LYS 10  6   ?   ?   ?   A . n 
A 1 11  LEU 11  7   7   LEU LEU A . n 
A 1 12  PRO 12  8   8   PRO PRO A . n 
A 1 13  PRO 13  9   9   PRO PRO A . n 
A 1 14  GLY 14  10  10  GLY GLY A . n 
A 1 15  TRP 15  11  11  TRP TRP A . n 
A 1 16  GLU 16  12  12  GLU GLU A . n 
A 1 17  LYS 17  13  13  LYS LYS A . n 
A 1 18  ALA 18  14  14  ALA ALA A . n 
A 1 19  MET 19  15  15  MET MET A . n 
A 1 20  SER 20  16  16  SER SER A . n 
A 1 21  ARG 21  17  17  ARG ARG A . n 
A 1 22  SER 22  18  18  SER SER A . n 
A 1 23  SER 23  19  19  SER SER A . n 
A 1 24  GLY 24  20  20  GLY GLY A . n 
A 1 25  ARG 25  21  21  ARG ARG A . n 
A 1 26  VAL 26  22  22  VAL VAL A . n 
A 1 27  TYR 27  23  23  TYR TYR A . n 
A 1 28  TYR 28  24  24  TYR TYR A . n 
A 1 29  PHE 29  25  25  PHE PHE A . n 
A 1 30  ASN 30  26  26  ASN ASN A . n 
A 1 31  HIS 31  27  27  HIS HIS A . n 
A 1 32  ILE 32  28  28  ILE ILE A . n 
A 1 33  THR 33  29  29  THR THR A . n 
A 1 34  ASN 34  30  30  ASN ASN A . n 
A 1 35  ALA 35  31  31  ALA ALA A . n 
A 1 36  SER 36  32  32  SER SER A . n 
A 1 37  GLN 37  33  33  GLN GLN A . n 
A 1 38  TRP 38  34  34  TRP TRP A . n 
A 1 39  GLU 39  35  35  GLU GLU A . n 
A 1 40  ARG 40  36  36  ARG ARG A . n 
A 1 41  PRO 41  37  37  PRO PRO A . n 
A 1 42  SER 42  38  38  SER SER A . n 
A 1 43  GLY 43  39  ?   ?   ?   A . n 
A 1 44  ASN 44  40  ?   ?   ?   A . n 
A 1 45  SER 45  41  ?   ?   ?   A . n 
A 1 46  SER 46  42  ?   ?   ?   A . n 
A 1 47  SER 47  43  ?   ?   ?   A . n 
A 1 48  GLY 48  44  ?   ?   ?   A . n 
A 1 49  GLY 49  45  ?   ?   ?   A . n 
A 1 50  LYS 50  46  ?   ?   ?   A . n 
A 1 51  ASN 51  47  ?   ?   ?   A . n 
A 1 52  GLY 52  48  ?   ?   ?   A . n 
A 1 53  GLN 53  49  ?   ?   ?   A . n 
A 1 54  GLY 54  50  ?   ?   ?   A . n 
A 1 55  GLU 55  51  51  GLU GLU A . n 
A 1 56  PRO 56  52  52  PRO PRO A . n 
A 1 57  ALA 57  53  53  ALA ALA A . n 
A 1 58  ARG 58  54  54  ARG ARG A . n 
A 1 59  VAL 59  55  55  VAL VAL A . n 
A 1 60  ARG 60  56  56  ARG ARG A . n 
A 1 61  CYS 61  57  57  CYS CYS A . n 
A 1 62  SER 62  58  58  SER SER A . n 
A 1 63  HIS 63  59  59  HIS HIS A . n 
A 1 64  LEU 64  60  60  LEU LEU A . n 
A 1 65  LEU 65  61  61  LEU LEU A . n 
A 1 66  VAL 66  62  62  VAL VAL A . n 
A 1 67  LYS 67  63  63  LYS LYS A . n 
A 1 68  HIS 68  64  64  HIS HIS A . n 
A 1 69  SER 69  65  65  SER SER A . n 
A 1 70  GLN 70  66  66  GLN GLN A . n 
A 1 71  SER 71  67  67  SER SER A . n 
A 1 72  ARG 72  68  68  ARG ARG A . n 
A 1 73  ARG 73  69  69  ARG ARG A . n 
A 1 74  PRO 74  70  70  PRO PRO A . n 
A 1 75  SER 75  71  71  SER SER A . n 
A 1 76  SER 76  72  72  SER SER A . n 
A 1 77  TRP 77  73  73  TRP TRP A . n 
A 1 78  ARG 78  74  74  ARG ARG A . n 
A 1 79  GLN 79  75  75  GLN GLN A . n 
A 1 80  GLU 80  76  76  GLU GLU A . n 
A 1 81  LYS 81  77  77  LYS LYS A . n 
A 1 82  ILE 82  78  78  ILE ILE A . n 
A 1 83  THR 83  79  79  THR THR A . n 
A 1 84  ARG 84  80  80  ARG ARG A . n 
A 1 85  THR 85  81  81  THR THR A . n 
A 1 86  LYS 86  82  82  LYS LYS A . n 
A 1 87  GLU 87  83  83  GLU GLU A . n 
A 1 88  GLU 88  84  84  GLU GLU A . n 
A 1 89  ALA 89  85  85  ALA ALA A . n 
A 1 90  LEU 90  86  86  LEU LEU A . n 
A 1 91  GLU 91  87  87  GLU GLU A . n 
A 1 92  LEU 92  88  88  LEU LEU A . n 
A 1 93  ILE 93  89  89  ILE ILE A . n 
A 1 94  ASN 94  90  90  ASN ASN A . n 
A 1 95  GLY 95  91  91  GLY GLY A . n 
A 1 96  TYR 96  92  92  TYR TYR A . n 
A 1 97  ILE 97  93  93  ILE ILE A . n 
A 1 98  GLN 98  94  94  GLN GLN A . n 
A 1 99  LYS 99  95  95  LYS LYS A . n 
A 1 100 ILE 100 96  96  ILE ILE A . n 
A 1 101 LYS 101 97  97  LYS LYS A . n 
A 1 102 SER 102 98  98  SER SER A . n 
A 1 103 GLY 103 99  99  GLY GLY A . n 
A 1 104 GLU 104 100 100 GLU GLU A . n 
A 1 105 GLU 105 101 101 GLU GLU A . n 
A 1 106 ASP 106 102 102 ASP ASP A . n 
A 1 107 PHE 107 103 103 PHE PHE A . n 
A 1 108 GLU 108 104 104 GLU GLU A . n 
A 1 109 SER 109 105 105 SER SER A . n 
A 1 110 LEU 110 106 106 LEU LEU A . n 
A 1 111 ALA 111 107 107 ALA ALA A . n 
A 1 112 SER 112 108 108 SER SER A . n 
A 1 113 GLN 113 109 109 GLN GLN A . n 
A 1 114 PHE 114 110 110 PHE PHE A . n 
A 1 115 SER 115 111 111 SER SER A . n 
A 1 116 ASP 116 112 112 ASP ASP A . n 
A 1 117 CYS 117 113 113 CYS CYS A . n 
A 1 118 SER 118 114 114 SER SER A . n 
A 1 119 SER 119 115 115 SER SER A . n 
A 1 120 ALA 120 116 116 ALA ALA A . n 
A 1 121 LYS 121 117 117 LYS LYS A . n 
A 1 122 ALA 122 118 118 ALA ALA A . n 
A 1 123 ARG 123 119 119 ARG ARG A . n 
A 1 124 GLY 124 120 120 GLY GLY A . n 
A 1 125 ASP 125 121 121 ASP ASP A . n 
A 1 126 LEU 126 122 122 LEU LEU A . n 
A 1 127 GLY 127 123 123 GLY GLY A . n 
A 1 128 ALA 128 124 124 ALA ALA A . n 
A 1 129 PHE 129 125 125 PHE PHE A . n 
A 1 130 SER 130 126 126 SER SER A . n 
A 1 131 ARG 131 127 127 ARG ARG A . n 
A 1 132 GLY 132 128 128 GLY GLY A . n 
A 1 133 GLN 133 129 129 GLN GLN A . n 
A 1 134 MET 134 130 130 MET MET A . n 
A 1 135 ALA 135 131 131 ALA ALA A . n 
A 1 136 LYS 136 132 132 LYS LYS A . n 
A 1 137 PRO 137 133 133 PRO PRO A . n 
A 1 138 PHE 138 134 134 PHE PHE A . n 
A 1 139 GLU 139 135 135 GLU GLU A . n 
A 1 140 ASP 140 136 136 ASP ASP A . n 
A 1 141 ALA 141 137 137 ALA ALA A . n 
A 1 142 SER 142 138 138 SER SER A . n 
A 1 143 PHE 143 139 139 PHE PHE A . n 
A 1 144 ALA 144 140 140 ALA ALA A . n 
A 1 145 LEU 145 141 141 LEU LEU A . n 
A 1 146 ARG 146 142 142 ARG ARG A . n 
A 1 147 THR 147 143 143 THR THR A . n 
A 1 148 GLY 148 144 144 GLY GLY A . n 
A 1 149 GLU 149 145 145 GLU GLU A . n 
A 1 150 MET 150 146 146 MET MET A . n 
A 1 151 SER 151 147 147 SER SER A . n 
A 1 152 GLY 152 148 148 GLY GLY A . n 
A 1 153 PRO 153 149 149 PRO PRO A . n 
A 1 154 VAL 154 150 150 VAL VAL A . n 
A 1 155 PHE 155 151 151 PHE PHE A . n 
A 1 156 THR 156 152 152 THR THR A . n 
A 1 157 ASP 157 153 153 ASP ASP A . n 
A 1 158 SER 158 154 154 SER SER A . n 
A 1 159 GLY 159 155 155 GLY GLY A . n 
A 1 160 ILE 160 156 156 ILE ILE A . n 
A 1 161 HIS 161 157 157 HIS HIS A . n 
A 1 162 ILE 162 158 158 ILE ILE A . n 
A 1 163 ILE 163 159 159 ILE ILE A . n 
A 1 164 LEU 164 160 160 LEU LEU A . n 
A 1 165 ARG 165 161 161 ARG ARG A . n 
A 1 166 THR 166 162 162 THR THR A . n 
A 1 167 GLU 167 163 163 GLU GLU A . n 
# 
loop_
_pdbx_nonpoly_scheme.asym_id 
_pdbx_nonpoly_scheme.entity_id 
_pdbx_nonpoly_scheme.mon_id 
_pdbx_nonpoly_scheme.ndb_seq_num 
_pdbx_nonpoly_scheme.pdb_seq_num 
_pdbx_nonpoly_scheme.auth_seq_num 
_pdbx_nonpoly_scheme.pdb_mon_id 
_pdbx_nonpoly_scheme.auth_mon_id 
_pdbx_nonpoly_scheme.pdb_strand_id 
_pdbx_nonpoly_scheme.pdb_ins_code 
B 2 4C0 1   164 1   4C0 4C0 A . 
C 3 12P 1   165 1   12P 12P A . 
D 4 HOH 1   166 166 HOH HOH A . 
D 4 HOH 2   167 167 HOH HOH A . 
D 4 HOH 3   168 168 HOH HOH A . 
D 4 HOH 4   169 169 HOH HOH A . 
D 4 HOH 5   170 170 HOH HOH A . 
D 4 HOH 6   171 171 HOH HOH A . 
D 4 HOH 7   172 172 HOH HOH A . 
D 4 HOH 8   173 173 HOH HOH A . 
D 4 HOH 9   174 174 HOH HOH A . 
D 4 HOH 10  175 175 HOH HOH A . 
D 4 HOH 11  176 176 HOH HOH A . 
D 4 HOH 12  177 177 HOH HOH A . 
D 4 HOH 13  178 178 HOH HOH A . 
D 4 HOH 14  179 179 HOH HOH A . 
D 4 HOH 15  180 180 HOH HOH A . 
D 4 HOH 16  181 181 HOH HOH A . 
D 4 HOH 17  182 182 HOH HOH A . 
D 4 HOH 18  183 183 HOH HOH A . 
D 4 HOH 19  184 184 HOH HOH A . 
D 4 HOH 20  185 185 HOH HOH A . 
D 4 HOH 21  186 186 HOH HOH A . 
D 4 HOH 22  187 187 HOH HOH A . 
D 4 HOH 23  188 188 HOH HOH A . 
D 4 HOH 24  189 189 HOH HOH A . 
D 4 HOH 25  190 190 HOH HOH A . 
D 4 HOH 26  191 191 HOH HOH A . 
D 4 HOH 27  192 192 HOH HOH A . 
D 4 HOH 28  193 193 HOH HOH A . 
D 4 HOH 29  194 194 HOH HOH A . 
D 4 HOH 30  195 195 HOH HOH A . 
D 4 HOH 31  196 196 HOH HOH A . 
D 4 HOH 32  197 197 HOH HOH A . 
D 4 HOH 33  198 198 HOH HOH A . 
D 4 HOH 34  199 199 HOH HOH A . 
D 4 HOH 35  200 200 HOH HOH A . 
D 4 HOH 36  201 201 HOH HOH A . 
D 4 HOH 37  202 202 HOH HOH A . 
D 4 HOH 38  203 1   HOH HOH A . 
D 4 HOH 39  204 2   HOH HOH A . 
D 4 HOH 40  205 3   HOH HOH A . 
D 4 HOH 41  206 4   HOH HOH A . 
D 4 HOH 42  207 5   HOH HOH A . 
D 4 HOH 43  208 6   HOH HOH A . 
D 4 HOH 44  209 7   HOH HOH A . 
D 4 HOH 45  210 8   HOH HOH A . 
D 4 HOH 46  211 10  HOH HOH A . 
D 4 HOH 47  212 11  HOH HOH A . 
D 4 HOH 48  213 13  HOH HOH A . 
D 4 HOH 49  214 14  HOH HOH A . 
D 4 HOH 50  215 15  HOH HOH A . 
D 4 HOH 51  216 16  HOH HOH A . 
D 4 HOH 52  217 18  HOH HOH A . 
D 4 HOH 53  218 20  HOH HOH A . 
D 4 HOH 54  219 21  HOH HOH A . 
D 4 HOH 55  220 22  HOH HOH A . 
D 4 HOH 56  221 23  HOH HOH A . 
D 4 HOH 57  222 24  HOH HOH A . 
D 4 HOH 58  223 25  HOH HOH A . 
D 4 HOH 59  224 26  HOH HOH A . 
D 4 HOH 60  225 27  HOH HOH A . 
D 4 HOH 61  226 28  HOH HOH A . 
D 4 HOH 62  227 29  HOH HOH A . 
D 4 HOH 63  228 30  HOH HOH A . 
D 4 HOH 64  229 31  HOH HOH A . 
D 4 HOH 65  230 33  HOH HOH A . 
D 4 HOH 66  231 34  HOH HOH A . 
D 4 HOH 67  232 35  HOH HOH A . 
D 4 HOH 68  233 36  HOH HOH A . 
D 4 HOH 69  234 37  HOH HOH A . 
D 4 HOH 70  235 38  HOH HOH A . 
D 4 HOH 71  236 39  HOH HOH A . 
D 4 HOH 72  237 40  HOH HOH A . 
D 4 HOH 73  238 41  HOH HOH A . 
D 4 HOH 74  239 42  HOH HOH A . 
D 4 HOH 75  240 43  HOH HOH A . 
D 4 HOH 76  241 44  HOH HOH A . 
D 4 HOH 77  242 46  HOH HOH A . 
D 4 HOH 78  243 47  HOH HOH A . 
D 4 HOH 79  244 48  HOH HOH A . 
D 4 HOH 80  245 50  HOH HOH A . 
D 4 HOH 81  246 51  HOH HOH A . 
D 4 HOH 82  247 52  HOH HOH A . 
D 4 HOH 83  248 54  HOH HOH A . 
D 4 HOH 84  249 55  HOH HOH A . 
D 4 HOH 85  250 56  HOH HOH A . 
D 4 HOH 86  251 57  HOH HOH A . 
D 4 HOH 87  252 58  HOH HOH A . 
D 4 HOH 88  253 59  HOH HOH A . 
D 4 HOH 89  254 60  HOH HOH A . 
D 4 HOH 90  255 61  HOH HOH A . 
D 4 HOH 91  256 62  HOH HOH A . 
D 4 HOH 92  257 63  HOH HOH A . 
D 4 HOH 93  258 64  HOH HOH A . 
D 4 HOH 94  259 65  HOH HOH A . 
D 4 HOH 95  260 66  HOH HOH A . 
D 4 HOH 96  261 67  HOH HOH A . 
D 4 HOH 97  262 69  HOH HOH A . 
D 4 HOH 98  263 70  HOH HOH A . 
D 4 HOH 99  264 71  HOH HOH A . 
D 4 HOH 100 265 72  HOH HOH A . 
D 4 HOH 101 266 73  HOH HOH A . 
D 4 HOH 102 267 75  HOH HOH A . 
D 4 HOH 103 268 76  HOH HOH A . 
D 4 HOH 104 269 77  HOH HOH A . 
D 4 HOH 105 270 78  HOH HOH A . 
D 4 HOH 106 271 79  HOH HOH A . 
D 4 HOH 107 272 80  HOH HOH A . 
D 4 HOH 108 273 82  HOH HOH A . 
D 4 HOH 109 274 83  HOH HOH A . 
D 4 HOH 110 275 84  HOH HOH A . 
D 4 HOH 111 276 85  HOH HOH A . 
D 4 HOH 112 277 86  HOH HOH A . 
D 4 HOH 113 278 87  HOH HOH A . 
D 4 HOH 114 279 89  HOH HOH A . 
D 4 HOH 115 280 90  HOH HOH A . 
D 4 HOH 116 281 91  HOH HOH A . 
D 4 HOH 117 282 92  HOH HOH A . 
D 4 HOH 118 283 95  HOH HOH A . 
D 4 HOH 119 284 96  HOH HOH A . 
D 4 HOH 120 285 98  HOH HOH A . 
D 4 HOH 121 286 99  HOH HOH A . 
D 4 HOH 122 287 100 HOH HOH A . 
D 4 HOH 123 288 101 HOH HOH A . 
D 4 HOH 124 289 102 HOH HOH A . 
D 4 HOH 125 290 103 HOH HOH A . 
D 4 HOH 126 291 104 HOH HOH A . 
D 4 HOH 127 292 105 HOH HOH A . 
D 4 HOH 128 293 106 HOH HOH A . 
D 4 HOH 129 294 107 HOH HOH A . 
D 4 HOH 130 295 108 HOH HOH A . 
D 4 HOH 131 296 109 HOH HOH A . 
D 4 HOH 132 297 110 HOH HOH A . 
D 4 HOH 133 298 111 HOH HOH A . 
D 4 HOH 134 299 114 HOH HOH A . 
D 4 HOH 135 300 115 HOH HOH A . 
D 4 HOH 136 301 116 HOH HOH A . 
D 4 HOH 137 302 117 HOH HOH A . 
D 4 HOH 138 303 119 HOH HOH A . 
D 4 HOH 139 304 121 HOH HOH A . 
D 4 HOH 140 305 122 HOH HOH A . 
D 4 HOH 141 306 123 HOH HOH A . 
D 4 HOH 142 307 124 HOH HOH A . 
D 4 HOH 143 308 126 HOH HOH A . 
D 4 HOH 144 309 127 HOH HOH A . 
D 4 HOH 145 310 128 HOH HOH A . 
D 4 HOH 146 311 132 HOH HOH A . 
D 4 HOH 147 312 134 HOH HOH A . 
D 4 HOH 148 313 135 HOH HOH A . 
D 4 HOH 149 314 138 HOH HOH A . 
D 4 HOH 150 315 143 HOH HOH A . 
D 4 HOH 151 316 145 HOH HOH A . 
D 4 HOH 152 317 148 HOH HOH A . 
D 4 HOH 153 318 150 HOH HOH A . 
D 4 HOH 154 319 154 HOH HOH A . 
D 4 HOH 155 320 155 HOH HOH A . 
D 4 HOH 156 321 156 HOH HOH A . 
D 4 HOH 157 322 157 HOH HOH A . 
D 4 HOH 158 323 158 HOH HOH A . 
D 4 HOH 159 324 159 HOH HOH A . 
D 4 HOH 160 325 160 HOH HOH A . 
D 4 HOH 161 326 161 HOH HOH A . 
D 4 HOH 162 327 162 HOH HOH A . 
D 4 HOH 163 328 163 HOH HOH A . 
D 4 HOH 164 329 164 HOH HOH A . 
D 4 HOH 165 330 165 HOH HOH A . 
# 
_pdbx_struct_assembly.id                   1 
_pdbx_struct_assembly.details              author_and_software_defined_assembly 
_pdbx_struct_assembly.method_details       PISA 
_pdbx_struct_assembly.oligomeric_details   monomeric 
_pdbx_struct_assembly.oligomeric_count     1 
# 
_pdbx_struct_assembly_gen.assembly_id       1 
_pdbx_struct_assembly_gen.oper_expression   1 
_pdbx_struct_assembly_gen.asym_id_list      A,B,C,D 
# 
_pdbx_struct_oper_list.id                   1 
_pdbx_struct_oper_list.type                 'identity operation' 
_pdbx_struct_oper_list.name                 1_555 
_pdbx_struct_oper_list.symmetry_operation   x,y,z 
_pdbx_struct_oper_list.matrix[1][1]         1.0000000000 
_pdbx_struct_oper_list.matrix[1][2]         0.0000000000 
_pdbx_struct_oper_list.matrix[1][3]         0.0000000000 
_pdbx_struct_oper_list.vector[1]            0.0000000000 
_pdbx_struct_oper_list.matrix[2][1]         0.0000000000 
_pdbx_struct_oper_list.matrix[2][2]         1.0000000000 
_pdbx_struct_oper_list.matrix[2][3]         0.0000000000 
_pdbx_struct_oper_list.vector[2]            0.0000000000 
_pdbx_struct_oper_list.matrix[3][1]         0.0000000000 
_pdbx_struct_oper_list.matrix[3][2]         0.0000000000 
_pdbx_struct_oper_list.matrix[3][3]         1.0000000000 
_pdbx_struct_oper_list.vector[3]            0.0000000000 
# 
loop_
_pdbx_audit_revision_history.ordinal 
_pdbx_audit_revision_history.data_content_type 
_pdbx_audit_revision_history.major_revision 
_pdbx_audit_revision_history.minor_revision 
_pdbx_audit_revision_history.revision_date 
1 'Structure model' 1 0 2009-12-22 
2 'Structure model' 1 1 2011-07-13 
3 'Structure model' 1 2 2021-11-10 
4 'Structure model' 1 3 2023-11-01 
# 
_pdbx_audit_revision_details.ordinal             1 
_pdbx_audit_revision_details.revision_ordinal    1 
_pdbx_audit_revision_details.data_content_type   'Structure model' 
_pdbx_audit_revision_details.provider            repository 
_pdbx_audit_revision_details.type                'Initial release' 
_pdbx_audit_revision_details.description         ? 
_pdbx_audit_revision_details.details             ? 
# 
loop_
_pdbx_audit_revision_group.ordinal 
_pdbx_audit_revision_group.revision_ordinal 
_pdbx_audit_revision_group.data_content_type 
_pdbx_audit_revision_group.group 
1 2 'Structure model' 'Version format compliance' 
2 3 'Structure model' 'Database references'       
3 3 'Structure model' 'Derived calculations'      
4 4 'Structure model' 'Data collection'           
5 4 'Structure model' 'Refinement description'    
# 
loop_
_pdbx_audit_revision_category.ordinal 
_pdbx_audit_revision_category.revision_ordinal 
_pdbx_audit_revision_category.data_content_type 
_pdbx_audit_revision_category.category 
1 3 'Structure model' database_2                    
2 3 'Structure model' struct_ref_seq_dif            
3 3 'Structure model' struct_site                   
4 4 'Structure model' chem_comp_atom                
5 4 'Structure model' chem_comp_bond                
6 4 'Structure model' pdbx_initial_refinement_model 
# 
loop_
_pdbx_audit_revision_item.ordinal 
_pdbx_audit_revision_item.revision_ordinal 
_pdbx_audit_revision_item.data_content_type 
_pdbx_audit_revision_item.item 
1 3 'Structure model' '_database_2.pdbx_DOI'                
2 3 'Structure model' '_database_2.pdbx_database_accession' 
3 3 'Structure model' '_struct_ref_seq_dif.details'         
4 3 'Structure model' '_struct_site.pdbx_auth_asym_id'      
5 3 'Structure model' '_struct_site.pdbx_auth_comp_id'      
6 3 'Structure model' '_struct_site.pdbx_auth_seq_id'       
# 
loop_
_software.name 
_software.classification 
_software.version 
_software.citation_id 
_software.pdbx_ordinal 
CrystalClear 'data collection' .        ? 1 
AMoRE        phasing           .        ? 2 
REFMAC       refinement        5.5.0072 ? 3 
d*TREK       'data reduction'  .        ? 4 
d*TREK       'data scaling'    .        ? 5 
# 
loop_
_pdbx_validate_close_contact.id 
_pdbx_validate_close_contact.PDB_model_num 
_pdbx_validate_close_contact.auth_atom_id_1 
_pdbx_validate_close_contact.auth_asym_id_1 
_pdbx_validate_close_contact.auth_comp_id_1 
_pdbx_validate_close_contact.auth_seq_id_1 
_pdbx_validate_close_contact.PDB_ins_code_1 
_pdbx_validate_close_contact.label_alt_id_1 
_pdbx_validate_close_contact.auth_atom_id_2 
_pdbx_validate_close_contact.auth_asym_id_2 
_pdbx_validate_close_contact.auth_comp_id_2 
_pdbx_validate_close_contact.auth_seq_id_2 
_pdbx_validate_close_contact.PDB_ins_code_2 
_pdbx_validate_close_contact.label_alt_id_2 
_pdbx_validate_close_contact.dist 
1 1 O37 A 12P 165 ? ? O A HOH 169 ? ? 2.04 
2 1 O   A HOH 193 ? ? O A HOH 326 ? ? 2.06 
3 1 O   A LYS 77  ? ? O A HOH 196 ? ? 2.18 
# 
loop_
_pdbx_validate_rmsd_angle.id 
_pdbx_validate_rmsd_angle.PDB_model_num 
_pdbx_validate_rmsd_angle.auth_atom_id_1 
_pdbx_validate_rmsd_angle.auth_asym_id_1 
_pdbx_validate_rmsd_angle.auth_comp_id_1 
_pdbx_validate_rmsd_angle.auth_seq_id_1 
_pdbx_validate_rmsd_angle.PDB_ins_code_1 
_pdbx_validate_rmsd_angle.label_alt_id_1 
_pdbx_validate_rmsd_angle.auth_atom_id_2 
_pdbx_validate_rmsd_angle.auth_asym_id_2 
_pdbx_validate_rmsd_angle.auth_comp_id_2 
_pdbx_validate_rmsd_angle.auth_seq_id_2 
_pdbx_validate_rmsd_angle.PDB_ins_code_2 
_pdbx_validate_rmsd_angle.label_alt_id_2 
_pdbx_validate_rmsd_angle.auth_atom_id_3 
_pdbx_validate_rmsd_angle.auth_asym_id_3 
_pdbx_validate_rmsd_angle.auth_comp_id_3 
_pdbx_validate_rmsd_angle.auth_seq_id_3 
_pdbx_validate_rmsd_angle.PDB_ins_code_3 
_pdbx_validate_rmsd_angle.label_alt_id_3 
_pdbx_validate_rmsd_angle.angle_value 
_pdbx_validate_rmsd_angle.angle_target_value 
_pdbx_validate_rmsd_angle.angle_deviation 
_pdbx_validate_rmsd_angle.angle_standard_deviation 
_pdbx_validate_rmsd_angle.linker_flag 
1 1 NE A ARG 17 ? ? CZ A ARG 17 ? ? NH2 A ARG 17 ? ? 116.53 120.30 -3.77 0.50 N 
2 1 NE A ARG 21 ? ? CZ A ARG 21 ? ? NH2 A ARG 21 ? ? 117.25 120.30 -3.05 0.50 N 
3 1 NE A ARG 56 ? ? CZ A ARG 56 ? ? NH1 A ARG 56 ? ? 117.17 120.30 -3.13 0.50 N 
# 
loop_
_pdbx_validate_torsion.id 
_pdbx_validate_torsion.PDB_model_num 
_pdbx_validate_torsion.auth_comp_id 
_pdbx_validate_torsion.auth_asym_id 
_pdbx_validate_torsion.auth_seq_id 
_pdbx_validate_torsion.PDB_ins_code 
_pdbx_validate_torsion.label_alt_id 
_pdbx_validate_torsion.phi 
_pdbx_validate_torsion.psi 
1 1 ASN A 30  ? ? 59.42  19.97  
2 1 ALA A 131 ? ? -38.91 138.65 
# 
_pdbx_validate_peptide_omega.id               1 
_pdbx_validate_peptide_omega.PDB_model_num    1 
_pdbx_validate_peptide_omega.auth_comp_id_1   PRO 
_pdbx_validate_peptide_omega.auth_asym_id_1   A 
_pdbx_validate_peptide_omega.auth_seq_id_1    37 
_pdbx_validate_peptide_omega.PDB_ins_code_1   ? 
_pdbx_validate_peptide_omega.label_alt_id_1   ? 
_pdbx_validate_peptide_omega.auth_comp_id_2   SER 
_pdbx_validate_peptide_omega.auth_asym_id_2   A 
_pdbx_validate_peptide_omega.auth_seq_id_2    38 
_pdbx_validate_peptide_omega.PDB_ins_code_2   ? 
_pdbx_validate_peptide_omega.label_alt_id_2   ? 
_pdbx_validate_peptide_omega.omega            147.65 
# 
loop_
_pdbx_unobs_or_zero_occ_atoms.id 
_pdbx_unobs_or_zero_occ_atoms.PDB_model_num 
_pdbx_unobs_or_zero_occ_atoms.polymer_flag 
_pdbx_unobs_or_zero_occ_atoms.occupancy_flag 
_pdbx_unobs_or_zero_occ_atoms.auth_asym_id 
_pdbx_unobs_or_zero_occ_atoms.auth_comp_id 
_pdbx_unobs_or_zero_occ_atoms.auth_seq_id 
_pdbx_unobs_or_zero_occ_atoms.PDB_ins_code 
_pdbx_unobs_or_zero_occ_atoms.auth_atom_id 
_pdbx_unobs_or_zero_occ_atoms.label_alt_id 
_pdbx_unobs_or_zero_occ_atoms.label_asym_id 
_pdbx_unobs_or_zero_occ_atoms.label_comp_id 
_pdbx_unobs_or_zero_occ_atoms.label_seq_id 
_pdbx_unobs_or_zero_occ_atoms.label_atom_id 
1  1 Y 1 A GLU 83  ? CD  ? A GLU 87  CD  
2  1 Y 1 A GLU 83  ? OE1 ? A GLU 87  OE1 
3  1 Y 1 A GLU 83  ? OE2 ? A GLU 87  OE2 
4  1 Y 1 A LYS 132 ? CG  ? A LYS 136 CG  
5  1 Y 1 A LYS 132 ? CD  ? A LYS 136 CD  
6  1 Y 1 A LYS 132 ? CE  ? A LYS 136 CE  
7  1 Y 1 A LYS 132 ? NZ  ? A LYS 136 NZ  
8  1 N 1 A 12P 165 ? O13 ? C 12P 1   O13 
9  1 N 1 A 12P 165 ? C12 ? C 12P 1   C12 
10 1 N 1 A 12P 165 ? C11 ? C 12P 1   C11 
11 1 N 1 A 12P 165 ? O10 ? C 12P 1   O10 
12 1 N 1 A 12P 165 ? C9  ? C 12P 1   C9  
13 1 N 1 A 12P 165 ? C8  ? C 12P 1   C8  
14 1 N 1 A 12P 165 ? O7  ? C 12P 1   O7  
15 1 N 1 A 12P 165 ? C6  ? C 12P 1   C6  
16 1 N 1 A 12P 165 ? C5  ? C 12P 1   C5  
17 1 N 1 A 12P 165 ? O4  ? C 12P 1   O4  
18 1 N 1 A 12P 165 ? C3  ? C 12P 1   C3  
19 1 N 1 A 12P 165 ? C2  ? C 12P 1   C2  
20 1 N 1 A 12P 165 ? O1  ? C 12P 1   O1  
# 
loop_
_pdbx_unobs_or_zero_occ_residues.id 
_pdbx_unobs_or_zero_occ_residues.PDB_model_num 
_pdbx_unobs_or_zero_occ_residues.polymer_flag 
_pdbx_unobs_or_zero_occ_residues.occupancy_flag 
_pdbx_unobs_or_zero_occ_residues.auth_asym_id 
_pdbx_unobs_or_zero_occ_residues.auth_comp_id 
_pdbx_unobs_or_zero_occ_residues.auth_seq_id 
_pdbx_unobs_or_zero_occ_residues.PDB_ins_code 
_pdbx_unobs_or_zero_occ_residues.label_asym_id 
_pdbx_unobs_or_zero_occ_residues.label_comp_id 
_pdbx_unobs_or_zero_occ_residues.label_seq_id 
1  1 Y 1 A GLY -3 ? A GLY 1  
2  1 Y 1 A SER -2 ? A SER 2  
3  1 Y 1 A HIS -1 ? A HIS 3  
4  1 Y 1 A GLY 0  ? A GLY 4  
5  1 Y 1 A MET 1  ? A MET 5  
6  1 Y 1 A ALA 2  ? A ALA 6  
7  1 Y 1 A ASP 3  ? A ASP 7  
8  1 Y 1 A GLU 4  ? A GLU 8  
9  1 Y 1 A GLU 5  ? A GLU 9  
10 1 Y 1 A LYS 6  ? A LYS 10 
11 1 Y 1 A GLY 39 ? A GLY 43 
12 1 Y 1 A ASN 40 ? A ASN 44 
13 1 Y 1 A SER 41 ? A SER 45 
14 1 Y 1 A SER 42 ? A SER 46 
15 1 Y 1 A SER 43 ? A SER 47 
16 1 Y 1 A GLY 44 ? A GLY 48 
17 1 Y 1 A GLY 45 ? A GLY 49 
18 1 Y 1 A LYS 46 ? A LYS 50 
19 1 Y 1 A ASN 47 ? A ASN 51 
20 1 Y 1 A GLY 48 ? A GLY 52 
21 1 Y 1 A GLN 49 ? A GLN 53 
22 1 Y 1 A GLY 50 ? A GLY 54 
# 
loop_
_chem_comp_atom.comp_id 
_chem_comp_atom.atom_id 
_chem_comp_atom.type_symbol 
_chem_comp_atom.pdbx_aromatic_flag 
_chem_comp_atom.pdbx_stereo_config 
_chem_comp_atom.pdbx_ordinal 
12P O37  O N N 1   
12P C36  C N N 2   
12P C35  C N N 3   
12P O34  O N N 4   
12P C33  C N N 5   
12P C32  C N N 6   
12P O31  O N N 7   
12P C30  C N N 8   
12P C29  C N N 9   
12P O28  O N N 10  
12P C27  C N N 11  
12P C26  C N N 12  
12P O25  O N N 13  
12P C24  C N N 14  
12P C23  C N N 15  
12P O22  O N N 16  
12P C21  C N N 17  
12P C20  C N N 18  
12P O19  O N N 19  
12P C18  C N N 20  
12P C17  C N N 21  
12P O16  O N N 22  
12P C15  C N N 23  
12P C14  C N N 24  
12P O13  O N N 25  
12P C12  C N N 26  
12P C11  C N N 27  
12P O10  O N N 28  
12P C9   C N N 29  
12P C8   C N N 30  
12P O7   O N N 31  
12P C6   C N N 32  
12P C5   C N N 33  
12P O4   O N N 34  
12P C3   C N N 35  
12P C2   C N N 36  
12P O1   O N N 37  
12P H37  H N N 38  
12P H361 H N N 39  
12P H362 H N N 40  
12P H351 H N N 41  
12P H352 H N N 42  
12P H331 H N N 43  
12P H332 H N N 44  
12P H321 H N N 45  
12P H322 H N N 46  
12P H301 H N N 47  
12P H302 H N N 48  
12P H291 H N N 49  
12P H292 H N N 50  
12P H271 H N N 51  
12P H272 H N N 52  
12P H261 H N N 53  
12P H262 H N N 54  
12P H241 H N N 55  
12P H242 H N N 56  
12P H231 H N N 57  
12P H232 H N N 58  
12P H211 H N N 59  
12P H212 H N N 60  
12P H201 H N N 61  
12P H202 H N N 62  
12P H181 H N N 63  
12P H182 H N N 64  
12P H171 H N N 65  
12P H172 H N N 66  
12P H151 H N N 67  
12P H152 H N N 68  
12P H141 H N N 69  
12P H142 H N N 70  
12P H121 H N N 71  
12P H122 H N N 72  
12P H111 H N N 73  
12P H112 H N N 74  
12P H91  H N N 75  
12P H92  H N N 76  
12P H81  H N N 77  
12P H82  H N N 78  
12P H61  H N N 79  
12P H62  H N N 80  
12P H51  H N N 81  
12P H52  H N N 82  
12P H31  H N N 83  
12P H32  H N N 84  
12P H21  H N N 85  
12P H22  H N N 86  
12P HO1  H N N 87  
4C0 C1   C Y N 88  
4C0 C2   C Y N 89  
4C0 C3   C Y N 90  
4C0 C4   C Y N 91  
4C0 C5   C Y N 92  
4C0 C6   C Y N 93  
4C0 N7   N Y N 94  
4C0 C8   C Y N 95  
4C0 N9   N Y N 96  
4C0 C10  C N N 97  
4C0 C11  C N R 98  
4C0 N12  N N N 99  
4C0 C13  C N N 100 
4C0 O14  O N N 101 
4C0 C15  C N N 102 
4C0 C16  C N N 103 
4C0 C17  C Y N 104 
4C0 C18  C Y N 105 
4C0 C19  C Y N 106 
4C0 C20  C Y N 107 
4C0 C21  C Y N 108 
4C0 C22  C Y N 109 
4C0 C23  C N N 110 
4C0 O24  O N N 111 
4C0 O25  O N N 112 
4C0 H1   H N N 113 
4C0 H2   H N N 114 
4C0 H3   H N N 115 
4C0 H4   H N N 116 
4C0 H10  H N N 117 
4C0 H10A H N N 118 
4C0 H11  H N N 119 
4C0 HN12 H N N 120 
4C0 H15  H N N 121 
4C0 H15A H N N 122 
4C0 H16  H N N 123 
4C0 H16A H N N 124 
4C0 H18  H N N 125 
4C0 H19  H N N 126 
4C0 H20  H N N 127 
4C0 H21  H N N 128 
4C0 H22  H N N 129 
4C0 HO25 H N N 130 
4C0 HN7  H N N 131 
ALA N    N N N 132 
ALA CA   C N S 133 
ALA C    C N N 134 
ALA O    O N N 135 
ALA CB   C N N 136 
ALA OXT  O N N 137 
ALA H    H N N 138 
ALA H2   H N N 139 
ALA HA   H N N 140 
ALA HB1  H N N 141 
ALA HB2  H N N 142 
ALA HB3  H N N 143 
ALA HXT  H N N 144 
ARG N    N N N 145 
ARG CA   C N S 146 
ARG C    C N N 147 
ARG O    O N N 148 
ARG CB   C N N 149 
ARG CG   C N N 150 
ARG CD   C N N 151 
ARG NE   N N N 152 
ARG CZ   C N N 153 
ARG NH1  N N N 154 
ARG NH2  N N N 155 
ARG OXT  O N N 156 
ARG H    H N N 157 
ARG H2   H N N 158 
ARG HA   H N N 159 
ARG HB2  H N N 160 
ARG HB3  H N N 161 
ARG HG2  H N N 162 
ARG HG3  H N N 163 
ARG HD2  H N N 164 
ARG HD3  H N N 165 
ARG HE   H N N 166 
ARG HH11 H N N 167 
ARG HH12 H N N 168 
ARG HH21 H N N 169 
ARG HH22 H N N 170 
ARG HXT  H N N 171 
ASN N    N N N 172 
ASN CA   C N S 173 
ASN C    C N N 174 
ASN O    O N N 175 
ASN CB   C N N 176 
ASN CG   C N N 177 
ASN OD1  O N N 178 
ASN ND2  N N N 179 
ASN OXT  O N N 180 
ASN H    H N N 181 
ASN H2   H N N 182 
ASN HA   H N N 183 
ASN HB2  H N N 184 
ASN HB3  H N N 185 
ASN HD21 H N N 186 
ASN HD22 H N N 187 
ASN HXT  H N N 188 
ASP N    N N N 189 
ASP CA   C N S 190 
ASP C    C N N 191 
ASP O    O N N 192 
ASP CB   C N N 193 
ASP CG   C N N 194 
ASP OD1  O N N 195 
ASP OD2  O N N 196 
ASP OXT  O N N 197 
ASP H    H N N 198 
ASP H2   H N N 199 
ASP HA   H N N 200 
ASP HB2  H N N 201 
ASP HB3  H N N 202 
ASP HD2  H N N 203 
ASP HXT  H N N 204 
CYS N    N N N 205 
CYS CA   C N R 206 
CYS C    C N N 207 
CYS O    O N N 208 
CYS CB   C N N 209 
CYS SG   S N N 210 
CYS OXT  O N N 211 
CYS H    H N N 212 
CYS H2   H N N 213 
CYS HA   H N N 214 
CYS HB2  H N N 215 
CYS HB3  H N N 216 
CYS HG   H N N 217 
CYS HXT  H N N 218 
GLN N    N N N 219 
GLN CA   C N S 220 
GLN C    C N N 221 
GLN O    O N N 222 
GLN CB   C N N 223 
GLN CG   C N N 224 
GLN CD   C N N 225 
GLN OE1  O N N 226 
GLN NE2  N N N 227 
GLN OXT  O N N 228 
GLN H    H N N 229 
GLN H2   H N N 230 
GLN HA   H N N 231 
GLN HB2  H N N 232 
GLN HB3  H N N 233 
GLN HG2  H N N 234 
GLN HG3  H N N 235 
GLN HE21 H N N 236 
GLN HE22 H N N 237 
GLN HXT  H N N 238 
GLU N    N N N 239 
GLU CA   C N S 240 
GLU C    C N N 241 
GLU O    O N N 242 
GLU CB   C N N 243 
GLU CG   C N N 244 
GLU CD   C N N 245 
GLU OE1  O N N 246 
GLU OE2  O N N 247 
GLU OXT  O N N 248 
GLU H    H N N 249 
GLU H2   H N N 250 
GLU HA   H N N 251 
GLU HB2  H N N 252 
GLU HB3  H N N 253 
GLU HG2  H N N 254 
GLU HG3  H N N 255 
GLU HE2  H N N 256 
GLU HXT  H N N 257 
GLY N    N N N 258 
GLY CA   C N N 259 
GLY C    C N N 260 
GLY O    O N N 261 
GLY OXT  O N N 262 
GLY H    H N N 263 
GLY H2   H N N 264 
GLY HA2  H N N 265 
GLY HA3  H N N 266 
GLY HXT  H N N 267 
HIS N    N N N 268 
HIS CA   C N S 269 
HIS C    C N N 270 
HIS O    O N N 271 
HIS CB   C N N 272 
HIS CG   C Y N 273 
HIS ND1  N Y N 274 
HIS CD2  C Y N 275 
HIS CE1  C Y N 276 
HIS NE2  N Y N 277 
HIS OXT  O N N 278 
HIS H    H N N 279 
HIS H2   H N N 280 
HIS HA   H N N 281 
HIS HB2  H N N 282 
HIS HB3  H N N 283 
HIS HD1  H N N 284 
HIS HD2  H N N 285 
HIS HE1  H N N 286 
HIS HE2  H N N 287 
HIS HXT  H N N 288 
HOH O    O N N 289 
HOH H1   H N N 290 
HOH H2   H N N 291 
ILE N    N N N 292 
ILE CA   C N S 293 
ILE C    C N N 294 
ILE O    O N N 295 
ILE CB   C N S 296 
ILE CG1  C N N 297 
ILE CG2  C N N 298 
ILE CD1  C N N 299 
ILE OXT  O N N 300 
ILE H    H N N 301 
ILE H2   H N N 302 
ILE HA   H N N 303 
ILE HB   H N N 304 
ILE HG12 H N N 305 
ILE HG13 H N N 306 
ILE HG21 H N N 307 
ILE HG22 H N N 308 
ILE HG23 H N N 309 
ILE HD11 H N N 310 
ILE HD12 H N N 311 
ILE HD13 H N N 312 
ILE HXT  H N N 313 
LEU N    N N N 314 
LEU CA   C N S 315 
LEU C    C N N 316 
LEU O    O N N 317 
LEU CB   C N N 318 
LEU CG   C N N 319 
LEU CD1  C N N 320 
LEU CD2  C N N 321 
LEU OXT  O N N 322 
LEU H    H N N 323 
LEU H2   H N N 324 
LEU HA   H N N 325 
LEU HB2  H N N 326 
LEU HB3  H N N 327 
LEU HG   H N N 328 
LEU HD11 H N N 329 
LEU HD12 H N N 330 
LEU HD13 H N N 331 
LEU HD21 H N N 332 
LEU HD22 H N N 333 
LEU HD23 H N N 334 
LEU HXT  H N N 335 
LYS N    N N N 336 
LYS CA   C N S 337 
LYS C    C N N 338 
LYS O    O N N 339 
LYS CB   C N N 340 
LYS CG   C N N 341 
LYS CD   C N N 342 
LYS CE   C N N 343 
LYS NZ   N N N 344 
LYS OXT  O N N 345 
LYS H    H N N 346 
LYS H2   H N N 347 
LYS HA   H N N 348 
LYS HB2  H N N 349 
LYS HB3  H N N 350 
LYS HG2  H N N 351 
LYS HG3  H N N 352 
LYS HD2  H N N 353 
LYS HD3  H N N 354 
LYS HE2  H N N 355 
LYS HE3  H N N 356 
LYS HZ1  H N N 357 
LYS HZ2  H N N 358 
LYS HZ3  H N N 359 
LYS HXT  H N N 360 
MET N    N N N 361 
MET CA   C N S 362 
MET C    C N N 363 
MET O    O N N 364 
MET CB   C N N 365 
MET CG   C N N 366 
MET SD   S N N 367 
MET CE   C N N 368 
MET OXT  O N N 369 
MET H    H N N 370 
MET H2   H N N 371 
MET HA   H N N 372 
MET HB2  H N N 373 
MET HB3  H N N 374 
MET HG2  H N N 375 
MET HG3  H N N 376 
MET HE1  H N N 377 
MET HE2  H N N 378 
MET HE3  H N N 379 
MET HXT  H N N 380 
PHE N    N N N 381 
PHE CA   C N S 382 
PHE C    C N N 383 
PHE O    O N N 384 
PHE CB   C N N 385 
PHE CG   C Y N 386 
PHE CD1  C Y N 387 
PHE CD2  C Y N 388 
PHE CE1  C Y N 389 
PHE CE2  C Y N 390 
PHE CZ   C Y N 391 
PHE OXT  O N N 392 
PHE H    H N N 393 
PHE H2   H N N 394 
PHE HA   H N N 395 
PHE HB2  H N N 396 
PHE HB3  H N N 397 
PHE HD1  H N N 398 
PHE HD2  H N N 399 
PHE HE1  H N N 400 
PHE HE2  H N N 401 
PHE HZ   H N N 402 
PHE HXT  H N N 403 
PRO N    N N N 404 
PRO CA   C N S 405 
PRO C    C N N 406 
PRO O    O N N 407 
PRO CB   C N N 408 
PRO CG   C N N 409 
PRO CD   C N N 410 
PRO OXT  O N N 411 
PRO H    H N N 412 
PRO HA   H N N 413 
PRO HB2  H N N 414 
PRO HB3  H N N 415 
PRO HG2  H N N 416 
PRO HG3  H N N 417 
PRO HD2  H N N 418 
PRO HD3  H N N 419 
PRO HXT  H N N 420 
SER N    N N N 421 
SER CA   C N S 422 
SER C    C N N 423 
SER O    O N N 424 
SER CB   C N N 425 
SER OG   O N N 426 
SER OXT  O N N 427 
SER H    H N N 428 
SER H2   H N N 429 
SER HA   H N N 430 
SER HB2  H N N 431 
SER HB3  H N N 432 
SER HG   H N N 433 
SER HXT  H N N 434 
THR N    N N N 435 
THR CA   C N S 436 
THR C    C N N 437 
THR O    O N N 438 
THR CB   C N R 439 
THR OG1  O N N 440 
THR CG2  C N N 441 
THR OXT  O N N 442 
THR H    H N N 443 
THR H2   H N N 444 
THR HA   H N N 445 
THR HB   H N N 446 
THR HG1  H N N 447 
THR HG21 H N N 448 
THR HG22 H N N 449 
THR HG23 H N N 450 
THR HXT  H N N 451 
TRP N    N N N 452 
TRP CA   C N S 453 
TRP C    C N N 454 
TRP O    O N N 455 
TRP CB   C N N 456 
TRP CG   C Y N 457 
TRP CD1  C Y N 458 
TRP CD2  C Y N 459 
TRP NE1  N Y N 460 
TRP CE2  C Y N 461 
TRP CE3  C Y N 462 
TRP CZ2  C Y N 463 
TRP CZ3  C Y N 464 
TRP CH2  C Y N 465 
TRP OXT  O N N 466 
TRP H    H N N 467 
TRP H2   H N N 468 
TRP HA   H N N 469 
TRP HB2  H N N 470 
TRP HB3  H N N 471 
TRP HD1  H N N 472 
TRP HE1  H N N 473 
TRP HE3  H N N 474 
TRP HZ2  H N N 475 
TRP HZ3  H N N 476 
TRP HH2  H N N 477 
TRP HXT  H N N 478 
TYR N    N N N 479 
TYR CA   C N S 480 
TYR C    C N N 481 
TYR O    O N N 482 
TYR CB   C N N 483 
TYR CG   C Y N 484 
TYR CD1  C Y N 485 
TYR CD2  C Y N 486 
TYR CE1  C Y N 487 
TYR CE2  C Y N 488 
TYR CZ   C Y N 489 
TYR OH   O N N 490 
TYR OXT  O N N 491 
TYR H    H N N 492 
TYR H2   H N N 493 
TYR HA   H N N 494 
TYR HB2  H N N 495 
TYR HB3  H N N 496 
TYR HD1  H N N 497 
TYR HD2  H N N 498 
TYR HE1  H N N 499 
TYR HE2  H N N 500 
TYR HH   H N N 501 
TYR HXT  H N N 502 
VAL N    N N N 503 
VAL CA   C N S 504 
VAL C    C N N 505 
VAL O    O N N 506 
VAL CB   C N N 507 
VAL CG1  C N N 508 
VAL CG2  C N N 509 
VAL OXT  O N N 510 
VAL H    H N N 511 
VAL H2   H N N 512 
VAL HA   H N N 513 
VAL HB   H N N 514 
VAL HG11 H N N 515 
VAL HG12 H N N 516 
VAL HG13 H N N 517 
VAL HG21 H N N 518 
VAL HG22 H N N 519 
VAL HG23 H N N 520 
VAL HXT  H N N 521 
# 
loop_
_chem_comp_bond.comp_id 
_chem_comp_bond.atom_id_1 
_chem_comp_bond.atom_id_2 
_chem_comp_bond.value_order 
_chem_comp_bond.pdbx_aromatic_flag 
_chem_comp_bond.pdbx_stereo_config 
_chem_comp_bond.pdbx_ordinal 
12P O37 C36  sing N N 1   
12P O37 H37  sing N N 2   
12P C36 C35  sing N N 3   
12P C36 H361 sing N N 4   
12P C36 H362 sing N N 5   
12P C35 O34  sing N N 6   
12P C35 H351 sing N N 7   
12P C35 H352 sing N N 8   
12P O34 C33  sing N N 9   
12P C33 C32  sing N N 10  
12P C33 H331 sing N N 11  
12P C33 H332 sing N N 12  
12P C32 O31  sing N N 13  
12P C32 H321 sing N N 14  
12P C32 H322 sing N N 15  
12P O31 C30  sing N N 16  
12P C30 C29  sing N N 17  
12P C30 H301 sing N N 18  
12P C30 H302 sing N N 19  
12P C29 O28  sing N N 20  
12P C29 H291 sing N N 21  
12P C29 H292 sing N N 22  
12P O28 C27  sing N N 23  
12P C27 C26  sing N N 24  
12P C27 H271 sing N N 25  
12P C27 H272 sing N N 26  
12P C26 O25  sing N N 27  
12P C26 H261 sing N N 28  
12P C26 H262 sing N N 29  
12P O25 C24  sing N N 30  
12P C24 C23  sing N N 31  
12P C24 H241 sing N N 32  
12P C24 H242 sing N N 33  
12P C23 O22  sing N N 34  
12P C23 H231 sing N N 35  
12P C23 H232 sing N N 36  
12P O22 C21  sing N N 37  
12P C21 C20  sing N N 38  
12P C21 H211 sing N N 39  
12P C21 H212 sing N N 40  
12P C20 O19  sing N N 41  
12P C20 H201 sing N N 42  
12P C20 H202 sing N N 43  
12P O19 C18  sing N N 44  
12P C18 C17  sing N N 45  
12P C18 H181 sing N N 46  
12P C18 H182 sing N N 47  
12P C17 O16  sing N N 48  
12P C17 H171 sing N N 49  
12P C17 H172 sing N N 50  
12P O16 C15  sing N N 51  
12P C15 C14  sing N N 52  
12P C15 H151 sing N N 53  
12P C15 H152 sing N N 54  
12P C14 O13  sing N N 55  
12P C14 H141 sing N N 56  
12P C14 H142 sing N N 57  
12P O13 C12  sing N N 58  
12P C12 C11  sing N N 59  
12P C12 H121 sing N N 60  
12P C12 H122 sing N N 61  
12P C11 O10  sing N N 62  
12P C11 H111 sing N N 63  
12P C11 H112 sing N N 64  
12P O10 C9   sing N N 65  
12P C9  C8   sing N N 66  
12P C9  H91  sing N N 67  
12P C9  H92  sing N N 68  
12P C8  O7   sing N N 69  
12P C8  H81  sing N N 70  
12P C8  H82  sing N N 71  
12P O7  C6   sing N N 72  
12P C6  C5   sing N N 73  
12P C6  H61  sing N N 74  
12P C6  H62  sing N N 75  
12P C5  O4   sing N N 76  
12P C5  H51  sing N N 77  
12P C5  H52  sing N N 78  
12P O4  C3   sing N N 79  
12P C3  C2   sing N N 80  
12P C3  H31  sing N N 81  
12P C3  H32  sing N N 82  
12P C2  O1   sing N N 83  
12P C2  H21  sing N N 84  
12P C2  H22  sing N N 85  
12P O1  HO1  sing N N 86  
4C0 C2  C1   doub Y N 87  
4C0 C1  C4   sing Y N 88  
4C0 C1  H1   sing N N 89  
4C0 C3  C2   sing Y N 90  
4C0 C2  H2   sing N N 91  
4C0 C3  C6   doub Y N 92  
4C0 C3  H3   sing N N 93  
4C0 C5  C4   doub Y N 94  
4C0 C4  H4   sing N N 95  
4C0 C6  C5   sing Y N 96  
4C0 C5  N9   sing Y N 97  
4C0 N7  C6   sing Y N 98  
4C0 N7  C8   sing Y N 99  
4C0 C10 C8   sing N N 100 
4C0 C8  N9   doub Y N 101 
4C0 C11 C10  sing N N 102 
4C0 C10 H10  sing N N 103 
4C0 C10 H10A sing N N 104 
4C0 N12 C11  sing N N 105 
4C0 C11 C23  sing N N 106 
4C0 C11 H11  sing N N 107 
4C0 C13 N12  sing N N 108 
4C0 N12 HN12 sing N N 109 
4C0 C15 C13  sing N N 110 
4C0 C13 O14  doub N N 111 
4C0 C16 C15  sing N N 112 
4C0 C15 H15  sing N N 113 
4C0 C15 H15A sing N N 114 
4C0 C17 C16  sing N N 115 
4C0 C16 H16  sing N N 116 
4C0 C16 H16A sing N N 117 
4C0 C18 C17  doub Y N 118 
4C0 C22 C17  sing Y N 119 
4C0 C19 C18  sing Y N 120 
4C0 C18 H18  sing N N 121 
4C0 C20 C19  doub Y N 122 
4C0 C19 H19  sing N N 123 
4C0 C20 C21  sing Y N 124 
4C0 C20 H20  sing N N 125 
4C0 C21 C22  doub Y N 126 
4C0 C21 H21  sing N N 127 
4C0 C22 H22  sing N N 128 
4C0 O24 C23  doub N N 129 
4C0 C23 O25  sing N N 130 
4C0 O25 HO25 sing N N 131 
4C0 N7  HN7  sing N N 132 
ALA N   CA   sing N N 133 
ALA N   H    sing N N 134 
ALA N   H2   sing N N 135 
ALA CA  C    sing N N 136 
ALA CA  CB   sing N N 137 
ALA CA  HA   sing N N 138 
ALA C   O    doub N N 139 
ALA C   OXT  sing N N 140 
ALA CB  HB1  sing N N 141 
ALA CB  HB2  sing N N 142 
ALA CB  HB3  sing N N 143 
ALA OXT HXT  sing N N 144 
ARG N   CA   sing N N 145 
ARG N   H    sing N N 146 
ARG N   H2   sing N N 147 
ARG CA  C    sing N N 148 
ARG CA  CB   sing N N 149 
ARG CA  HA   sing N N 150 
ARG C   O    doub N N 151 
ARG C   OXT  sing N N 152 
ARG CB  CG   sing N N 153 
ARG CB  HB2  sing N N 154 
ARG CB  HB3  sing N N 155 
ARG CG  CD   sing N N 156 
ARG CG  HG2  sing N N 157 
ARG CG  HG3  sing N N 158 
ARG CD  NE   sing N N 159 
ARG CD  HD2  sing N N 160 
ARG CD  HD3  sing N N 161 
ARG NE  CZ   sing N N 162 
ARG NE  HE   sing N N 163 
ARG CZ  NH1  sing N N 164 
ARG CZ  NH2  doub N N 165 
ARG NH1 HH11 sing N N 166 
ARG NH1 HH12 sing N N 167 
ARG NH2 HH21 sing N N 168 
ARG NH2 HH22 sing N N 169 
ARG OXT HXT  sing N N 170 
ASN N   CA   sing N N 171 
ASN N   H    sing N N 172 
ASN N   H2   sing N N 173 
ASN CA  C    sing N N 174 
ASN CA  CB   sing N N 175 
ASN CA  HA   sing N N 176 
ASN C   O    doub N N 177 
ASN C   OXT  sing N N 178 
ASN CB  CG   sing N N 179 
ASN CB  HB2  sing N N 180 
ASN CB  HB3  sing N N 181 
ASN CG  OD1  doub N N 182 
ASN CG  ND2  sing N N 183 
ASN ND2 HD21 sing N N 184 
ASN ND2 HD22 sing N N 185 
ASN OXT HXT  sing N N 186 
ASP N   CA   sing N N 187 
ASP N   H    sing N N 188 
ASP N   H2   sing N N 189 
ASP CA  C    sing N N 190 
ASP CA  CB   sing N N 191 
ASP CA  HA   sing N N 192 
ASP C   O    doub N N 193 
ASP C   OXT  sing N N 194 
ASP CB  CG   sing N N 195 
ASP CB  HB2  sing N N 196 
ASP CB  HB3  sing N N 197 
ASP CG  OD1  doub N N 198 
ASP CG  OD2  sing N N 199 
ASP OD2 HD2  sing N N 200 
ASP OXT HXT  sing N N 201 
CYS N   CA   sing N N 202 
CYS N   H    sing N N 203 
CYS N   H2   sing N N 204 
CYS CA  C    sing N N 205 
CYS CA  CB   sing N N 206 
CYS CA  HA   sing N N 207 
CYS C   O    doub N N 208 
CYS C   OXT  sing N N 209 
CYS CB  SG   sing N N 210 
CYS CB  HB2  sing N N 211 
CYS CB  HB3  sing N N 212 
CYS SG  HG   sing N N 213 
CYS OXT HXT  sing N N 214 
GLN N   CA   sing N N 215 
GLN N   H    sing N N 216 
GLN N   H2   sing N N 217 
GLN CA  C    sing N N 218 
GLN CA  CB   sing N N 219 
GLN CA  HA   sing N N 220 
GLN C   O    doub N N 221 
GLN C   OXT  sing N N 222 
GLN CB  CG   sing N N 223 
GLN CB  HB2  sing N N 224 
GLN CB  HB3  sing N N 225 
GLN CG  CD   sing N N 226 
GLN CG  HG2  sing N N 227 
GLN CG  HG3  sing N N 228 
GLN CD  OE1  doub N N 229 
GLN CD  NE2  sing N N 230 
GLN NE2 HE21 sing N N 231 
GLN NE2 HE22 sing N N 232 
GLN OXT HXT  sing N N 233 
GLU N   CA   sing N N 234 
GLU N   H    sing N N 235 
GLU N   H2   sing N N 236 
GLU CA  C    sing N N 237 
GLU CA  CB   sing N N 238 
GLU CA  HA   sing N N 239 
GLU C   O    doub N N 240 
GLU C   OXT  sing N N 241 
GLU CB  CG   sing N N 242 
GLU CB  HB2  sing N N 243 
GLU CB  HB3  sing N N 244 
GLU CG  CD   sing N N 245 
GLU CG  HG2  sing N N 246 
GLU CG  HG3  sing N N 247 
GLU CD  OE1  doub N N 248 
GLU CD  OE2  sing N N 249 
GLU OE2 HE2  sing N N 250 
GLU OXT HXT  sing N N 251 
GLY N   CA   sing N N 252 
GLY N   H    sing N N 253 
GLY N   H2   sing N N 254 
GLY CA  C    sing N N 255 
GLY CA  HA2  sing N N 256 
GLY CA  HA3  sing N N 257 
GLY C   O    doub N N 258 
GLY C   OXT  sing N N 259 
GLY OXT HXT  sing N N 260 
HIS N   CA   sing N N 261 
HIS N   H    sing N N 262 
HIS N   H2   sing N N 263 
HIS CA  C    sing N N 264 
HIS CA  CB   sing N N 265 
HIS CA  HA   sing N N 266 
HIS C   O    doub N N 267 
HIS C   OXT  sing N N 268 
HIS CB  CG   sing N N 269 
HIS CB  HB2  sing N N 270 
HIS CB  HB3  sing N N 271 
HIS CG  ND1  sing Y N 272 
HIS CG  CD2  doub Y N 273 
HIS ND1 CE1  doub Y N 274 
HIS ND1 HD1  sing N N 275 
HIS CD2 NE2  sing Y N 276 
HIS CD2 HD2  sing N N 277 
HIS CE1 NE2  sing Y N 278 
HIS CE1 HE1  sing N N 279 
HIS NE2 HE2  sing N N 280 
HIS OXT HXT  sing N N 281 
HOH O   H1   sing N N 282 
HOH O   H2   sing N N 283 
ILE N   CA   sing N N 284 
ILE N   H    sing N N 285 
ILE N   H2   sing N N 286 
ILE CA  C    sing N N 287 
ILE CA  CB   sing N N 288 
ILE CA  HA   sing N N 289 
ILE C   O    doub N N 290 
ILE C   OXT  sing N N 291 
ILE CB  CG1  sing N N 292 
ILE CB  CG2  sing N N 293 
ILE CB  HB   sing N N 294 
ILE CG1 CD1  sing N N 295 
ILE CG1 HG12 sing N N 296 
ILE CG1 HG13 sing N N 297 
ILE CG2 HG21 sing N N 298 
ILE CG2 HG22 sing N N 299 
ILE CG2 HG23 sing N N 300 
ILE CD1 HD11 sing N N 301 
ILE CD1 HD12 sing N N 302 
ILE CD1 HD13 sing N N 303 
ILE OXT HXT  sing N N 304 
LEU N   CA   sing N N 305 
LEU N   H    sing N N 306 
LEU N   H2   sing N N 307 
LEU CA  C    sing N N 308 
LEU CA  CB   sing N N 309 
LEU CA  HA   sing N N 310 
LEU C   O    doub N N 311 
LEU C   OXT  sing N N 312 
LEU CB  CG   sing N N 313 
LEU CB  HB2  sing N N 314 
LEU CB  HB3  sing N N 315 
LEU CG  CD1  sing N N 316 
LEU CG  CD2  sing N N 317 
LEU CG  HG   sing N N 318 
LEU CD1 HD11 sing N N 319 
LEU CD1 HD12 sing N N 320 
LEU CD1 HD13 sing N N 321 
LEU CD2 HD21 sing N N 322 
LEU CD2 HD22 sing N N 323 
LEU CD2 HD23 sing N N 324 
LEU OXT HXT  sing N N 325 
LYS N   CA   sing N N 326 
LYS N   H    sing N N 327 
LYS N   H2   sing N N 328 
LYS CA  C    sing N N 329 
LYS CA  CB   sing N N 330 
LYS CA  HA   sing N N 331 
LYS C   O    doub N N 332 
LYS C   OXT  sing N N 333 
LYS CB  CG   sing N N 334 
LYS CB  HB2  sing N N 335 
LYS CB  HB3  sing N N 336 
LYS CG  CD   sing N N 337 
LYS CG  HG2  sing N N 338 
LYS CG  HG3  sing N N 339 
LYS CD  CE   sing N N 340 
LYS CD  HD2  sing N N 341 
LYS CD  HD3  sing N N 342 
LYS CE  NZ   sing N N 343 
LYS CE  HE2  sing N N 344 
LYS CE  HE3  sing N N 345 
LYS NZ  HZ1  sing N N 346 
LYS NZ  HZ2  sing N N 347 
LYS NZ  HZ3  sing N N 348 
LYS OXT HXT  sing N N 349 
MET N   CA   sing N N 350 
MET N   H    sing N N 351 
MET N   H2   sing N N 352 
MET CA  C    sing N N 353 
MET CA  CB   sing N N 354 
MET CA  HA   sing N N 355 
MET C   O    doub N N 356 
MET C   OXT  sing N N 357 
MET CB  CG   sing N N 358 
MET CB  HB2  sing N N 359 
MET CB  HB3  sing N N 360 
MET CG  SD   sing N N 361 
MET CG  HG2  sing N N 362 
MET CG  HG3  sing N N 363 
MET SD  CE   sing N N 364 
MET CE  HE1  sing N N 365 
MET CE  HE2  sing N N 366 
MET CE  HE3  sing N N 367 
MET OXT HXT  sing N N 368 
PHE N   CA   sing N N 369 
PHE N   H    sing N N 370 
PHE N   H2   sing N N 371 
PHE CA  C    sing N N 372 
PHE CA  CB   sing N N 373 
PHE CA  HA   sing N N 374 
PHE C   O    doub N N 375 
PHE C   OXT  sing N N 376 
PHE CB  CG   sing N N 377 
PHE CB  HB2  sing N N 378 
PHE CB  HB3  sing N N 379 
PHE CG  CD1  doub Y N 380 
PHE CG  CD2  sing Y N 381 
PHE CD1 CE1  sing Y N 382 
PHE CD1 HD1  sing N N 383 
PHE CD2 CE2  doub Y N 384 
PHE CD2 HD2  sing N N 385 
PHE CE1 CZ   doub Y N 386 
PHE CE1 HE1  sing N N 387 
PHE CE2 CZ   sing Y N 388 
PHE CE2 HE2  sing N N 389 
PHE CZ  HZ   sing N N 390 
PHE OXT HXT  sing N N 391 
PRO N   CA   sing N N 392 
PRO N   CD   sing N N 393 
PRO N   H    sing N N 394 
PRO CA  C    sing N N 395 
PRO CA  CB   sing N N 396 
PRO CA  HA   sing N N 397 
PRO C   O    doub N N 398 
PRO C   OXT  sing N N 399 
PRO CB  CG   sing N N 400 
PRO CB  HB2  sing N N 401 
PRO CB  HB3  sing N N 402 
PRO CG  CD   sing N N 403 
PRO CG  HG2  sing N N 404 
PRO CG  HG3  sing N N 405 
PRO CD  HD2  sing N N 406 
PRO CD  HD3  sing N N 407 
PRO OXT HXT  sing N N 408 
SER N   CA   sing N N 409 
SER N   H    sing N N 410 
SER N   H2   sing N N 411 
SER CA  C    sing N N 412 
SER CA  CB   sing N N 413 
SER CA  HA   sing N N 414 
SER C   O    doub N N 415 
SER C   OXT  sing N N 416 
SER CB  OG   sing N N 417 
SER CB  HB2  sing N N 418 
SER CB  HB3  sing N N 419 
SER OG  HG   sing N N 420 
SER OXT HXT  sing N N 421 
THR N   CA   sing N N 422 
THR N   H    sing N N 423 
THR N   H2   sing N N 424 
THR CA  C    sing N N 425 
THR CA  CB   sing N N 426 
THR CA  HA   sing N N 427 
THR C   O    doub N N 428 
THR C   OXT  sing N N 429 
THR CB  OG1  sing N N 430 
THR CB  CG2  sing N N 431 
THR CB  HB   sing N N 432 
THR OG1 HG1  sing N N 433 
THR CG2 HG21 sing N N 434 
THR CG2 HG22 sing N N 435 
THR CG2 HG23 sing N N 436 
THR OXT HXT  sing N N 437 
TRP N   CA   sing N N 438 
TRP N   H    sing N N 439 
TRP N   H2   sing N N 440 
TRP CA  C    sing N N 441 
TRP CA  CB   sing N N 442 
TRP CA  HA   sing N N 443 
TRP C   O    doub N N 444 
TRP C   OXT  sing N N 445 
TRP CB  CG   sing N N 446 
TRP CB  HB2  sing N N 447 
TRP CB  HB3  sing N N 448 
TRP CG  CD1  doub Y N 449 
TRP CG  CD2  sing Y N 450 
TRP CD1 NE1  sing Y N 451 
TRP CD1 HD1  sing N N 452 
TRP CD2 CE2  doub Y N 453 
TRP CD2 CE3  sing Y N 454 
TRP NE1 CE2  sing Y N 455 
TRP NE1 HE1  sing N N 456 
TRP CE2 CZ2  sing Y N 457 
TRP CE3 CZ3  doub Y N 458 
TRP CE3 HE3  sing N N 459 
TRP CZ2 CH2  doub Y N 460 
TRP CZ2 HZ2  sing N N 461 
TRP CZ3 CH2  sing Y N 462 
TRP CZ3 HZ3  sing N N 463 
TRP CH2 HH2  sing N N 464 
TRP OXT HXT  sing N N 465 
TYR N   CA   sing N N 466 
TYR N   H    sing N N 467 
TYR N   H2   sing N N 468 
TYR CA  C    sing N N 469 
TYR CA  CB   sing N N 470 
TYR CA  HA   sing N N 471 
TYR C   O    doub N N 472 
TYR C   OXT  sing N N 473 
TYR CB  CG   sing N N 474 
TYR CB  HB2  sing N N 475 
TYR CB  HB3  sing N N 476 
TYR CG  CD1  doub Y N 477 
TYR CG  CD2  sing Y N 478 
TYR CD1 CE1  sing Y N 479 
TYR CD1 HD1  sing N N 480 
TYR CD2 CE2  doub Y N 481 
TYR CD2 HD2  sing N N 482 
TYR CE1 CZ   doub Y N 483 
TYR CE1 HE1  sing N N 484 
TYR CE2 CZ   sing Y N 485 
TYR CE2 HE2  sing N N 486 
TYR CZ  OH   sing N N 487 
TYR OH  HH   sing N N 488 
TYR OXT HXT  sing N N 489 
VAL N   CA   sing N N 490 
VAL N   H    sing N N 491 
VAL N   H2   sing N N 492 
VAL CA  C    sing N N 493 
VAL CA  CB   sing N N 494 
VAL CA  HA   sing N N 495 
VAL C   O    doub N N 496 
VAL C   OXT  sing N N 497 
VAL CB  CG1  sing N N 498 
VAL CB  CG2  sing N N 499 
VAL CB  HB   sing N N 500 
VAL CG1 HG11 sing N N 501 
VAL CG1 HG12 sing N N 502 
VAL CG1 HG13 sing N N 503 
VAL CG2 HG21 sing N N 504 
VAL CG2 HG22 sing N N 505 
VAL CG2 HG23 sing N N 506 
VAL OXT HXT  sing N N 507 
# 
loop_
_pdbx_entity_nonpoly.entity_id 
_pdbx_entity_nonpoly.name 
_pdbx_entity_nonpoly.comp_id 
2 '3-(1H-benzimidazol-2-yl)-N-(3-phenylpropanoyl)-D-alanine' 4C0 
3 'DODECAETHYLENE GLYCOL'                                    12P 
4 water                                                      HOH 
# 
_pdbx_initial_refinement_model.id               1 
_pdbx_initial_refinement_model.entity_id_list   ? 
_pdbx_initial_refinement_model.type             'experimental model' 
_pdbx_initial_refinement_model.source_name      PDB 
_pdbx_initial_refinement_model.accession_code   1PIN 
_pdbx_initial_refinement_model.details          'PDB ENTRY 1PIN' 
# 
